data_1MA8
# 
_entry.id   1MA8 
# 
_audit_conform.dict_name       mmcif_pdbx.dic 
_audit_conform.dict_version    5.386 
_audit_conform.dict_location   http://mmcif.pdb.org/dictionaries/ascii/mmcif_pdbx.dic 
# 
loop_
_database_2.database_id 
_database_2.database_code 
_database_2.pdbx_database_accession 
_database_2.pdbx_DOI 
PDB   1MA8         pdb_00001ma8 10.2210/pdb1ma8/pdb 
NDB   AD0027       ?            ?                   
RCSB  RCSB016790   ?            ?                   
WWPDB D_1000016790 ?            ?                   
# 
loop_
_pdbx_audit_revision_history.ordinal 
_pdbx_audit_revision_history.data_content_type 
_pdbx_audit_revision_history.major_revision 
_pdbx_audit_revision_history.minor_revision 
_pdbx_audit_revision_history.revision_date 
1 'Structure model' 1 0 2002-12-11 
2 'Structure model' 1 1 2008-04-28 
3 'Structure model' 1 2 2011-07-13 
4 'Structure model' 1 3 2019-07-24 
5 'Structure model' 1 4 2024-02-14 
# 
_pdbx_audit_revision_details.ordinal             1 
_pdbx_audit_revision_details.revision_ordinal    1 
_pdbx_audit_revision_details.data_content_type   'Structure model' 
_pdbx_audit_revision_details.provider            repository 
_pdbx_audit_revision_details.type                'Initial release' 
_pdbx_audit_revision_details.description         ? 
_pdbx_audit_revision_details.details             ? 
# 
loop_
_pdbx_audit_revision_group.ordinal 
_pdbx_audit_revision_group.revision_ordinal 
_pdbx_audit_revision_group.data_content_type 
_pdbx_audit_revision_group.group 
1 2 'Structure model' 'Version format compliance' 
2 3 'Structure model' 'Version format compliance' 
3 4 'Structure model' 'Data collection'           
4 4 'Structure model' 'Derived calculations'      
5 4 'Structure model' 'Refinement description'    
6 5 'Structure model' 'Data collection'           
7 5 'Structure model' 'Database references'       
# 
loop_
_pdbx_audit_revision_category.ordinal 
_pdbx_audit_revision_category.revision_ordinal 
_pdbx_audit_revision_category.data_content_type 
_pdbx_audit_revision_category.category 
1 4 'Structure model' software       
2 4 'Structure model' struct_conn    
3 5 'Structure model' chem_comp_atom 
4 5 'Structure model' chem_comp_bond 
5 5 'Structure model' database_2     
# 
loop_
_pdbx_audit_revision_item.ordinal 
_pdbx_audit_revision_item.revision_ordinal 
_pdbx_audit_revision_item.data_content_type 
_pdbx_audit_revision_item.item 
1 4 'Structure model' '_software.classification'            
2 4 'Structure model' '_software.name'                      
3 4 'Structure model' '_struct_conn.pdbx_leaving_atom_flag' 
4 5 'Structure model' '_database_2.pdbx_DOI'                
5 5 'Structure model' '_database_2.pdbx_database_accession' 
# 
_pdbx_database_status.status_code                     REL 
_pdbx_database_status.entry_id                        1MA8 
_pdbx_database_status.recvd_initial_deposition_date   2002-08-01 
_pdbx_database_status.deposit_site                    RCSB 
_pdbx_database_status.process_site                    RCSB 
_pdbx_database_status.SG_entry                        . 
_pdbx_database_status.pdb_format_compatible           Y 
_pdbx_database_status.status_code_mr                  ? 
_pdbx_database_status.status_code_sf                  ? 
_pdbx_database_status.status_code_cs                  ? 
_pdbx_database_status.methods_development_category    ? 
_pdbx_database_status.status_code_nmr_data            ? 
# 
loop_
_audit_author.name 
_audit_author.pdbx_ordinal 
'Teplova, M.'  1 
'Wilds, C.J.'  2 
'Wawrzak, Z.'  3 
'Tereshko, V.' 4 
'Du, Q.'       5 
'Carrasco, N.' 6 
'Huang, Z.'    7 
'Egli, M.'     8 
# 
_citation.id                        primary 
_citation.title                     
'Covalent incorporation of selenium into oligonucleotides for X-ray crystal structure determination via MAD: proof of principle' 
_citation.journal_abbrev            BIOCHIMIE 
_citation.journal_volume            84 
_citation.page_first                849 
_citation.page_last                 858 
_citation.year                      2002 
_citation.journal_id_ASTM           BICMBE 
_citation.country                   FR 
_citation.journal_id_ISSN           0300-9084 
_citation.journal_id_CSD            0466 
_citation.book_publisher            ? 
_citation.pdbx_database_id_PubMed   12458077 
_citation.pdbx_database_id_DOI      '10.1016/S0300-9084(02)01440-2' 
# 
loop_
_citation_author.citation_id 
_citation_author.name 
_citation_author.ordinal 
_citation_author.identifier_ORCID 
primary 'Teplova, M.'  1 ? 
primary 'Wilds, C.J.'  2 ? 
primary 'Wawrzak, Z.'  3 ? 
primary 'Tereshko, V.' 4 ? 
primary 'Du, Q.'       5 ? 
primary 'Carrasco, N.' 6 ? 
primary 'Huang, Z.'    7 ? 
primary 'Egli, M.'     8 ? 
# 
loop_
_entity.id 
_entity.type 
_entity.src_method 
_entity.pdbx_description 
_entity.formula_weight 
_entity.pdbx_number_of_molecules 
_entity.pdbx_ec 
_entity.pdbx_mutation 
_entity.pdbx_fragment 
_entity.details 
1 polymer syn "5'-D(*GP*CP*GP*TP*AP*UMSP*AP*CP*GP*C)-3'" 3123.965 2   ? ? ? 'U-Se-modified DNA duplex' 
2 water   nat water                                      18.015   141 ? ? ? ?                          
# 
_entity_poly.entity_id                      1 
_entity_poly.type                           polydeoxyribonucleotide 
_entity_poly.nstd_linkage                   no 
_entity_poly.nstd_monomer                   yes 
_entity_poly.pdbx_seq_one_letter_code       '(DG)(DC)(DG)(DT)(DA)(UMS)(DA)(DC)(DG)(DC)' 
_entity_poly.pdbx_seq_one_letter_code_can   GCGTAUACGC 
_entity_poly.pdbx_strand_id                 A,B 
_entity_poly.pdbx_target_identifier         ? 
# 
_pdbx_entity_nonpoly.entity_id   2 
_pdbx_entity_nonpoly.name        water 
_pdbx_entity_nonpoly.comp_id     HOH 
# 
loop_
_entity_poly_seq.entity_id 
_entity_poly_seq.num 
_entity_poly_seq.mon_id 
_entity_poly_seq.hetero 
1 1  DG  n 
1 2  DC  n 
1 3  DG  n 
1 4  DT  n 
1 5  DA  n 
1 6  UMS n 
1 7  DA  n 
1 8  DC  n 
1 9  DG  n 
1 10 DC  n 
# 
loop_
_chem_comp.id 
_chem_comp.type 
_chem_comp.mon_nstd_flag 
_chem_comp.name 
_chem_comp.pdbx_synonyms 
_chem_comp.formula 
_chem_comp.formula_weight 
DA  'DNA linking' y "2'-DEOXYADENOSINE-5'-MONOPHOSPHATE"            ? 'C10 H14 N5 O6 P'    331.222 
DC  'DNA linking' y "2'-DEOXYCYTIDINE-5'-MONOPHOSPHATE"             ? 'C9 H14 N3 O7 P'     307.197 
DG  'DNA linking' y "2'-DEOXYGUANOSINE-5'-MONOPHOSPHATE"            ? 'C10 H14 N5 O7 P'    347.221 
DT  'DNA linking' y "THYMIDINE-5'-MONOPHOSPHATE"                    ? 'C10 H15 N2 O8 P'    322.208 
HOH non-polymer   . WATER                                           ? 'H2 O'               18.015  
UMS 'DNA linking' n "2'-METHYLSELENYL-2'-DEOXYURIDINE-5'-PHOSPHATE" ? 'C10 H15 N2 O8 P Se' 401.168 
# 
loop_
_pdbx_poly_seq_scheme.asym_id 
_pdbx_poly_seq_scheme.entity_id 
_pdbx_poly_seq_scheme.seq_id 
_pdbx_poly_seq_scheme.mon_id 
_pdbx_poly_seq_scheme.ndb_seq_num 
_pdbx_poly_seq_scheme.pdb_seq_num 
_pdbx_poly_seq_scheme.auth_seq_num 
_pdbx_poly_seq_scheme.pdb_mon_id 
_pdbx_poly_seq_scheme.auth_mon_id 
_pdbx_poly_seq_scheme.pdb_strand_id 
_pdbx_poly_seq_scheme.pdb_ins_code 
_pdbx_poly_seq_scheme.hetero 
A 1 1  DG  1  1   1   DG  G   A . n 
A 1 2  DC  2  2   2   DC  C   A . n 
A 1 3  DG  3  3   3   DG  G   A . n 
A 1 4  DT  4  4   4   DT  T   A . n 
A 1 5  DA  5  5   5   DA  A   A . n 
A 1 6  UMS 6  6   6   UMS UMS A . n 
A 1 7  DA  7  7   7   DA  A   A . n 
A 1 8  DC  8  8   8   DC  C   A . n 
A 1 9  DG  9  9   9   DG  G   A . n 
A 1 10 DC  10 10  10  DC  C   A . n 
B 1 1  DG  1  111 111 DG  G   B . n 
B 1 2  DC  2  112 112 DC  C   B . n 
B 1 3  DG  3  113 113 DG  G   B . n 
B 1 4  DT  4  114 114 DT  T   B . n 
B 1 5  DA  5  115 115 DA  A   B . n 
B 1 6  UMS 6  116 116 UMS UMS B . n 
B 1 7  DA  7  117 117 DA  A   B . n 
B 1 8  DC  8  118 118 DC  C   B . n 
B 1 9  DG  9  119 119 DG  G   B . n 
B 1 10 DC  10 120 120 DC  C   B . n 
# 
loop_
_pdbx_nonpoly_scheme.asym_id 
_pdbx_nonpoly_scheme.entity_id 
_pdbx_nonpoly_scheme.mon_id 
_pdbx_nonpoly_scheme.ndb_seq_num 
_pdbx_nonpoly_scheme.pdb_seq_num 
_pdbx_nonpoly_scheme.auth_seq_num 
_pdbx_nonpoly_scheme.pdb_mon_id 
_pdbx_nonpoly_scheme.auth_mon_id 
_pdbx_nonpoly_scheme.pdb_strand_id 
_pdbx_nonpoly_scheme.pdb_ins_code 
C 2 HOH 1  702 702 HOH HOH A . 
C 2 HOH 2  703 703 HOH HOH A . 
C 2 HOH 3  704 704 HOH HOH A . 
C 2 HOH 4  705 705 HOH HOH A . 
C 2 HOH 5  706 706 HOH HOH A . 
C 2 HOH 6  707 707 HOH HOH A . 
C 2 HOH 7  709 709 HOH HOH A . 
C 2 HOH 8  710 710 HOH HOH A . 
C 2 HOH 9  711 711 HOH HOH A . 
C 2 HOH 10 712 712 HOH HOH A . 
C 2 HOH 11 713 713 HOH HOH A . 
C 2 HOH 12 714 714 HOH HOH A . 
C 2 HOH 13 715 715 HOH HOH A . 
C 2 HOH 14 717 717 HOH HOH A . 
C 2 HOH 15 719 719 HOH HOH A . 
C 2 HOH 16 720 720 HOH HOH A . 
C 2 HOH 17 722 722 HOH HOH A . 
C 2 HOH 18 723 723 HOH HOH A . 
C 2 HOH 19 725 725 HOH HOH A . 
C 2 HOH 20 726 726 HOH HOH A . 
C 2 HOH 21 729 729 HOH HOH A . 
C 2 HOH 22 731 731 HOH HOH A . 
C 2 HOH 23 732 732 HOH HOH A . 
C 2 HOH 24 734 734 HOH HOH A . 
C 2 HOH 25 735 735 HOH HOH A . 
C 2 HOH 26 740 740 HOH HOH A . 
C 2 HOH 27 743 743 HOH HOH A . 
C 2 HOH 28 745 745 HOH HOH A . 
C 2 HOH 29 750 750 HOH HOH A . 
C 2 HOH 30 751 751 HOH HOH A . 
C 2 HOH 31 752 752 HOH HOH A . 
C 2 HOH 32 757 757 HOH HOH A . 
C 2 HOH 33 758 758 HOH HOH A . 
C 2 HOH 34 759 759 HOH HOH A . 
C 2 HOH 35 761 761 HOH HOH A . 
C 2 HOH 36 762 762 HOH HOH A . 
C 2 HOH 37 768 768 HOH HOH A . 
C 2 HOH 38 769 769 HOH HOH A . 
C 2 HOH 39 771 771 HOH HOH A . 
C 2 HOH 40 781 781 HOH HOH A . 
C 2 HOH 41 783 783 HOH HOH A . 
C 2 HOH 42 784 784 HOH HOH A . 
C 2 HOH 43 785 785 HOH HOH A . 
C 2 HOH 44 786 786 HOH HOH A . 
C 2 HOH 45 789 789 HOH HOH A . 
C 2 HOH 46 792 792 HOH HOH A . 
C 2 HOH 47 793 793 HOH HOH A . 
C 2 HOH 48 795 795 HOH HOH A . 
C 2 HOH 49 797 797 HOH HOH A . 
C 2 HOH 50 798 798 HOH HOH A . 
C 2 HOH 51 800 800 HOH HOH A . 
C 2 HOH 52 805 805 HOH HOH A . 
C 2 HOH 53 806 806 HOH HOH A . 
C 2 HOH 54 808 808 HOH HOH A . 
C 2 HOH 55 811 811 HOH HOH A . 
C 2 HOH 56 814 814 HOH HOH A . 
C 2 HOH 57 815 815 HOH HOH A . 
C 2 HOH 58 818 818 HOH HOH A . 
C 2 HOH 59 822 822 HOH HOH A . 
C 2 HOH 60 824 824 HOH HOH A . 
C 2 HOH 61 825 825 HOH HOH A . 
C 2 HOH 62 828 828 HOH HOH A . 
C 2 HOH 63 829 829 HOH HOH A . 
C 2 HOH 64 830 830 HOH HOH A . 
C 2 HOH 65 831 831 HOH HOH A . 
C 2 HOH 66 835 835 HOH HOH A . 
C 2 HOH 67 836 836 HOH HOH A . 
C 2 HOH 68 837 837 HOH HOH A . 
C 2 HOH 69 838 838 HOH HOH A . 
C 2 HOH 70 839 839 HOH HOH A . 
C 2 HOH 71 840 840 HOH HOH A . 
C 2 HOH 72 846 846 HOH HOH A . 
D 2 HOH 1  701 701 HOH HOH B . 
D 2 HOH 2  708 708 HOH HOH B . 
D 2 HOH 3  716 716 HOH HOH B . 
D 2 HOH 4  718 718 HOH HOH B . 
D 2 HOH 5  721 721 HOH HOH B . 
D 2 HOH 6  724 724 HOH HOH B . 
D 2 HOH 7  727 727 HOH HOH B . 
D 2 HOH 8  728 728 HOH HOH B . 
D 2 HOH 9  730 730 HOH HOH B . 
D 2 HOH 10 733 733 HOH HOH B . 
D 2 HOH 11 736 736 HOH HOH B . 
D 2 HOH 12 737 737 HOH HOH B . 
D 2 HOH 13 738 738 HOH HOH B . 
D 2 HOH 14 739 739 HOH HOH B . 
D 2 HOH 15 741 741 HOH HOH B . 
D 2 HOH 16 742 742 HOH HOH B . 
D 2 HOH 17 744 744 HOH HOH B . 
D 2 HOH 18 746 746 HOH HOH B . 
D 2 HOH 19 747 747 HOH HOH B . 
D 2 HOH 20 748 748 HOH HOH B . 
D 2 HOH 21 749 749 HOH HOH B . 
D 2 HOH 22 753 753 HOH HOH B . 
D 2 HOH 23 754 754 HOH HOH B . 
D 2 HOH 24 755 755 HOH HOH B . 
D 2 HOH 25 756 756 HOH HOH B . 
D 2 HOH 26 760 760 HOH HOH B . 
D 2 HOH 27 763 763 HOH HOH B . 
D 2 HOH 28 764 764 HOH HOH B . 
D 2 HOH 29 765 765 HOH HOH B . 
D 2 HOH 30 766 766 HOH HOH B . 
D 2 HOH 31 767 767 HOH HOH B . 
D 2 HOH 32 770 770 HOH HOH B . 
D 2 HOH 33 772 772 HOH HOH B . 
D 2 HOH 34 773 773 HOH HOH B . 
D 2 HOH 35 774 774 HOH HOH B . 
D 2 HOH 36 775 775 HOH HOH B . 
D 2 HOH 37 776 776 HOH HOH B . 
D 2 HOH 38 777 777 HOH HOH B . 
D 2 HOH 39 779 779 HOH HOH B . 
D 2 HOH 40 780 780 HOH HOH B . 
D 2 HOH 41 787 787 HOH HOH B . 
D 2 HOH 42 788 788 HOH HOH B . 
D 2 HOH 43 790 790 HOH HOH B . 
D 2 HOH 44 791 791 HOH HOH B . 
D 2 HOH 45 796 796 HOH HOH B . 
D 2 HOH 46 799 799 HOH HOH B . 
D 2 HOH 47 801 801 HOH HOH B . 
D 2 HOH 48 802 802 HOH HOH B . 
D 2 HOH 49 804 804 HOH HOH B . 
D 2 HOH 50 807 807 HOH HOH B . 
D 2 HOH 51 810 810 HOH HOH B . 
D 2 HOH 52 812 812 HOH HOH B . 
D 2 HOH 53 813 813 HOH HOH B . 
D 2 HOH 54 816 816 HOH HOH B . 
D 2 HOH 55 817 817 HOH HOH B . 
D 2 HOH 56 819 819 HOH HOH B . 
D 2 HOH 57 820 820 HOH HOH B . 
D 2 HOH 58 821 821 HOH HOH B . 
D 2 HOH 59 823 823 HOH HOH B . 
D 2 HOH 60 826 826 HOH HOH B . 
D 2 HOH 61 827 827 HOH HOH B . 
D 2 HOH 62 832 832 HOH HOH B . 
D 2 HOH 63 833 833 HOH HOH B . 
D 2 HOH 64 834 834 HOH HOH B . 
D 2 HOH 65 841 841 HOH HOH B . 
D 2 HOH 66 842 842 HOH HOH B . 
D 2 HOH 67 843 843 HOH HOH B . 
D 2 HOH 68 844 844 HOH HOH B . 
D 2 HOH 69 845 845 HOH HOH B . 
# 
loop_
_software.name 
_software.classification 
_software.version 
_software.citation_id 
_software.pdbx_ordinal 
SHELXL-97 refinement       . ? 1 
SCALEPACK 'data scaling'   . ? 2 
CNS       refinement       . ? 3 
DENZO     'data reduction' . ? 4 
CNS       phasing          . ? 5 
# 
_cell.entry_id           1MA8 
_cell.length_a           24.555 
_cell.length_b           43.967 
_cell.length_c           45.340 
_cell.angle_alpha        90.00 
_cell.angle_beta         90.00 
_cell.angle_gamma        90.00 
_cell.Z_PDB              8 
_cell.pdbx_unique_axis   ? 
# 
_symmetry.entry_id                         1MA8 
_symmetry.space_group_name_H-M             'P 21 21 21' 
_symmetry.pdbx_full_space_group_name_H-M   ? 
_symmetry.cell_setting                     ? 
_symmetry.Int_Tables_number                19 
# 
_exptl.entry_id          1MA8 
_exptl.method            'X-RAY DIFFRACTION' 
_exptl.crystals_number   1 
# 
_exptl_crystal.id                    1 
_exptl_crystal.density_meas          ? 
_exptl_crystal.density_percent_sol   34.63 
_exptl_crystal.density_Matthews      1.88 
_exptl_crystal.description           ? 
# 
_exptl_crystal_grow.crystal_id      1 
_exptl_crystal_grow.method          'VAPOR DIFFUSION, HANGING DROP' 
_exptl_crystal_grow.temp            298 
_exptl_crystal_grow.temp_details    ? 
_exptl_crystal_grow.pH              7.0 
_exptl_crystal_grow.pdbx_details    
;MPD, spermine tetrahydrochloride, potassium chloride, sodium chloride, sodium cacodylate, pH 7.0, VAPOR DIFFUSION, HANGING DROP, temperature 298K
;
_exptl_crystal_grow.pdbx_pH_range   . 
# 
loop_
_exptl_crystal_grow_comp.crystal_id 
_exptl_crystal_grow_comp.id 
_exptl_crystal_grow_comp.sol_id 
_exptl_crystal_grow_comp.name 
_exptl_crystal_grow_comp.conc 
_exptl_crystal_grow_comp.volume 
_exptl_crystal_grow_comp.details 
1 1 1 MPD                           ? ? ? 
1 2 1 'spermine tetrahydrochloride' ? ? ? 
1 3 1 KCl                           ? ? ? 
1 4 1 NaCl                          ? ? ? 
1 5 1 'sodium cacodylate'           ? ? ? 
1 6 2 MPD                           ? ? ? 
1 7 2 NaCl                          ? ? ? 
# 
_diffrn.id                     1 
_diffrn.ambient_temp           100 
_diffrn.ambient_temp_details   ? 
_diffrn.crystal_id             1 
# 
_diffrn_detector.diffrn_id              1 
_diffrn_detector.detector               CCD 
_diffrn_detector.type                   MARRESEARCH 
_diffrn_detector.pdbx_collection_date   2001-05-30 
_diffrn_detector.details                ? 
# 
_diffrn_radiation.diffrn_id                        1 
_diffrn_radiation.wavelength_id                    1 
_diffrn_radiation.pdbx_monochromatic_or_laue_m_l   M 
_diffrn_radiation.monochromator                    ? 
_diffrn_radiation.pdbx_diffrn_protocol             MAD 
_diffrn_radiation.pdbx_scattering_type             x-ray 
# 
_diffrn_radiation_wavelength.id           1 
_diffrn_radiation_wavelength.wavelength   . 
_diffrn_radiation_wavelength.wt           1.0 
# 
_diffrn_source.diffrn_id                   1 
_diffrn_source.source                      SYNCHROTRON 
_diffrn_source.type                        'APS BEAMLINE 5ID-B' 
_diffrn_source.pdbx_synchrotron_site       APS 
_diffrn_source.pdbx_synchrotron_beamline   5ID-B 
_diffrn_source.pdbx_wavelength             ? 
_diffrn_source.pdbx_wavelength_list        ? 
# 
_reflns.entry_id                     1MA8 
_reflns.observed_criterion_sigma_F   ? 
_reflns.observed_criterion_sigma_I   ? 
_reflns.d_resolution_high            1.3 
_reflns.d_resolution_low             20 
_reflns.number_all                   ? 
_reflns.number_obs                   23332 
_reflns.percent_possible_obs         99.8 
_reflns.pdbx_Rmerge_I_obs            ? 
_reflns.pdbx_Rsym_value              0.049 
_reflns.pdbx_netI_over_sigmaI        ? 
_reflns.B_iso_Wilson_estimate        ? 
_reflns.pdbx_redundancy              6.9 
_reflns.R_free_details               ? 
_reflns.pdbx_diffrn_id               1 
_reflns.pdbx_ordinal                 1 
# 
_reflns_shell.d_res_high             1.3 
_reflns_shell.d_res_low              1.35 
_reflns_shell.percent_possible_all   100 
_reflns_shell.Rmerge_I_obs           ? 
_reflns_shell.pdbx_Rsym_value        0.263 
_reflns_shell.meanI_over_sigI_obs    ? 
_reflns_shell.pdbx_redundancy        ? 
_reflns_shell.percent_possible_obs   ? 
_reflns_shell.number_unique_all      ? 
_reflns_shell.pdbx_diffrn_id         ? 
_reflns_shell.pdbx_ordinal           1 
# 
_refine.entry_id                                 1MA8 
_refine.ls_d_res_high                            1.3 
_refine.ls_d_res_low                             10 
_refine.pdbx_ls_sigma_F                          ? 
_refine.pdbx_ls_sigma_I                          4 
_refine.ls_number_reflns_all                     ? 
_refine.ls_number_reflns_obs                     21189 
_refine.ls_number_reflns_R_free                  1048 
_refine.ls_percent_reflns_obs                    ? 
_refine.ls_R_factor_all                          ? 
_refine.ls_R_factor_obs                          ? 
_refine.ls_R_factor_R_work                       0.149 
_refine.ls_R_factor_R_free                       0.173 
_refine.ls_redundancy_reflns_obs                 ? 
_refine.pdbx_data_cutoff_high_absF               ? 
_refine.pdbx_data_cutoff_low_absF                ? 
_refine.ls_number_parameters                     ? 
_refine.ls_number_restraints                     ? 
_refine.ls_percent_reflns_R_free                 ? 
_refine.ls_R_factor_R_free_error                 ? 
_refine.ls_R_factor_R_free_error_details         ? 
_refine.pdbx_method_to_determine_struct          MAD 
_refine.pdbx_starting_model                      ? 
_refine.pdbx_ls_cross_valid_method               ? 
_refine.pdbx_R_Free_selection_details            random 
_refine.pdbx_stereochem_target_val_spec_case     ? 
_refine.pdbx_stereochemistry_target_values       ? 
_refine.solvent_model_details                    ? 
_refine.solvent_model_param_bsol                 ? 
_refine.solvent_model_param_ksol                 ? 
_refine.occupancy_max                            ? 
_refine.occupancy_min                            ? 
_refine.pdbx_isotropic_thermal_model             ? 
_refine.B_iso_mean                               ? 
_refine.aniso_B[1][1]                            ? 
_refine.aniso_B[1][2]                            ? 
_refine.aniso_B[1][3]                            ? 
_refine.aniso_B[2][2]                            ? 
_refine.aniso_B[2][3]                            ? 
_refine.aniso_B[3][3]                            ? 
_refine.details                                  ? 
_refine.correlation_coeff_Fo_to_Fc               ? 
_refine.correlation_coeff_Fo_to_Fc_free          ? 
_refine.pdbx_solvent_vdw_probe_radii             ? 
_refine.pdbx_solvent_ion_probe_radii             ? 
_refine.pdbx_solvent_shrinkage_radii             ? 
_refine.overall_SU_R_Cruickshank_DPI             ? 
_refine.overall_SU_R_free                        ? 
_refine.overall_SU_B                             ? 
_refine.overall_SU_ML                            ? 
_refine.pdbx_overall_ESU_R                       ? 
_refine.pdbx_overall_ESU_R_Free                  ? 
_refine.pdbx_data_cutoff_high_rms_absF           ? 
_refine.pdbx_refine_id                           'X-RAY DIFFRACTION' 
_refine.pdbx_diffrn_id                           1 
_refine.pdbx_TLS_residual_ADP_flag               ? 
_refine.pdbx_overall_phase_error                 ? 
_refine.pdbx_overall_SU_R_free_Cruickshank_DPI   ? 
_refine.pdbx_overall_SU_R_Blow_DPI               ? 
_refine.pdbx_overall_SU_R_free_Blow_DPI          ? 
# 
_refine_hist.pdbx_refine_id                   'X-RAY DIFFRACTION' 
_refine_hist.cycle_id                         LAST 
_refine_hist.pdbx_number_atoms_protein        0 
_refine_hist.pdbx_number_atoms_nucleic_acid   628 
_refine_hist.pdbx_number_atoms_ligand         0 
_refine_hist.number_atoms_solvent             141 
_refine_hist.number_atoms_total               769 
_refine_hist.d_res_high                       1.3 
_refine_hist.d_res_low                        10 
# 
loop_
_refine_ls_restr.type 
_refine_ls_restr.dev_ideal 
_refine_ls_restr.dev_ideal_target 
_refine_ls_restr.weight 
_refine_ls_restr.number 
_refine_ls_restr.pdbx_refine_id 
_refine_ls_restr.pdbx_restraint_function 
s_angle_d 0.023 ? ? ? 'X-RAY DIFFRACTION' ? 
s_bond_d  0.015 ? ? ? 'X-RAY DIFFRACTION' ? 
# 
_struct.entry_id                  1MA8 
_struct.title                     
;A-DNA decamer GCGTA(UMS)ACGC with incorporated 2'-methylseleno-uridine
;
_struct.pdbx_model_details        ? 
_struct.pdbx_CASP_flag            ? 
_struct.pdbx_model_type_details   ? 
# 
_struct_keywords.entry_id        1MA8 
_struct_keywords.pdbx_keywords   DNA 
_struct_keywords.text            
;2'-methylseleno-uridine, DNA
;
# 
loop_
_struct_asym.id 
_struct_asym.pdbx_blank_PDB_chainid_flag 
_struct_asym.pdbx_modified 
_struct_asym.entity_id 
_struct_asym.details 
A N N 1 ? 
B N N 1 ? 
C N N 2 ? 
D N N 2 ? 
# 
_struct_ref.id                         1 
_struct_ref.entity_id                  1 
_struct_ref.db_name                    PDB 
_struct_ref.db_code                    1MA8 
_struct_ref.pdbx_db_accession          1MA8 
_struct_ref.pdbx_db_isoform            ? 
_struct_ref.pdbx_seq_one_letter_code   ? 
_struct_ref.pdbx_align_begin           ? 
# 
loop_
_struct_ref_seq.align_id 
_struct_ref_seq.ref_id 
_struct_ref_seq.pdbx_PDB_id_code 
_struct_ref_seq.pdbx_strand_id 
_struct_ref_seq.seq_align_beg 
_struct_ref_seq.pdbx_seq_align_beg_ins_code 
_struct_ref_seq.seq_align_end 
_struct_ref_seq.pdbx_seq_align_end_ins_code 
_struct_ref_seq.pdbx_db_accession 
_struct_ref_seq.db_align_beg 
_struct_ref_seq.pdbx_db_align_beg_ins_code 
_struct_ref_seq.db_align_end 
_struct_ref_seq.pdbx_db_align_end_ins_code 
_struct_ref_seq.pdbx_auth_seq_align_beg 
_struct_ref_seq.pdbx_auth_seq_align_end 
1 1 1MA8 A 1 ? 10 ? 1MA8 1   ? 10  ? 1   10  
2 1 1MA8 B 1 ? 10 ? 1MA8 111 ? 120 ? 111 120 
# 
_pdbx_struct_assembly.id                   1 
_pdbx_struct_assembly.details              author_defined_assembly 
_pdbx_struct_assembly.method_details       ? 
_pdbx_struct_assembly.oligomeric_details   dimeric 
_pdbx_struct_assembly.oligomeric_count     2 
# 
_pdbx_struct_assembly_gen.assembly_id       1 
_pdbx_struct_assembly_gen.oper_expression   1 
_pdbx_struct_assembly_gen.asym_id_list      A,B,C,D 
# 
_pdbx_struct_oper_list.id                   1 
_pdbx_struct_oper_list.type                 'identity operation' 
_pdbx_struct_oper_list.name                 1_555 
_pdbx_struct_oper_list.symmetry_operation   x,y,z 
_pdbx_struct_oper_list.matrix[1][1]         1.0000000000 
_pdbx_struct_oper_list.matrix[1][2]         0.0000000000 
_pdbx_struct_oper_list.matrix[1][3]         0.0000000000 
_pdbx_struct_oper_list.vector[1]            0.0000000000 
_pdbx_struct_oper_list.matrix[2][1]         0.0000000000 
_pdbx_struct_oper_list.matrix[2][2]         1.0000000000 
_pdbx_struct_oper_list.matrix[2][3]         0.0000000000 
_pdbx_struct_oper_list.vector[2]            0.0000000000 
_pdbx_struct_oper_list.matrix[3][1]         0.0000000000 
_pdbx_struct_oper_list.matrix[3][2]         0.0000000000 
_pdbx_struct_oper_list.matrix[3][3]         1.0000000000 
_pdbx_struct_oper_list.vector[3]            0.0000000000 
# 
_struct_biol.id                    1 
_struct_biol.pdbx_parent_biol_id   ? 
_struct_biol.details               ? 
# 
loop_
_struct_conn.id 
_struct_conn.conn_type_id 
_struct_conn.pdbx_leaving_atom_flag 
_struct_conn.pdbx_PDB_id 
_struct_conn.ptnr1_label_asym_id 
_struct_conn.ptnr1_label_comp_id 
_struct_conn.ptnr1_label_seq_id 
_struct_conn.ptnr1_label_atom_id 
_struct_conn.pdbx_ptnr1_label_alt_id 
_struct_conn.pdbx_ptnr1_PDB_ins_code 
_struct_conn.pdbx_ptnr1_standard_comp_id 
_struct_conn.ptnr1_symmetry 
_struct_conn.ptnr2_label_asym_id 
_struct_conn.ptnr2_label_comp_id 
_struct_conn.ptnr2_label_seq_id 
_struct_conn.ptnr2_label_atom_id 
_struct_conn.pdbx_ptnr2_label_alt_id 
_struct_conn.pdbx_ptnr2_PDB_ins_code 
_struct_conn.ptnr1_auth_asym_id 
_struct_conn.ptnr1_auth_comp_id 
_struct_conn.ptnr1_auth_seq_id 
_struct_conn.ptnr2_auth_asym_id 
_struct_conn.ptnr2_auth_comp_id 
_struct_conn.ptnr2_auth_seq_id 
_struct_conn.ptnr2_symmetry 
_struct_conn.pdbx_ptnr3_label_atom_id 
_struct_conn.pdbx_ptnr3_label_seq_id 
_struct_conn.pdbx_ptnr3_label_comp_id 
_struct_conn.pdbx_ptnr3_label_asym_id 
_struct_conn.pdbx_ptnr3_label_alt_id 
_struct_conn.pdbx_ptnr3_PDB_ins_code 
_struct_conn.details 
_struct_conn.pdbx_dist_value 
_struct_conn.pdbx_value_order 
_struct_conn.pdbx_role 
covale1  covale both ? A DA  5  "O3'" ? ? ? 1_555 A UMS 6  P  ? ? A DA  5   A UMS 6   1_555 ? ? ? ? ? ? ?            1.595 ? ? 
covale2  covale both ? A UMS 6  "O3'" ? ? ? 1_555 A DA  7  P  ? ? A UMS 6   A DA  7   1_555 ? ? ? ? ? ? ?            1.576 ? ? 
covale3  covale both ? B DA  5  "O3'" ? ? ? 1_555 B UMS 6  P  ? ? B DA  115 B UMS 116 1_555 ? ? ? ? ? ? ?            1.621 ? ? 
covale4  covale both ? B UMS 6  "O3'" ? ? ? 1_555 B DA  7  P  ? ? B UMS 116 B DA  117 1_555 ? ? ? ? ? ? ?            1.620 ? ? 
hydrog1  hydrog ?    ? A DG  1  N1    ? ? ? 1_555 B DC  10 N3 ? ? A DG  1   B DC  120 1_555 ? ? ? ? ? ? WATSON-CRICK ?     ? ? 
hydrog2  hydrog ?    ? A DG  1  N2    ? ? ? 1_555 B DC  10 O2 ? ? A DG  1   B DC  120 1_555 ? ? ? ? ? ? WATSON-CRICK ?     ? ? 
hydrog3  hydrog ?    ? A DG  1  O6    ? ? ? 1_555 B DC  10 N4 ? ? A DG  1   B DC  120 1_555 ? ? ? ? ? ? WATSON-CRICK ?     ? ? 
hydrog4  hydrog ?    ? A DC  2  N3    ? ? ? 1_555 B DG  9  N1 ? ? A DC  2   B DG  119 1_555 ? ? ? ? ? ? WATSON-CRICK ?     ? ? 
hydrog5  hydrog ?    ? A DC  2  N4    ? ? ? 1_555 B DG  9  O6 ? ? A DC  2   B DG  119 1_555 ? ? ? ? ? ? WATSON-CRICK ?     ? ? 
hydrog6  hydrog ?    ? A DC  2  O2    ? ? ? 1_555 B DG  9  N2 ? ? A DC  2   B DG  119 1_555 ? ? ? ? ? ? WATSON-CRICK ?     ? ? 
hydrog7  hydrog ?    ? A DG  3  N1    ? ? ? 1_555 B DC  8  N3 ? ? A DG  3   B DC  118 1_555 ? ? ? ? ? ? WATSON-CRICK ?     ? ? 
hydrog8  hydrog ?    ? A DG  3  N2    ? ? ? 1_555 B DC  8  O2 ? ? A DG  3   B DC  118 1_555 ? ? ? ? ? ? WATSON-CRICK ?     ? ? 
hydrog9  hydrog ?    ? A DG  3  O6    ? ? ? 1_555 B DC  8  N4 ? ? A DG  3   B DC  118 1_555 ? ? ? ? ? ? WATSON-CRICK ?     ? ? 
hydrog10 hydrog ?    ? A DT  4  N3    ? ? ? 1_555 B DA  7  N1 ? ? A DT  4   B DA  117 1_555 ? ? ? ? ? ? WATSON-CRICK ?     ? ? 
hydrog11 hydrog ?    ? A DT  4  O4    ? ? ? 1_555 B DA  7  N6 ? ? A DT  4   B DA  117 1_555 ? ? ? ? ? ? WATSON-CRICK ?     ? ? 
hydrog12 hydrog ?    ? A DA  5  N1    ? ? ? 1_555 B UMS 6  N3 ? ? A DA  5   B UMS 116 1_555 ? ? ? ? ? ? WATSON-CRICK ?     ? ? 
hydrog13 hydrog ?    ? A DA  5  N6    ? ? ? 1_555 B UMS 6  O4 ? ? A DA  5   B UMS 116 1_555 ? ? ? ? ? ? WATSON-CRICK ?     ? ? 
hydrog14 hydrog ?    ? A UMS 6  N3    ? ? ? 1_555 B DA  5  N1 ? ? A UMS 6   B DA  115 1_555 ? ? ? ? ? ? WATSON-CRICK ?     ? ? 
hydrog15 hydrog ?    ? A UMS 6  O4    ? ? ? 1_555 B DA  5  N6 ? ? A UMS 6   B DA  115 1_555 ? ? ? ? ? ? WATSON-CRICK ?     ? ? 
hydrog16 hydrog ?    ? A DA  7  N1    ? ? ? 1_555 B DT  4  N3 ? ? A DA  7   B DT  114 1_555 ? ? ? ? ? ? WATSON-CRICK ?     ? ? 
hydrog17 hydrog ?    ? A DA  7  N6    ? ? ? 1_555 B DT  4  O4 ? ? A DA  7   B DT  114 1_555 ? ? ? ? ? ? WATSON-CRICK ?     ? ? 
hydrog18 hydrog ?    ? A DC  8  N3    ? ? ? 1_555 B DG  3  N1 ? ? A DC  8   B DG  113 1_555 ? ? ? ? ? ? WATSON-CRICK ?     ? ? 
hydrog19 hydrog ?    ? A DC  8  N4    ? ? ? 1_555 B DG  3  O6 ? ? A DC  8   B DG  113 1_555 ? ? ? ? ? ? WATSON-CRICK ?     ? ? 
hydrog20 hydrog ?    ? A DC  8  O2    ? ? ? 1_555 B DG  3  N2 ? ? A DC  8   B DG  113 1_555 ? ? ? ? ? ? WATSON-CRICK ?     ? ? 
hydrog21 hydrog ?    ? A DG  9  N1    ? ? ? 1_555 B DC  2  N3 ? ? A DG  9   B DC  112 1_555 ? ? ? ? ? ? WATSON-CRICK ?     ? ? 
hydrog22 hydrog ?    ? A DG  9  N2    ? ? ? 1_555 B DC  2  O2 ? ? A DG  9   B DC  112 1_555 ? ? ? ? ? ? WATSON-CRICK ?     ? ? 
hydrog23 hydrog ?    ? A DG  9  O6    ? ? ? 1_555 B DC  2  N4 ? ? A DG  9   B DC  112 1_555 ? ? ? ? ? ? WATSON-CRICK ?     ? ? 
hydrog24 hydrog ?    ? A DC  10 N3    ? ? ? 1_555 B DG  1  N1 ? ? A DC  10  B DG  111 1_555 ? ? ? ? ? ? WATSON-CRICK ?     ? ? 
hydrog25 hydrog ?    ? A DC  10 N4    ? ? ? 1_555 B DG  1  O6 ? ? A DC  10  B DG  111 1_555 ? ? ? ? ? ? WATSON-CRICK ?     ? ? 
hydrog26 hydrog ?    ? A DC  10 O2    ? ? ? 1_555 B DG  1  N2 ? ? A DC  10  B DG  111 1_555 ? ? ? ? ? ? WATSON-CRICK ?     ? ? 
# 
loop_
_struct_conn_type.id 
_struct_conn_type.criteria 
_struct_conn_type.reference 
covale ? ? 
hydrog ? ? 
# 
_pdbx_validate_close_contact.id               1 
_pdbx_validate_close_contact.PDB_model_num    1 
_pdbx_validate_close_contact.auth_atom_id_1   O 
_pdbx_validate_close_contact.auth_asym_id_1   B 
_pdbx_validate_close_contact.auth_comp_id_1   HOH 
_pdbx_validate_close_contact.auth_seq_id_1    791 
_pdbx_validate_close_contact.PDB_ins_code_1   ? 
_pdbx_validate_close_contact.label_alt_id_1   ? 
_pdbx_validate_close_contact.auth_atom_id_2   O 
_pdbx_validate_close_contact.auth_asym_id_2   B 
_pdbx_validate_close_contact.auth_comp_id_2   HOH 
_pdbx_validate_close_contact.auth_seq_id_2    820 
_pdbx_validate_close_contact.PDB_ins_code_2   ? 
_pdbx_validate_close_contact.label_alt_id_2   ? 
_pdbx_validate_close_contact.dist             0.91 
# 
loop_
_pdbx_validate_symm_contact.id 
_pdbx_validate_symm_contact.PDB_model_num 
_pdbx_validate_symm_contact.auth_atom_id_1 
_pdbx_validate_symm_contact.auth_asym_id_1 
_pdbx_validate_symm_contact.auth_comp_id_1 
_pdbx_validate_symm_contact.auth_seq_id_1 
_pdbx_validate_symm_contact.PDB_ins_code_1 
_pdbx_validate_symm_contact.label_alt_id_1 
_pdbx_validate_symm_contact.site_symmetry_1 
_pdbx_validate_symm_contact.auth_atom_id_2 
_pdbx_validate_symm_contact.auth_asym_id_2 
_pdbx_validate_symm_contact.auth_comp_id_2 
_pdbx_validate_symm_contact.auth_seq_id_2 
_pdbx_validate_symm_contact.PDB_ins_code_2 
_pdbx_validate_symm_contact.label_alt_id_2 
_pdbx_validate_symm_contact.site_symmetry_2 
_pdbx_validate_symm_contact.dist 
1 1 O A HOH 846 ? ? 1_555 O B HOH 842 ? ? 1_455 1.95 
2 1 O A HOH 752 ? ? 1_555 O A HOH 808 ? ? 3_655 2.02 
# 
loop_
_pdbx_validate_rmsd_bond.id 
_pdbx_validate_rmsd_bond.PDB_model_num 
_pdbx_validate_rmsd_bond.auth_atom_id_1 
_pdbx_validate_rmsd_bond.auth_asym_id_1 
_pdbx_validate_rmsd_bond.auth_comp_id_1 
_pdbx_validate_rmsd_bond.auth_seq_id_1 
_pdbx_validate_rmsd_bond.PDB_ins_code_1 
_pdbx_validate_rmsd_bond.label_alt_id_1 
_pdbx_validate_rmsd_bond.auth_atom_id_2 
_pdbx_validate_rmsd_bond.auth_asym_id_2 
_pdbx_validate_rmsd_bond.auth_comp_id_2 
_pdbx_validate_rmsd_bond.auth_seq_id_2 
_pdbx_validate_rmsd_bond.PDB_ins_code_2 
_pdbx_validate_rmsd_bond.label_alt_id_2 
_pdbx_validate_rmsd_bond.bond_value 
_pdbx_validate_rmsd_bond.bond_target_value 
_pdbx_validate_rmsd_bond.bond_deviation 
_pdbx_validate_rmsd_bond.bond_standard_deviation 
_pdbx_validate_rmsd_bond.linker_flag 
1  1 N7    A DG 1   ? ? C8    A DG 1   ? ? 1.345 1.305 0.040  0.006 N 
2  1 "C2'" A DC 2   ? ? "C1'" A DC 2   ? ? 1.448 1.518 -0.070 0.010 N 
3  1 N1    A DC 2   ? ? C6    A DC 2   ? ? 1.321 1.367 -0.046 0.006 N 
4  1 "C2'" A DG 3   ? ? "C1'" A DG 3   ? ? 1.444 1.518 -0.074 0.010 N 
5  1 "C2'" A DT 4   ? ? "C1'" A DT 4   ? ? 1.436 1.518 -0.082 0.010 N 
6  1 N3    A DA 5   ? ? C4    A DA 5   ? ? 1.307 1.344 -0.037 0.006 N 
7  1 N1    A DC 8   ? ? C6    A DC 8   ? ? 1.328 1.367 -0.039 0.006 N 
8  1 "C2'" A DG 9   ? ? "C1'" A DG 9   ? ? 1.456 1.518 -0.062 0.010 N 
9  1 "C2'" B DG 111 ? ? "C1'" B DG 111 ? ? 1.445 1.518 -0.073 0.010 N 
10 1 "C5'" B DC 112 ? ? "C4'" B DC 112 ? ? 1.557 1.512 0.045  0.007 N 
11 1 "C2'" B DC 112 ? ? "C1'" B DC 112 ? ? 1.456 1.518 -0.062 0.010 N 
12 1 "O4'" B DC 112 ? ? "C1'" B DC 112 ? ? 1.494 1.420 0.074  0.011 N 
13 1 "O4'" B DC 112 ? ? "C4'" B DC 112 ? ? 1.514 1.449 0.065  0.009 N 
14 1 "O3'" B DC 112 ? ? "C3'" B DC 112 ? ? 1.516 1.435 0.081  0.013 N 
15 1 "O4'" B DG 113 ? ? "C4'" B DG 113 ? ? 1.505 1.449 0.056  0.009 N 
16 1 "C2'" B DA 115 ? ? "C1'" B DA 115 ? ? 1.438 1.518 -0.080 0.010 N 
17 1 "O4'" B DA 115 ? ? "C1'" B DA 115 ? ? 1.492 1.420 0.072  0.011 N 
18 1 "C3'" B DG 119 ? ? "C2'" B DG 119 ? ? 1.456 1.516 -0.060 0.008 N 
19 1 "C2'" B DG 119 ? ? "C1'" B DG 119 ? ? 1.418 1.518 -0.100 0.010 N 
20 1 "O4'" B DG 119 ? ? "C1'" B DG 119 ? ? 1.506 1.420 0.086  0.011 N 
21 1 "C2'" B DC 120 ? ? "C1'" B DC 120 ? ? 1.435 1.518 -0.083 0.010 N 
22 1 "O4'" B DC 120 ? ? "C1'" B DC 120 ? ? 1.504 1.420 0.084  0.011 N 
# 
loop_
_pdbx_validate_rmsd_angle.id 
_pdbx_validate_rmsd_angle.PDB_model_num 
_pdbx_validate_rmsd_angle.auth_atom_id_1 
_pdbx_validate_rmsd_angle.auth_asym_id_1 
_pdbx_validate_rmsd_angle.auth_comp_id_1 
_pdbx_validate_rmsd_angle.auth_seq_id_1 
_pdbx_validate_rmsd_angle.PDB_ins_code_1 
_pdbx_validate_rmsd_angle.label_alt_id_1 
_pdbx_validate_rmsd_angle.auth_atom_id_2 
_pdbx_validate_rmsd_angle.auth_asym_id_2 
_pdbx_validate_rmsd_angle.auth_comp_id_2 
_pdbx_validate_rmsd_angle.auth_seq_id_2 
_pdbx_validate_rmsd_angle.PDB_ins_code_2 
_pdbx_validate_rmsd_angle.label_alt_id_2 
_pdbx_validate_rmsd_angle.auth_atom_id_3 
_pdbx_validate_rmsd_angle.auth_asym_id_3 
_pdbx_validate_rmsd_angle.auth_comp_id_3 
_pdbx_validate_rmsd_angle.auth_seq_id_3 
_pdbx_validate_rmsd_angle.PDB_ins_code_3 
_pdbx_validate_rmsd_angle.label_alt_id_3 
_pdbx_validate_rmsd_angle.angle_value 
_pdbx_validate_rmsd_angle.angle_target_value 
_pdbx_validate_rmsd_angle.angle_deviation 
_pdbx_validate_rmsd_angle.angle_standard_deviation 
_pdbx_validate_rmsd_angle.linker_flag 
1  1 "O4'" A DG 1   ? ? "C1'" A DG 1   ? ? N9    A DG 1   ? ? 102.70 108.00 -5.30  0.70 N 
2  1 C4    A DC 2   ? ? C5    A DC 2   ? ? C6    A DC 2   ? ? 114.28 117.40 -3.12  0.50 N 
3  1 C5    A DC 2   ? ? C6    A DC 2   ? ? N1    A DC 2   ? ? 124.65 121.00 3.65   0.50 N 
4  1 "O4'" A DG 3   ? ? "C1'" A DG 3   ? ? N9    A DG 3   ? ? 101.48 108.00 -6.52  0.70 N 
5  1 "O4'" A DT 4   ? ? "C1'" A DT 4   ? ? N1    A DT 4   ? ? 103.65 108.00 -4.35  0.70 N 
6  1 "O4'" A DA 7   ? ? "C4'" A DA 7   ? ? "C3'" A DA 7   ? ? 101.70 104.50 -2.80  0.40 N 
7  1 "O4'" A DC 8   ? ? "C4'" A DC 8   ? ? "C3'" A DC 8   ? ? 101.93 104.50 -2.57  0.40 N 
8  1 "O4'" A DG 9   ? ? "C1'" A DG 9   ? ? N9    A DG 9   ? ? 102.62 108.00 -5.38  0.70 N 
9  1 N1    A DG 9   ? ? C6    A DG 9   ? ? O6    A DG 9   ? ? 123.74 119.90 3.84   0.60 N 
10 1 N3    A DC 10  ? ? C4    A DC 10  ? ? N4    A DC 10  ? ? 113.24 118.00 -4.76  0.70 N 
11 1 "O4'" B DG 111 ? ? "C1'" B DG 111 ? ? N9    B DG 111 ? ? 102.90 108.00 -5.10  0.70 N 
12 1 "C1'" B DC 112 ? ? "O4'" B DC 112 ? ? "C4'" B DC 112 ? ? 102.48 110.10 -7.62  1.00 N 
13 1 C5    B DG 113 ? ? N7    B DG 113 ? ? C8    B DG 113 ? ? 101.05 104.30 -3.25  0.50 N 
14 1 N7    B DG 113 ? ? C8    B DG 113 ? ? N9    B DG 113 ? ? 116.84 113.10 3.74   0.50 N 
15 1 N1    B DG 113 ? ? C6    B DG 113 ? ? O6    B DG 113 ? ? 116.07 119.90 -3.83  0.60 N 
16 1 C5    B DG 113 ? ? C6    B DG 113 ? ? O6    B DG 113 ? ? 132.54 128.60 3.94   0.60 N 
17 1 C5    B DT 114 ? ? C6    B DT 114 ? ? N1    B DT 114 ? ? 127.41 123.70 3.71   0.60 N 
18 1 C4    B DT 114 ? ? C5    B DT 114 ? ? C7    B DT 114 ? ? 122.81 119.00 3.81   0.60 N 
19 1 "O4'" B DA 115 ? ? "C1'" B DA 115 ? ? N9    B DA 115 ? ? 102.31 108.00 -5.69  0.70 N 
20 1 C8    B DA 115 ? ? N9    B DA 115 ? ? C4    B DA 115 ? ? 108.25 105.80 2.45   0.40 N 
21 1 P     B DA 117 ? ? "O5'" B DA 117 ? ? "C5'" B DA 117 ? ? 110.80 120.90 -10.10 1.60 N 
22 1 "O4'" B DG 119 ? ? "C1'" B DG 119 ? ? N9    B DG 119 ? ? 102.82 108.00 -5.18  0.70 N 
23 1 "O4'" B DC 120 ? ? "C1'" B DC 120 ? ? N1    B DC 120 ? ? 102.12 108.00 -5.88  0.70 N 
# 
loop_
_pdbx_struct_mod_residue.id 
_pdbx_struct_mod_residue.label_asym_id 
_pdbx_struct_mod_residue.label_comp_id 
_pdbx_struct_mod_residue.label_seq_id 
_pdbx_struct_mod_residue.auth_asym_id 
_pdbx_struct_mod_residue.auth_comp_id 
_pdbx_struct_mod_residue.auth_seq_id 
_pdbx_struct_mod_residue.PDB_ins_code 
_pdbx_struct_mod_residue.parent_comp_id 
_pdbx_struct_mod_residue.details 
1 A UMS 6 A UMS 6   ? DU ? 
2 B UMS 6 B UMS 116 ? DU ? 
# 
loop_
_chem_comp_atom.comp_id 
_chem_comp_atom.atom_id 
_chem_comp_atom.type_symbol 
_chem_comp_atom.pdbx_aromatic_flag 
_chem_comp_atom.pdbx_stereo_config 
_chem_comp_atom.pdbx_ordinal 
DA  OP3    O  N N 1   
DA  P      P  N N 2   
DA  OP1    O  N N 3   
DA  OP2    O  N N 4   
DA  "O5'"  O  N N 5   
DA  "C5'"  C  N N 6   
DA  "C4'"  C  N R 7   
DA  "O4'"  O  N N 8   
DA  "C3'"  C  N S 9   
DA  "O3'"  O  N N 10  
DA  "C2'"  C  N N 11  
DA  "C1'"  C  N R 12  
DA  N9     N  Y N 13  
DA  C8     C  Y N 14  
DA  N7     N  Y N 15  
DA  C5     C  Y N 16  
DA  C6     C  Y N 17  
DA  N6     N  N N 18  
DA  N1     N  Y N 19  
DA  C2     C  Y N 20  
DA  N3     N  Y N 21  
DA  C4     C  Y N 22  
DA  HOP3   H  N N 23  
DA  HOP2   H  N N 24  
DA  "H5'"  H  N N 25  
DA  "H5''" H  N N 26  
DA  "H4'"  H  N N 27  
DA  "H3'"  H  N N 28  
DA  "HO3'" H  N N 29  
DA  "H2'"  H  N N 30  
DA  "H2''" H  N N 31  
DA  "H1'"  H  N N 32  
DA  H8     H  N N 33  
DA  H61    H  N N 34  
DA  H62    H  N N 35  
DA  H2     H  N N 36  
DC  OP3    O  N N 37  
DC  P      P  N N 38  
DC  OP1    O  N N 39  
DC  OP2    O  N N 40  
DC  "O5'"  O  N N 41  
DC  "C5'"  C  N N 42  
DC  "C4'"  C  N R 43  
DC  "O4'"  O  N N 44  
DC  "C3'"  C  N S 45  
DC  "O3'"  O  N N 46  
DC  "C2'"  C  N N 47  
DC  "C1'"  C  N R 48  
DC  N1     N  N N 49  
DC  C2     C  N N 50  
DC  O2     O  N N 51  
DC  N3     N  N N 52  
DC  C4     C  N N 53  
DC  N4     N  N N 54  
DC  C5     C  N N 55  
DC  C6     C  N N 56  
DC  HOP3   H  N N 57  
DC  HOP2   H  N N 58  
DC  "H5'"  H  N N 59  
DC  "H5''" H  N N 60  
DC  "H4'"  H  N N 61  
DC  "H3'"  H  N N 62  
DC  "HO3'" H  N N 63  
DC  "H2'"  H  N N 64  
DC  "H2''" H  N N 65  
DC  "H1'"  H  N N 66  
DC  H41    H  N N 67  
DC  H42    H  N N 68  
DC  H5     H  N N 69  
DC  H6     H  N N 70  
DG  OP3    O  N N 71  
DG  P      P  N N 72  
DG  OP1    O  N N 73  
DG  OP2    O  N N 74  
DG  "O5'"  O  N N 75  
DG  "C5'"  C  N N 76  
DG  "C4'"  C  N R 77  
DG  "O4'"  O  N N 78  
DG  "C3'"  C  N S 79  
DG  "O3'"  O  N N 80  
DG  "C2'"  C  N N 81  
DG  "C1'"  C  N R 82  
DG  N9     N  Y N 83  
DG  C8     C  Y N 84  
DG  N7     N  Y N 85  
DG  C5     C  Y N 86  
DG  C6     C  N N 87  
DG  O6     O  N N 88  
DG  N1     N  N N 89  
DG  C2     C  N N 90  
DG  N2     N  N N 91  
DG  N3     N  N N 92  
DG  C4     C  Y N 93  
DG  HOP3   H  N N 94  
DG  HOP2   H  N N 95  
DG  "H5'"  H  N N 96  
DG  "H5''" H  N N 97  
DG  "H4'"  H  N N 98  
DG  "H3'"  H  N N 99  
DG  "HO3'" H  N N 100 
DG  "H2'"  H  N N 101 
DG  "H2''" H  N N 102 
DG  "H1'"  H  N N 103 
DG  H8     H  N N 104 
DG  H1     H  N N 105 
DG  H21    H  N N 106 
DG  H22    H  N N 107 
DT  OP3    O  N N 108 
DT  P      P  N N 109 
DT  OP1    O  N N 110 
DT  OP2    O  N N 111 
DT  "O5'"  O  N N 112 
DT  "C5'"  C  N N 113 
DT  "C4'"  C  N R 114 
DT  "O4'"  O  N N 115 
DT  "C3'"  C  N S 116 
DT  "O3'"  O  N N 117 
DT  "C2'"  C  N N 118 
DT  "C1'"  C  N R 119 
DT  N1     N  N N 120 
DT  C2     C  N N 121 
DT  O2     O  N N 122 
DT  N3     N  N N 123 
DT  C4     C  N N 124 
DT  O4     O  N N 125 
DT  C5     C  N N 126 
DT  C7     C  N N 127 
DT  C6     C  N N 128 
DT  HOP3   H  N N 129 
DT  HOP2   H  N N 130 
DT  "H5'"  H  N N 131 
DT  "H5''" H  N N 132 
DT  "H4'"  H  N N 133 
DT  "H3'"  H  N N 134 
DT  "HO3'" H  N N 135 
DT  "H2'"  H  N N 136 
DT  "H2''" H  N N 137 
DT  "H1'"  H  N N 138 
DT  H3     H  N N 139 
DT  H71    H  N N 140 
DT  H72    H  N N 141 
DT  H73    H  N N 142 
DT  H6     H  N N 143 
HOH O      O  N N 144 
HOH H1     H  N N 145 
HOH H2     H  N N 146 
UMS OP3    O  N N 147 
UMS P      P  N N 148 
UMS OP1    O  N N 149 
UMS OP2    O  N N 150 
UMS "O5'"  O  N N 151 
UMS "C5'"  C  N N 152 
UMS "C4'"  C  N R 153 
UMS "O4'"  O  N N 154 
UMS "C3'"  C  N R 155 
UMS "O3'"  O  N N 156 
UMS "C2'"  C  N R 157 
UMS "SE2'" SE N N 158 
UMS "C1'"  C  N R 159 
UMS "CA'"  C  N N 160 
UMS N1     N  N N 161 
UMS C2     C  N N 162 
UMS O2     O  N N 163 
UMS N3     N  N N 164 
UMS C4     C  N N 165 
UMS O4     O  N N 166 
UMS C5     C  N N 167 
UMS C6     C  N N 168 
UMS HOP3   H  N N 169 
UMS HOP2   H  N N 170 
UMS "H5'"  H  N N 171 
UMS "H5'2" H  N N 172 
UMS "H4'"  H  N N 173 
UMS "H3'"  H  N N 174 
UMS "HO3'" H  N N 175 
UMS "H2'"  H  N N 176 
UMS "H1'"  H  N N 177 
UMS "HA'"  H  N N 178 
UMS "HA'2" H  N N 179 
UMS "HA'3" H  N N 180 
UMS H3     H  N N 181 
UMS H5     H  N N 182 
UMS H6     H  N N 183 
# 
loop_
_chem_comp_bond.comp_id 
_chem_comp_bond.atom_id_1 
_chem_comp_bond.atom_id_2 
_chem_comp_bond.value_order 
_chem_comp_bond.pdbx_aromatic_flag 
_chem_comp_bond.pdbx_stereo_config 
_chem_comp_bond.pdbx_ordinal 
DA  OP3    P      sing N N 1   
DA  OP3    HOP3   sing N N 2   
DA  P      OP1    doub N N 3   
DA  P      OP2    sing N N 4   
DA  P      "O5'"  sing N N 5   
DA  OP2    HOP2   sing N N 6   
DA  "O5'"  "C5'"  sing N N 7   
DA  "C5'"  "C4'"  sing N N 8   
DA  "C5'"  "H5'"  sing N N 9   
DA  "C5'"  "H5''" sing N N 10  
DA  "C4'"  "O4'"  sing N N 11  
DA  "C4'"  "C3'"  sing N N 12  
DA  "C4'"  "H4'"  sing N N 13  
DA  "O4'"  "C1'"  sing N N 14  
DA  "C3'"  "O3'"  sing N N 15  
DA  "C3'"  "C2'"  sing N N 16  
DA  "C3'"  "H3'"  sing N N 17  
DA  "O3'"  "HO3'" sing N N 18  
DA  "C2'"  "C1'"  sing N N 19  
DA  "C2'"  "H2'"  sing N N 20  
DA  "C2'"  "H2''" sing N N 21  
DA  "C1'"  N9     sing N N 22  
DA  "C1'"  "H1'"  sing N N 23  
DA  N9     C8     sing Y N 24  
DA  N9     C4     sing Y N 25  
DA  C8     N7     doub Y N 26  
DA  C8     H8     sing N N 27  
DA  N7     C5     sing Y N 28  
DA  C5     C6     sing Y N 29  
DA  C5     C4     doub Y N 30  
DA  C6     N6     sing N N 31  
DA  C6     N1     doub Y N 32  
DA  N6     H61    sing N N 33  
DA  N6     H62    sing N N 34  
DA  N1     C2     sing Y N 35  
DA  C2     N3     doub Y N 36  
DA  C2     H2     sing N N 37  
DA  N3     C4     sing Y N 38  
DC  OP3    P      sing N N 39  
DC  OP3    HOP3   sing N N 40  
DC  P      OP1    doub N N 41  
DC  P      OP2    sing N N 42  
DC  P      "O5'"  sing N N 43  
DC  OP2    HOP2   sing N N 44  
DC  "O5'"  "C5'"  sing N N 45  
DC  "C5'"  "C4'"  sing N N 46  
DC  "C5'"  "H5'"  sing N N 47  
DC  "C5'"  "H5''" sing N N 48  
DC  "C4'"  "O4'"  sing N N 49  
DC  "C4'"  "C3'"  sing N N 50  
DC  "C4'"  "H4'"  sing N N 51  
DC  "O4'"  "C1'"  sing N N 52  
DC  "C3'"  "O3'"  sing N N 53  
DC  "C3'"  "C2'"  sing N N 54  
DC  "C3'"  "H3'"  sing N N 55  
DC  "O3'"  "HO3'" sing N N 56  
DC  "C2'"  "C1'"  sing N N 57  
DC  "C2'"  "H2'"  sing N N 58  
DC  "C2'"  "H2''" sing N N 59  
DC  "C1'"  N1     sing N N 60  
DC  "C1'"  "H1'"  sing N N 61  
DC  N1     C2     sing N N 62  
DC  N1     C6     sing N N 63  
DC  C2     O2     doub N N 64  
DC  C2     N3     sing N N 65  
DC  N3     C4     doub N N 66  
DC  C4     N4     sing N N 67  
DC  C4     C5     sing N N 68  
DC  N4     H41    sing N N 69  
DC  N4     H42    sing N N 70  
DC  C5     C6     doub N N 71  
DC  C5     H5     sing N N 72  
DC  C6     H6     sing N N 73  
DG  OP3    P      sing N N 74  
DG  OP3    HOP3   sing N N 75  
DG  P      OP1    doub N N 76  
DG  P      OP2    sing N N 77  
DG  P      "O5'"  sing N N 78  
DG  OP2    HOP2   sing N N 79  
DG  "O5'"  "C5'"  sing N N 80  
DG  "C5'"  "C4'"  sing N N 81  
DG  "C5'"  "H5'"  sing N N 82  
DG  "C5'"  "H5''" sing N N 83  
DG  "C4'"  "O4'"  sing N N 84  
DG  "C4'"  "C3'"  sing N N 85  
DG  "C4'"  "H4'"  sing N N 86  
DG  "O4'"  "C1'"  sing N N 87  
DG  "C3'"  "O3'"  sing N N 88  
DG  "C3'"  "C2'"  sing N N 89  
DG  "C3'"  "H3'"  sing N N 90  
DG  "O3'"  "HO3'" sing N N 91  
DG  "C2'"  "C1'"  sing N N 92  
DG  "C2'"  "H2'"  sing N N 93  
DG  "C2'"  "H2''" sing N N 94  
DG  "C1'"  N9     sing N N 95  
DG  "C1'"  "H1'"  sing N N 96  
DG  N9     C8     sing Y N 97  
DG  N9     C4     sing Y N 98  
DG  C8     N7     doub Y N 99  
DG  C8     H8     sing N N 100 
DG  N7     C5     sing Y N 101 
DG  C5     C6     sing N N 102 
DG  C5     C4     doub Y N 103 
DG  C6     O6     doub N N 104 
DG  C6     N1     sing N N 105 
DG  N1     C2     sing N N 106 
DG  N1     H1     sing N N 107 
DG  C2     N2     sing N N 108 
DG  C2     N3     doub N N 109 
DG  N2     H21    sing N N 110 
DG  N2     H22    sing N N 111 
DG  N3     C4     sing N N 112 
DT  OP3    P      sing N N 113 
DT  OP3    HOP3   sing N N 114 
DT  P      OP1    doub N N 115 
DT  P      OP2    sing N N 116 
DT  P      "O5'"  sing N N 117 
DT  OP2    HOP2   sing N N 118 
DT  "O5'"  "C5'"  sing N N 119 
DT  "C5'"  "C4'"  sing N N 120 
DT  "C5'"  "H5'"  sing N N 121 
DT  "C5'"  "H5''" sing N N 122 
DT  "C4'"  "O4'"  sing N N 123 
DT  "C4'"  "C3'"  sing N N 124 
DT  "C4'"  "H4'"  sing N N 125 
DT  "O4'"  "C1'"  sing N N 126 
DT  "C3'"  "O3'"  sing N N 127 
DT  "C3'"  "C2'"  sing N N 128 
DT  "C3'"  "H3'"  sing N N 129 
DT  "O3'"  "HO3'" sing N N 130 
DT  "C2'"  "C1'"  sing N N 131 
DT  "C2'"  "H2'"  sing N N 132 
DT  "C2'"  "H2''" sing N N 133 
DT  "C1'"  N1     sing N N 134 
DT  "C1'"  "H1'"  sing N N 135 
DT  N1     C2     sing N N 136 
DT  N1     C6     sing N N 137 
DT  C2     O2     doub N N 138 
DT  C2     N3     sing N N 139 
DT  N3     C4     sing N N 140 
DT  N3     H3     sing N N 141 
DT  C4     O4     doub N N 142 
DT  C4     C5     sing N N 143 
DT  C5     C7     sing N N 144 
DT  C5     C6     doub N N 145 
DT  C7     H71    sing N N 146 
DT  C7     H72    sing N N 147 
DT  C7     H73    sing N N 148 
DT  C6     H6     sing N N 149 
HOH O      H1     sing N N 150 
HOH O      H2     sing N N 151 
UMS OP3    P      sing N N 152 
UMS OP3    HOP3   sing N N 153 
UMS P      OP1    doub N N 154 
UMS P      OP2    sing N N 155 
UMS P      "O5'"  sing N N 156 
UMS OP2    HOP2   sing N N 157 
UMS "O5'"  "C5'"  sing N N 158 
UMS "C5'"  "C4'"  sing N N 159 
UMS "C5'"  "H5'"  sing N N 160 
UMS "C5'"  "H5'2" sing N N 161 
UMS "C4'"  "O4'"  sing N N 162 
UMS "C4'"  "C3'"  sing N N 163 
UMS "C4'"  "H4'"  sing N N 164 
UMS "O4'"  "C1'"  sing N N 165 
UMS "C3'"  "O3'"  sing N N 166 
UMS "C3'"  "C2'"  sing N N 167 
UMS "C3'"  "H3'"  sing N N 168 
UMS "O3'"  "HO3'" sing N N 169 
UMS "C2'"  "SE2'" sing N N 170 
UMS "C2'"  "C1'"  sing N N 171 
UMS "C2'"  "H2'"  sing N N 172 
UMS "SE2'" "CA'"  sing N N 173 
UMS "C1'"  N1     sing N N 174 
UMS "C1'"  "H1'"  sing N N 175 
UMS "CA'"  "HA'"  sing N N 176 
UMS "CA'"  "HA'2" sing N N 177 
UMS "CA'"  "HA'3" sing N N 178 
UMS N1     C2     sing N N 179 
UMS N1     C6     sing N N 180 
UMS C2     O2     doub N N 181 
UMS C2     N3     sing N N 182 
UMS N3     C4     sing N N 183 
UMS N3     H3     sing N N 184 
UMS C4     O4     doub N N 185 
UMS C4     C5     sing N N 186 
UMS C5     C6     doub N N 187 
UMS C5     H5     sing N N 188 
UMS C6     H6     sing N N 189 
# 
_ndb_struct_conf_na.entry_id   1MA8 
_ndb_struct_conf_na.feature    'a-form double helix' 
# 
loop_
_ndb_struct_na_base_pair.model_number 
_ndb_struct_na_base_pair.i_label_asym_id 
_ndb_struct_na_base_pair.i_label_comp_id 
_ndb_struct_na_base_pair.i_label_seq_id 
_ndb_struct_na_base_pair.i_symmetry 
_ndb_struct_na_base_pair.j_label_asym_id 
_ndb_struct_na_base_pair.j_label_comp_id 
_ndb_struct_na_base_pair.j_label_seq_id 
_ndb_struct_na_base_pair.j_symmetry 
_ndb_struct_na_base_pair.shear 
_ndb_struct_na_base_pair.stretch 
_ndb_struct_na_base_pair.stagger 
_ndb_struct_na_base_pair.buckle 
_ndb_struct_na_base_pair.propeller 
_ndb_struct_na_base_pair.opening 
_ndb_struct_na_base_pair.pair_number 
_ndb_struct_na_base_pair.pair_name 
_ndb_struct_na_base_pair.i_auth_asym_id 
_ndb_struct_na_base_pair.i_auth_seq_id 
_ndb_struct_na_base_pair.i_PDB_ins_code 
_ndb_struct_na_base_pair.j_auth_asym_id 
_ndb_struct_na_base_pair.j_auth_seq_id 
_ndb_struct_na_base_pair.j_PDB_ins_code 
_ndb_struct_na_base_pair.hbond_type_28 
_ndb_struct_na_base_pair.hbond_type_12 
1 A DG  1  1_555 B DC  10 1_555 -0.312 -0.124 0.145  3.387  -6.230  -1.566 1  A_DG1:DC120_B  A 1  ? B 120 ? 19 1 
1 A DC  2  1_555 B DG  9  1_555 0.118  -0.125 0.106  4.924  -12.955 0.824  2  A_DC2:DG119_B  A 2  ? B 119 ? 19 1 
1 A DG  3  1_555 B DC  8  1_555 -0.253 -0.160 0.103  -7.828 -18.099 0.494  3  A_DG3:DC118_B  A 3  ? B 118 ? 19 1 
1 A DT  4  1_555 B DA  7  1_555 -0.158 -0.102 0.046  -5.497 -16.266 -2.915 4  A_DT4:DA117_B  A 4  ? B 117 ? 20 1 
1 A DA  5  1_555 B UMS 6  1_555 0.097  -0.051 0.061  -0.740 -13.683 -2.933 5  A_DA5:UMS116_B A 5  ? B 116 ? 20 1 
1 A UMS 6  1_555 B DA  5  1_555 -0.036 -0.084 0.165  4.419  -15.221 6.906  6  A_UMS6:DA115_B A 6  ? B 115 ? 20 1 
1 A DA  7  1_555 B DT  4  1_555 -0.029 -0.141 0.009  2.419  -11.309 3.962  7  A_DA7:DT114_B  A 7  ? B 114 ? 20 1 
1 A DC  8  1_555 B DG  3  1_555 0.181  -0.164 -0.059 8.394  -12.185 0.236  8  A_DC8:DG113_B  A 8  ? B 113 ? 19 1 
1 A DG  9  1_555 B DC  2  1_555 -0.167 -0.181 -0.038 -6.112 -10.193 -1.140 9  A_DG9:DC112_B  A 9  ? B 112 ? 19 1 
1 A DC  10 1_555 B DG  1  1_555 0.204  -0.123 0.196  -4.268 4.821   -0.148 10 A_DC10:DG111_B A 10 ? B 111 ? 19 1 
# 
loop_
_ndb_struct_na_base_pair_step.model_number 
_ndb_struct_na_base_pair_step.i_label_asym_id_1 
_ndb_struct_na_base_pair_step.i_label_comp_id_1 
_ndb_struct_na_base_pair_step.i_label_seq_id_1 
_ndb_struct_na_base_pair_step.i_symmetry_1 
_ndb_struct_na_base_pair_step.j_label_asym_id_1 
_ndb_struct_na_base_pair_step.j_label_comp_id_1 
_ndb_struct_na_base_pair_step.j_label_seq_id_1 
_ndb_struct_na_base_pair_step.j_symmetry_1 
_ndb_struct_na_base_pair_step.i_label_asym_id_2 
_ndb_struct_na_base_pair_step.i_label_comp_id_2 
_ndb_struct_na_base_pair_step.i_label_seq_id_2 
_ndb_struct_na_base_pair_step.i_symmetry_2 
_ndb_struct_na_base_pair_step.j_label_asym_id_2 
_ndb_struct_na_base_pair_step.j_label_comp_id_2 
_ndb_struct_na_base_pair_step.j_label_seq_id_2 
_ndb_struct_na_base_pair_step.j_symmetry_2 
_ndb_struct_na_base_pair_step.shift 
_ndb_struct_na_base_pair_step.slide 
_ndb_struct_na_base_pair_step.rise 
_ndb_struct_na_base_pair_step.tilt 
_ndb_struct_na_base_pair_step.roll 
_ndb_struct_na_base_pair_step.twist 
_ndb_struct_na_base_pair_step.x_displacement 
_ndb_struct_na_base_pair_step.y_displacement 
_ndb_struct_na_base_pair_step.helical_rise 
_ndb_struct_na_base_pair_step.inclination 
_ndb_struct_na_base_pair_step.tip 
_ndb_struct_na_base_pair_step.helical_twist 
_ndb_struct_na_base_pair_step.step_number 
_ndb_struct_na_base_pair_step.step_name 
_ndb_struct_na_base_pair_step.i_auth_asym_id_1 
_ndb_struct_na_base_pair_step.i_auth_seq_id_1 
_ndb_struct_na_base_pair_step.i_PDB_ins_code_1 
_ndb_struct_na_base_pair_step.j_auth_asym_id_1 
_ndb_struct_na_base_pair_step.j_auth_seq_id_1 
_ndb_struct_na_base_pair_step.j_PDB_ins_code_1 
_ndb_struct_na_base_pair_step.i_auth_asym_id_2 
_ndb_struct_na_base_pair_step.i_auth_seq_id_2 
_ndb_struct_na_base_pair_step.i_PDB_ins_code_2 
_ndb_struct_na_base_pair_step.j_auth_asym_id_2 
_ndb_struct_na_base_pair_step.j_auth_seq_id_2 
_ndb_struct_na_base_pair_step.j_PDB_ins_code_2 
1 A DG  1 1_555 B DC  10 1_555 A DC  2  1_555 B DG  9 1_555 0.307  -1.443 3.262 1.029  0.153  39.253 -2.166 -0.335 3.263 0.228  
-1.532 39.266 1 AA_DG1DC2:DG119DC120_BB   A 1 ? B 120 ? A 2  ? B 119 ? 
1 A DC  2 1_555 B DG  9  1_555 A DG  3  1_555 B DC  8 1_555 0.058  -2.077 3.380 0.717  11.464 26.796 -6.411 0.026  2.315 23.418 
-1.464 29.113 2 AA_DC2DG3:DC118DG119_BB   A 2 ? B 119 ? A 3  ? B 118 ? 
1 A DG  3 1_555 B DC  8  1_555 A DT  4  1_555 B DA  7 1_555 -1.112 -1.392 3.114 -2.572 4.874  38.151 -2.676 1.386  2.986 7.410  
3.910  38.532 3 AA_DG3DT4:DA117DC118_BB   A 3 ? B 118 ? A 4  ? B 117 ? 
1 A DT  4 1_555 B DA  7  1_555 A DA  5  1_555 B UMS 6 1_555 0.544  -1.521 3.121 1.889  17.350 23.935 -5.994 -0.738 1.692 36.296 
-3.953 29.547 4 AA_DT4DA5:UMS116DA117_BB  A 4 ? B 117 ? A 5  ? B 116 ? 
1 A DA  5 1_555 B UMS 6  1_555 A UMS 6  1_555 B DA  5 1_555 0.802  -1.080 3.105 0.906  10.463 32.743 -3.310 -1.229 2.665 17.992 
-1.558 34.342 5 AA_DA5UMS6:DA115UMS116_BB A 5 ? B 116 ? A 6  ? B 115 ? 
1 A UMS 6 1_555 B DA  5  1_555 A DA  7  1_555 B DT  4 1_555 -0.155 -1.366 3.116 -0.324 15.361 31.182 -4.326 0.217  2.221 26.646 
0.563  34.677 6 AA_UMS6DA7:DT114DA115_BB  A 6 ? B 115 ? A 7  ? B 114 ? 
1 A DA  7 1_555 B DT  4  1_555 A DC  8  1_555 B DG  3 1_555 -0.108 -1.872 3.249 -0.350 2.716  29.258 -4.255 0.141  3.068 5.362  
0.691  29.383 7 AA_DA7DC8:DG113DT114_BB   A 7 ? B 114 ? A 8  ? B 113 ? 
1 A DC  8 1_555 B DG  3  1_555 A DG  9  1_555 B DC  2 1_555 -0.382 -1.964 3.509 -0.550 12.008 29.786 -5.636 0.596  2.553 22.253 
1.019  32.069 8 AA_DC8DG9:DC112DG113_BB   A 8 ? B 113 ? A 9  ? B 112 ? 
1 A DG  9 1_555 B DC  2  1_555 A DC  10 1_555 B DG  1 1_555 0.244  -1.675 3.357 -0.404 1.710  35.278 -3.016 -0.463 3.272 2.820  
0.667  35.320 9 AA_DG9DC10:DG111DC112_BB  A 9 ? B 112 ? A 10 ? B 111 ? 
# 
_atom_sites.entry_id                    1MA8 
_atom_sites.fract_transf_matrix[1][1]   0.02969067 
_atom_sites.fract_transf_matrix[1][2]   0.01631303 
_atom_sites.fract_transf_matrix[1][3]   -0.02260254 
_atom_sites.fract_transf_matrix[2][1]   -0.00469626 
_atom_sites.fract_transf_matrix[2][2]   -0.01465569 
_atom_sites.fract_transf_matrix[2][3]   -0.01674651 
_atom_sites.fract_transf_matrix[3][1]   -0.01439307 
_atom_sites.fract_transf_matrix[3][2]   0.01436736 
_atom_sites.fract_transf_matrix[3][3]   -0.00853730 
_atom_sites.fract_transf_vector[1]      0.131359 
_atom_sites.fract_transf_vector[2]      0.041149 
_atom_sites.fract_transf_vector[3]      0.256698 
# 
loop_
_atom_type.symbol 
C  
H  
N  
O  
P  
SE 
# 
loop_
_atom_site.group_PDB 
_atom_site.id 
_atom_site.type_symbol 
_atom_site.label_atom_id 
_atom_site.label_alt_id 
_atom_site.label_comp_id 
_atom_site.label_asym_id 
_atom_site.label_entity_id 
_atom_site.label_seq_id 
_atom_site.pdbx_PDB_ins_code 
_atom_site.Cartn_x 
_atom_site.Cartn_y 
_atom_site.Cartn_z 
_atom_site.occupancy 
_atom_site.B_iso_or_equiv 
_atom_site.pdbx_formal_charge 
_atom_site.auth_seq_id 
_atom_site.auth_comp_id 
_atom_site.auth_asym_id 
_atom_site.auth_atom_id 
_atom_site.pdbx_PDB_model_num 
ATOM   1   O  "O5'"  . DG  A 1 1  ? -7.504  4.479   7.690   1.00 37.15 ? 1   DG  A "O5'"  1 
ATOM   2   C  "C5'"  . DG  A 1 1  ? -7.468  5.882   7.659   1.00 29.75 ? 1   DG  A "C5'"  1 
ATOM   3   C  "C4'"  . DG  A 1 1  ? -6.494  6.386   8.730   1.00 23.57 ? 1   DG  A "C4'"  1 
ATOM   4   O  "O4'"  . DG  A 1 1  ? -6.658  5.657   9.978   1.00 23.46 ? 1   DG  A "O4'"  1 
ATOM   5   C  "C3'"  . DG  A 1 1  ? -5.022  6.236   8.429   1.00 20.17 ? 1   DG  A "C3'"  1 
ATOM   6   O  "O3'"  . DG  A 1 1  ? -4.669  7.336   7.551   1.00 21.63 ? 1   DG  A "O3'"  1 
ATOM   7   C  "C2'"  . DG  A 1 1  ? -4.387  6.253   9.766   1.00 20.15 ? 1   DG  A "C2'"  1 
ATOM   8   C  "C1'"  . DG  A 1 1  ? -5.329  5.461   10.556  1.00 20.08 ? 1   DG  A "C1'"  1 
ATOM   9   N  N9     . DG  A 1 1  ? -5.190  3.963   10.566  1.00 20.74 ? 1   DG  A N9     1 
ATOM   10  C  C8     . DG  A 1 1  ? -6.013  2.985   10.070  1.00 23.38 ? 1   DG  A C8     1 
ATOM   11  N  N7     . DG  A 1 1  ? -5.516  1.754   10.289  1.00 22.50 ? 1   DG  A N7     1 
ATOM   12  C  C5     . DG  A 1 1  ? -4.299  1.972   10.968  1.00 18.53 ? 1   DG  A C5     1 
ATOM   13  C  C6     . DG  A 1 1  ? -3.334  1.059   11.471  1.00 16.34 ? 1   DG  A C6     1 
ATOM   14  O  O6     . DG  A 1 1  ? -3.336  -0.166  11.417  1.00 18.71 ? 1   DG  A O6     1 
ATOM   15  N  N1     . DG  A 1 1  ? -2.301  1.745   12.063  1.00 15.20 ? 1   DG  A N1     1 
ATOM   16  C  C2     . DG  A 1 1  ? -2.169  3.107   12.198  1.00 15.11 ? 1   DG  A C2     1 
ATOM   17  N  N2     . DG  A 1 1  ? -1.070  3.510   12.823  1.00 15.59 ? 1   DG  A N2     1 
ATOM   18  N  N3     . DG  A 1 1  ? -3.063  3.954   11.749  1.00 16.24 ? 1   DG  A N3     1 
ATOM   19  C  C4     . DG  A 1 1  ? -4.096  3.322   11.142  1.00 19.08 ? 1   DG  A C4     1 
ATOM   20  H  "H5'"  . DG  A 1 1  ? -8.355  6.237   7.828   1.00 35.70 ? 1   DG  A "H5'"  1 
ATOM   21  H  "H5''" . DG  A 1 1  ? -7.180  6.184   6.784   1.00 35.70 ? 1   DG  A "H5''" 1 
ATOM   22  H  "H4'"  . DG  A 1 1  ? -6.681  7.333   8.898   1.00 28.28 ? 1   DG  A "H4'"  1 
ATOM   23  H  "H3'"  . DG  A 1 1  ? -4.852  5.379   7.984   1.00 24.20 ? 1   DG  A "H3'"  1 
ATOM   24  H  "H2'"  . DG  A 1 1  ? -3.508  5.842   9.745   1.00 24.18 ? 1   DG  A "H2'"  1 
ATOM   25  H  "H2''" . DG  A 1 1  ? -4.309  7.156   10.109  1.00 24.18 ? 1   DG  A "H2''" 1 
ATOM   26  H  "H1'"  . DG  A 1 1  ? -5.328  5.790   11.479  1.00 24.10 ? 1   DG  A "H1'"  1 
ATOM   27  H  H8     . DG  A 1 1  ? -6.818  3.151   9.635   1.00 28.06 ? 1   DG  A H8     1 
ATOM   28  H  H1     . DG  A 1 1  ? -1.663  1.268   12.386  1.00 18.24 ? 1   DG  A H1     1 
ATOM   29  H  H21    . DG  A 1 1  ? -0.928  4.349   12.943  1.00 18.71 ? 1   DG  A H21    1 
ATOM   30  H  H22    . DG  A 1 1  ? -0.501  2.932   13.108  1.00 18.71 ? 1   DG  A H22    1 
ATOM   31  H  "HO5'" . DG  A 1 1  ? -7.787  4.197   6.975   1.00 55.73 ? 1   DG  A "HO5'" 1 
ATOM   32  P  P      . DC  A 1 2  ? -3.600  7.192   6.408   1.00 22.56 ? 2   DC  A P      1 
ATOM   33  O  OP1    . DC  A 1 2  ? -3.592  8.491   5.701   1.00 27.43 ? 2   DC  A OP1    1 
ATOM   34  O  OP2    . DC  A 1 2  ? -3.841  5.946   5.676   1.00 23.17 ? 2   DC  A OP2    1 
ATOM   35  O  "O5'"  . DC  A 1 2  ? -2.207  6.980   7.137   1.00 20.89 ? 2   DC  A "O5'"  1 
ATOM   36  C  "C5'"  . DC  A 1 2  ? -1.713  8.026   8.007   1.00 19.39 ? 2   DC  A "C5'"  1 
ATOM   37  C  "C4'"  . DC  A 1 2  ? -0.499  7.423   8.736   1.00 17.09 ? 2   DC  A "C4'"  1 
ATOM   38  O  "O4'"  . DC  A 1 2  ? -0.978  6.343   9.577   1.00 16.57 ? 2   DC  A "O4'"  1 
ATOM   39  C  "C3'"  . DC  A 1 2  ? 0.558   6.780   7.914   1.00 17.12 ? 2   DC  A "C3'"  1 
ATOM   40  O  "O3'"  . DC  A 1 2  ? 1.446   7.852   7.502   1.00 18.23 ? 2   DC  A "O3'"  1 
ATOM   41  C  "C2'"  . DC  A 1 2  ? 1.171   5.751   8.812   1.00 16.52 ? 2   DC  A "C2'"  1 
ATOM   42  C  "C1'"  . DC  A 1 2  ? 0.058   5.312   9.628   1.00 14.42 ? 2   DC  A "C1'"  1 
ATOM   43  N  N1     . DC  A 1 2  ? -0.595  4.029   9.169   1.00 13.59 ? 2   DC  A N1     1 
ATOM   44  C  C2     . DC  A 1 2  ? 0.039   2.861   9.561   1.00 12.34 ? 2   DC  A C2     1 
ATOM   45  O  O2     . DC  A 1 2  ? 1.052   2.954   10.249  1.00 14.01 ? 2   DC  A O2     1 
ATOM   46  N  N3     . DC  A 1 2  ? -0.530  1.677   9.225   1.00 13.38 ? 2   DC  A N3     1 
ATOM   47  C  C4     . DC  A 1 2  ? -1.645  1.657   8.480   1.00 14.36 ? 2   DC  A C4     1 
ATOM   48  N  N4     . DC  A 1 2  ? -2.126  0.471   8.150   1.00 15.97 ? 2   DC  A N4     1 
ATOM   49  C  C5     . DC  A 1 2  ? -2.280  2.842   8.025   1.00 15.94 ? 2   DC  A C5     1 
ATOM   50  C  C6     . DC  A 1 2  ? -1.695  3.975   8.440   1.00 15.43 ? 2   DC  A C6     1 
ATOM   51  H  "H5'"  . DC  A 1 2  ? -2.395  8.292   8.644   1.00 23.27 ? 2   DC  A "H5'"  1 
ATOM   52  H  "H5''" . DC  A 1 2  ? -1.447  8.804   7.492   1.00 23.27 ? 2   DC  A "H5''" 1 
ATOM   53  H  "H4'"  . DC  A 1 2  ? -0.091  8.111   9.301   1.00 20.50 ? 2   DC  A "H4'"  1 
ATOM   54  H  "H3'"  . DC  A 1 2  ? 0.161   6.350   7.128   1.00 20.55 ? 2   DC  A "H3'"  1 
ATOM   55  H  "H2'"  . DC  A 1 2  ? 1.540   5.016   8.300   1.00 19.82 ? 2   DC  A "H2'"  1 
ATOM   56  H  "H2''" . DC  A 1 2  ? 1.872   6.140   9.359   1.00 19.82 ? 2   DC  A "H2''" 1 
ATOM   57  H  "H1'"  . DC  A 1 2  ? 0.361   5.206   10.554  1.00 17.30 ? 2   DC  A "H1'"  1 
ATOM   58  H  H41    . DC  A 1 2  ? -1.725  -0.244  8.412   1.00 19.16 ? 2   DC  A H41    1 
ATOM   59  H  H42    . DC  A 1 2  ? -2.839  0.413   7.674   1.00 19.16 ? 2   DC  A H42    1 
ATOM   60  H  H5     . DC  A 1 2  ? -3.036  2.834   7.483   1.00 19.12 ? 2   DC  A H5     1 
ATOM   61  H  H6     . DC  A 1 2  ? -2.092  4.781   8.198   1.00 18.51 ? 2   DC  A H6     1 
ATOM   62  P  P      . DG  A 1 3  ? 2.461   7.617   6.288   1.00 18.64 ? 3   DG  A P      1 
ATOM   63  O  OP1    . DG  A 1 3  ? 3.244   8.883   6.138   1.00 23.71 ? 3   DG  A OP1    1 
ATOM   64  O  OP2    . DG  A 1 3  ? 1.746   7.089   5.146   1.00 21.62 ? 3   DG  A OP2    1 
ATOM   65  O  "O5'"  . DG  A 1 3  ? 3.422   6.493   6.908   1.00 18.45 ? 3   DG  A "O5'"  1 
ATOM   66  C  "C5'"  . DG  A 1 3  ? 4.013   5.496   6.196   1.00 18.11 ? 3   DG  A "C5'"  1 
ATOM   67  C  "C4'"  . DG  A 1 3  ? 4.726   4.486   7.054   1.00 15.90 ? 3   DG  A "C4'"  1 
ATOM   68  O  "O4'"  . DG  A 1 3  ? 3.705   3.788   7.780   1.00 16.85 ? 3   DG  A "O4'"  1 
ATOM   69  C  "C3'"  . DG  A 1 3  ? 5.439   3.436   6.307   1.00 14.90 ? 3   DG  A "C3'"  1 
ATOM   70  O  "O3'"  . DG  A 1 3  ? 6.792   3.859   6.027   1.00 16.70 ? 3   DG  A "O3'"  1 
ATOM   71  C  "C2'"  . DG  A 1 3  ? 5.457   2.280   7.213   1.00 15.34 ? 3   DG  A "C2'"  1 
ATOM   72  C  "C1'"  . DG  A 1 3  ? 4.160   2.381   7.840   1.00 15.38 ? 3   DG  A "C1'"  1 
ATOM   73  N  N9     . DG  A 1 3  ? 2.970   1.656   7.271   1.00 13.57 ? 3   DG  A N9     1 
ATOM   74  C  C8     . DG  A 1 3  ? 1.798   2.147   6.732   1.00 14.24 ? 3   DG  A C8     1 
ATOM   75  N  N7     . DG  A 1 3  ? 0.987   1.185   6.345   1.00 14.67 ? 3   DG  A N7     1 
ATOM   76  C  C5     . DG  A 1 3  ? 1.669   0.002   6.666   1.00 13.46 ? 3   DG  A C5     1 
ATOM   77  C  C6     . DG  A 1 3  ? 1.255   -1.320  6.487   1.00 13.19 ? 3   DG  A C6     1 
ATOM   78  O  O6     . DG  A 1 3  ? 0.233   -1.782  6.006   1.00 14.36 ? 3   DG  A O6     1 
ATOM   79  N  N1     . DG  A 1 3  ? 2.260   -2.206  6.943   1.00 12.69 ? 3   DG  A N1     1 
ATOM   80  C  C2     . DG  A 1 3  ? 3.468   -1.824  7.488   1.00 12.11 ? 3   DG  A C2     1 
ATOM   81  N  N2     . DG  A 1 3  ? 4.294   -2.807  7.861   1.00 13.59 ? 3   DG  A N2     1 
ATOM   82  N  N3     . DG  A 1 3  ? 3.831   -0.565  7.667   1.00 13.40 ? 3   DG  A N3     1 
ATOM   83  C  C4     . DG  A 1 3  ? 2.893   0.289   7.236   1.00 12.81 ? 3   DG  A C4     1 
ATOM   84  H  "H5'"  . DG  A 1 3  ? 4.650   5.887   5.578   1.00 21.73 ? 3   DG  A "H5'"  1 
ATOM   85  H  "H5''" . DG  A 1 3  ? 3.335   5.040   5.673   1.00 21.73 ? 3   DG  A "H5''" 1 
ATOM   86  H  "H4'"  . DG  A 1 3  ? 5.337   4.937   7.674   1.00 19.09 ? 3   DG  A "H4'"  1 
ATOM   87  H  "H3'"  . DG  A 1 3  ? 4.966   3.219   5.477   1.00 17.88 ? 3   DG  A "H3'"  1 
ATOM   88  H  "H2'"  . DG  A 1 3  ? 5.552   1.448   6.724   1.00 18.41 ? 3   DG  A "H2'"  1 
ATOM   89  H  "H2''" . DG  A 1 3  ? 6.172   2.351   7.865   1.00 18.41 ? 3   DG  A "H2''" 1 
ATOM   90  H  "H1'"  . DG  A 1 3  ? 4.254   2.127   8.781   1.00 18.46 ? 3   DG  A "H1'"  1 
ATOM   91  H  H8     . DG  A 1 3  ? 1.603   3.053   6.651   1.00 17.08 ? 3   DG  A H8     1 
ATOM   92  H  H1     . DG  A 1 3  ? 2.105   -3.050  6.875   1.00 15.23 ? 3   DG  A H1     1 
ATOM   93  H  H21    . DG  A 1 3  ? 5.055   -2.618  8.213   1.00 16.30 ? 3   DG  A H21    1 
ATOM   94  H  H22    . DG  A 1 3  ? 4.064   -3.628  7.748   1.00 16.30 ? 3   DG  A H22    1 
ATOM   95  P  P      . DT  A 1 4  ? 7.587   3.315   4.784   1.00 17.36 ? 4   DT  A P      1 
ATOM   96  O  OP1    . DT  A 1 4  ? 8.885   4.072   4.738   1.00 20.31 ? 4   DT  A OP1    1 
ATOM   97  O  OP2    . DT  A 1 4  ? 6.763   3.287   3.594   1.00 18.62 ? 4   DT  A OP2    1 
ATOM   98  O  "O5'"  . DT  A 1 4  ? 7.865   1.758   5.093   1.00 16.93 ? 4   DT  A "O5'"  1 
ATOM   99  C  "C5'"  . DT  A 1 4  ? 8.954   1.330   5.945   1.00 18.57 ? 4   DT  A "C5'"  1 
ATOM   100 C  "C4'"  . DT  A 1 4  ? 9.129   -0.169  5.736   1.00 16.48 ? 4   DT  A "C4'"  1 
ATOM   101 O  "O4'"  . DT  A 1 4  ? 7.974   -0.883  6.323   1.00 16.34 ? 4   DT  A "O4'"  1 
ATOM   102 C  "C3'"  . DT  A 1 4  ? 9.214   -0.649  4.316   1.00 16.64 ? 4   DT  A "C3'"  1 
ATOM   103 O  "O3'"  . DT  A 1 4  ? 10.565  -0.464  3.833   1.00 18.67 ? 4   DT  A "O3'"  1 
ATOM   104 C  "C2'"  . DT  A 1 4  ? 8.786   -2.076  4.449   1.00 15.96 ? 4   DT  A "C2'"  1 
ATOM   105 C  "C1'"  . DT  A 1 4  ? 7.789   -2.076  5.482   1.00 14.68 ? 4   DT  A "C1'"  1 
ATOM   106 N  N1     . DT  A 1 4  ? 6.373   -1.951  4.996   1.00 13.10 ? 4   DT  A N1     1 
ATOM   107 C  C2     . DT  A 1 4  ? 5.685   -3.117  4.741   1.00 13.11 ? 4   DT  A C2     1 
ATOM   108 O  O2     . DT  A 1 4  ? 6.145   -4.214  5.004   1.00 14.36 ? 4   DT  A O2     1 
ATOM   109 N  N3     . DT  A 1 4  ? 4.402   -2.948  4.297   1.00 13.16 ? 4   DT  A N3     1 
ATOM   110 C  C4     . DT  A 1 4  ? 3.775   -1.727  4.028   1.00 12.74 ? 4   DT  A C4     1 
ATOM   111 O  O4     . DT  A 1 4  ? 2.606   -1.714  3.596   1.00 13.66 ? 4   DT  A O4     1 
ATOM   112 C  C5     . DT  A 1 4  ? 4.570   -0.545  4.232   1.00 12.58 ? 4   DT  A C5     1 
ATOM   113 C  C7     . DT  A 1 4  ? 3.966   0.787   3.865   1.00 13.61 ? 4   DT  A C7     1 
ATOM   114 C  C6     . DT  A 1 4  ? 5.833   -0.712  4.693   1.00 13.53 ? 4   DT  A C6     1 
ATOM   115 H  "H5'"  . DT  A 1 4  ? 8.749   1.519   6.874   1.00 22.29 ? 4   DT  A "H5'"  1 
ATOM   116 H  "H5''" . DT  A 1 4  ? 9.769   1.801   5.708   1.00 22.29 ? 4   DT  A "H5''" 1 
ATOM   117 H  "H4'"  . DT  A 1 4  ? 9.940   -0.454  6.206   1.00 19.78 ? 4   DT  A "H4'"  1 
ATOM   118 H  "H3'"  . DT  A 1 4  ? 8.581   -0.157  3.753   1.00 19.97 ? 4   DT  A "H3'"  1 
ATOM   119 H  "H2'"  . DT  A 1 4  ? 8.414   -2.402  3.614   1.00 19.16 ? 4   DT  A "H2'"  1 
ATOM   120 H  "H2''" . DT  A 1 4  ? 9.537   -2.639  4.697   1.00 19.16 ? 4   DT  A "H2''" 1 
ATOM   121 H  "H1'"  . DT  A 1 4  ? 7.881   -2.884  6.030   1.00 17.62 ? 4   DT  A "H1'"  1 
ATOM   122 H  H3     . DT  A 1 4  ? 3.937   -3.660  4.172   1.00 15.79 ? 4   DT  A H3     1 
ATOM   123 H  H6     . DT  A 1 4  ? 6.363   0.043   4.813   1.00 16.24 ? 4   DT  A H6     1 
ATOM   124 P  P      . DA  A 1 5  ? 10.764  -0.230  2.221   1.00 21.01 ? 5   DA  A P      1 
ATOM   125 O  OP1    . DA  A 1 5  ? 12.219  -0.042  2.106   1.00 26.51 ? 5   DA  A OP1    1 
ATOM   126 O  OP2    . DA  A 1 5  ? 9.822   0.793   1.719   1.00 22.79 ? 5   DA  A OP2    1 
ATOM   127 O  "O5'"  . DA  A 1 5  ? 10.356  -1.638  1.673   1.00 18.91 ? 5   DA  A "O5'"  1 
ATOM   128 C  "C5'"  . DA  A 1 5  ? 9.650   -1.688  0.459   1.00 20.91 ? 5   DA  A "C5'"  1 
ATOM   129 C  "C4'"  . DA  A 1 5  ? 9.205   -3.162  0.301   1.00 19.03 ? 5   DA  A "C4'"  1 
ATOM   130 O  "O4'"  . DA  A 1 5  ? 8.262   -3.492  1.379   1.00 17.53 ? 5   DA  A "O4'"  1 
ATOM   131 C  "C3'"  . DA  A 1 5  ? 8.492   -3.518  -0.942  1.00 20.03 ? 5   DA  A "C3'"  1 
ATOM   132 O  "O3'"  . DA  A 1 5  ? 9.490   -3.700  -1.982  1.00 24.12 ? 5   DA  A "O3'"  1 
ATOM   133 C  "C2'"  . DA  A 1 5  ? 7.766   -4.759  -0.549  1.00 20.30 ? 5   DA  A "C2'"  1 
ATOM   134 C  "C1'"  . DA  A 1 5  ? 7.273   -4.380  0.813   1.00 17.60 ? 5   DA  A "C1'"  1 
ATOM   135 N  N9     . DA  A 1 5  ? 6.021   -3.639  0.826   1.00 16.21 ? 5   DA  A N9     1 
ATOM   136 C  C8     . DA  A 1 5  ? 5.767   -2.309  1.007   1.00 15.74 ? 5   DA  A C8     1 
ATOM   137 N  N7     . DA  A 1 5  ? 4.480   -2.044  0.960   1.00 15.39 ? 5   DA  A N7     1 
ATOM   138 C  C5     . DA  A 1 5  ? 3.864   -3.270  0.744   1.00 14.79 ? 5   DA  A C5     1 
ATOM   139 C  C6     . DA  A 1 5  ? 2.520   -3.609  0.656   1.00 15.88 ? 5   DA  A C6     1 
ATOM   140 N  N6     . DA  A 1 5  ? 1.491   -2.742  0.700   1.00 15.79 ? 5   DA  A N6     1 
ATOM   141 N  N1     . DA  A 1 5  ? 2.228   -4.927  0.457   1.00 15.99 ? 5   DA  A N1     1 
ATOM   142 C  C2     . DA  A 1 5  ? 3.216   -5.789  0.400   1.00 16.42 ? 5   DA  A C2     1 
ATOM   143 N  N3     . DA  A 1 5  ? 4.515   -5.544  0.513   1.00 16.41 ? 5   DA  A N3     1 
ATOM   144 C  C4     . DA  A 1 5  ? 4.792   -4.280  0.690   1.00 15.89 ? 5   DA  A C4     1 
ATOM   145 H  "H5'"  . DA  A 1 5  ? 10.219  -1.422  -0.279  1.00 25.09 ? 5   DA  A "H5'"  1 
ATOM   146 H  "H5''" . DA  A 1 5  ? 8.879   -1.100  0.487   1.00 25.09 ? 5   DA  A "H5''" 1 
ATOM   147 H  "H4'"  . DA  A 1 5  ? 9.994   -3.738  0.386   1.00 22.84 ? 5   DA  A "H4'"  1 
ATOM   148 H  "H3'"  . DA  A 1 5  ? 7.858   -2.814  -1.191  1.00 24.04 ? 5   DA  A "H3'"  1 
ATOM   149 H  "H2'"  . DA  A 1 5  ? 7.033   -4.950  -1.153  1.00 24.35 ? 5   DA  A "H2'"  1 
ATOM   150 H  "H2''" . DA  A 1 5  ? 8.362   -5.523  -0.512  1.00 24.35 ? 5   DA  A "H2''" 1 
ATOM   151 H  "H1'"  . DA  A 1 5  ? 7.190   -5.182  1.370   1.00 21.12 ? 5   DA  A "H1'"  1 
ATOM   152 H  H8     . DA  A 1 5  ? 6.425   -1.668  1.145   1.00 18.89 ? 5   DA  A H8     1 
ATOM   153 H  H61    . DA  A 1 5  ? 0.686   -3.026  0.605   1.00 18.95 ? 5   DA  A H61    1 
ATOM   154 H  H62    . DA  A 1 5  ? 1.641   -1.904  0.824   1.00 18.95 ? 5   DA  A H62    1 
ATOM   155 H  H2     . DA  A 1 5  ? 2.977   -6.678  0.266   1.00 19.70 ? 5   DA  A H2     1 
HETATM 156 P  P      . UMS A 1 6  ? 9.235   -3.162  -3.462  1.00 23.73 ? 6   UMS A P      1 
HETATM 157 O  OP1    . UMS A 1 6  ? 10.593  -3.390  -4.051  1.00 33.98 ? 6   UMS A OP1    1 
HETATM 158 O  OP2    . UMS A 1 6  ? 8.666   -1.825  -3.414  1.00 29.32 ? 6   UMS A OP2    1 
HETATM 159 O  "O5'"  . UMS A 1 6  ? 8.121   -4.153  -4.028  1.00 22.48 ? 6   UMS A "O5'"  1 
HETATM 160 C  "C5'"  . UMS A 1 6  ? 8.433   -5.632  -4.233  1.00 24.83 ? 6   UMS A "C5'"  1 
HETATM 161 C  "C4'"  . UMS A 1 6  ? 7.207   -6.307  -4.455  1.00 22.79 ? 6   UMS A "C4'"  1 
HETATM 162 O  "O4'"  . UMS A 1 6  ? 6.285   -6.189  -3.277  1.00 21.09 ? 6   UMS A "O4'"  1 
HETATM 163 C  "C3'"  . UMS A 1 6  ? 6.244   -5.755  -5.536  1.00 25.33 ? 6   UMS A "C3'"  1 
HETATM 164 O  "O3'"  . UMS A 1 6  ? 6.847   -6.124  -6.792  1.00 26.89 ? 6   UMS A "O3'"  1 
HETATM 165 C  "C2'"  . UMS A 1 6  ? 4.934   -6.352  -5.239  1.00 22.21 ? 6   UMS A "C2'"  1 
HETATM 166 SE "SE2'" . UMS A 1 6  ? 4.961   -8.322  -5.674  1.00 37.01 ? 6   UMS A "SE2'" 1 
HETATM 167 C  "C1'"  . UMS A 1 6  ? 4.959   -6.163  -3.720  1.00 22.31 ? 6   UMS A "C1'"  1 
HETATM 168 C  "CA'"  . UMS A 1 6  ? 3.037   -8.637  -5.313  1.00 27.09 ? 6   UMS A "CA'"  1 
HETATM 169 N  N1     . UMS A 1 6  ? 4.355   -4.853  -3.293  1.00 20.01 ? 6   UMS A N1     1 
HETATM 170 C  C2     . UMS A 1 6  ? 2.984   -4.826  -3.154  1.00 16.56 ? 6   UMS A C2     1 
HETATM 171 O  O2     . UMS A 1 6  ? 2.302   -5.820  -3.340  1.00 19.53 ? 6   UMS A O2     1 
HETATM 172 N  N3     . UMS A 1 6  ? 2.423   -3.651  -2.726  1.00 15.78 ? 6   UMS A N3     1 
HETATM 173 C  C4     . UMS A 1 6  ? 3.146   -2.488  -2.489  1.00 15.26 ? 6   UMS A C4     1 
HETATM 174 O  O4     . UMS A 1 6  ? 2.549   -1.426  -2.119  1.00 17.27 ? 6   UMS A O4     1 
HETATM 175 C  C5     . UMS A 1 6  ? 4.556   -2.574  -2.658  1.00 20.05 ? 6   UMS A C5     1 
HETATM 176 C  C6     . UMS A 1 6  ? 5.132   -3.727  -3.056  1.00 20.30 ? 6   UMS A C6     1 
HETATM 177 H  "H5'"  . UMS A 1 6  ? 9.020   -5.747  -4.997  1.00 29.80 ? 6   UMS A "H5'"  1 
HETATM 178 H  "H5'2" . UMS A 1 6  ? 8.876   -5.991  -3.449  1.00 29.80 ? 6   UMS A "H5'2" 1 
HETATM 179 H  "H4'"  . UMS A 1 6  ? 7.386   -7.253  -4.633  1.00 27.34 ? 6   UMS A "H4'"  1 
HETATM 180 H  "H3'"  . UMS A 1 6  ? 6.189   -4.779  -5.467  1.00 30.39 ? 6   UMS A "H3'"  1 
HETATM 181 H  "H2'"  . UMS A 1 6  ? 4.192   -5.877  -5.669  1.00 26.65 ? 6   UMS A "H2'"  1 
HETATM 182 H  "H1'"  . UMS A 1 6  ? 4.465   -6.897  -3.299  1.00 26.77 ? 6   UMS A "H1'"  1 
HETATM 183 H  "HA'"  . UMS A 1 6  ? 2.831   -9.564  -5.461  1.00 40.64 ? 6   UMS A "HA'"  1 
HETATM 184 H  "HA'2" . UMS A 1 6  ? 2.508   -8.095  -5.903  1.00 40.64 ? 6   UMS A "HA'2" 1 
HETATM 185 H  "HA'3" . UMS A 1 6  ? 2.839   -8.406  -4.403  1.00 40.64 ? 6   UMS A "HA'3" 1 
HETATM 186 H  H3     . UMS A 1 6  ? 1.573   -3.632  -2.597  1.00 18.94 ? 6   UMS A H3     1 
HETATM 187 H  H5     . UMS A 1 6  ? 5.086   -1.828  -2.491  1.00 24.06 ? 6   UMS A H5     1 
HETATM 188 H  H6     . UMS A 1 6  ? 6.053   -3.768  -3.172  1.00 24.37 ? 6   UMS A H6     1 
ATOM   189 P  P      . DA  A 1 7  ? 6.618   -5.215  -8.058  1.00 24.51 ? 7   DA  A P      1 
ATOM   190 O  OP1    . DA  A 1 7  ? 7.397   -5.813  -9.168  1.00 29.61 ? 7   DA  A OP1    1 
ATOM   191 O  OP2    . DA  A 1 7  ? 6.981   -3.843  -7.679  1.00 32.95 ? 7   DA  A OP2    1 
ATOM   192 O  "O5'"  . DA  A 1 7  ? 5.061   -5.264  -8.424  1.00 22.45 ? 7   DA  A "O5'"  1 
ATOM   193 C  "C5'"  . DA  A 1 7  ? 4.527   -6.395  -9.063  1.00 23.41 ? 7   DA  A "C5'"  1 
ATOM   194 C  "C4'"  . DA  A 1 7  ? 3.016   -6.293  -9.086  1.00 17.96 ? 7   DA  A "C4'"  1 
ATOM   195 O  "O4'"  . DA  A 1 7  ? 2.526   -6.207  -7.738  1.00 20.00 ? 7   DA  A "O4'"  1 
ATOM   196 C  "C3'"  . DA  A 1 7  ? 2.398   -5.059  -9.718  1.00 17.87 ? 7   DA  A "C3'"  1 
ATOM   197 O  "O3'"  . DA  A 1 7  ? 2.517   -5.147  -11.130 1.00 20.29 ? 7   DA  A "O3'"  1 
ATOM   198 C  "C2'"  . DA  A 1 7  ? 1.017   -5.157  -9.164  1.00 15.69 ? 7   DA  A "C2'"  1 
ATOM   199 C  "C1'"  . DA  A 1 7  ? 1.282   -5.511  -7.751  1.00 17.56 ? 7   DA  A "C1'"  1 
ATOM   200 N  N9     . DA  A 1 7  ? 1.421   -4.315  -6.907  1.00 16.37 ? 7   DA  A N9     1 
ATOM   201 C  C8     . DA  A 1 7  ? 2.567   -3.670  -6.534  1.00 16.81 ? 7   DA  A C8     1 
ATOM   202 N  N7     . DA  A 1 7  ? 2.374   -2.593  -5.795  1.00 17.67 ? 7   DA  A N7     1 
ATOM   203 C  C5     . DA  A 1 7  ? 1.007   -2.519  -5.710  1.00 14.38 ? 7   DA  A C5     1 
ATOM   204 C  C6     . DA  A 1 7  ? 0.144   -1.606  -5.075  1.00 15.36 ? 7   DA  A C6     1 
ATOM   205 N  N6     . DA  A 1 7  ? 0.495   -0.525  -4.347  1.00 16.46 ? 7   DA  A N6     1 
ATOM   206 N  N1     . DA  A 1 7  ? -1.190  -1.853  -5.205  1.00 14.96 ? 7   DA  A N1     1 
ATOM   207 C  C2     . DA  A 1 7  ? -1.607  -2.906  -5.907  1.00 14.84 ? 7   DA  A C2     1 
ATOM   208 N  N3     . DA  A 1 7  ? -0.883  -3.823  -6.546  1.00 14.51 ? 7   DA  A N3     1 
ATOM   209 C  C4     . DA  A 1 7  ? 0.412   -3.555  -6.405  1.00 15.01 ? 7   DA  A C4     1 
ATOM   210 H  "H5'"  . DA  A 1 7  ? 4.795   -7.196  -8.588  1.00 28.09 ? 7   DA  A "H5'"  1 
ATOM   211 H  "H5''" . DA  A 1 7  ? 4.866   -6.451  -9.970  1.00 28.09 ? 7   DA  A "H5''" 1 
ATOM   212 H  "H4'"  . DA  A 1 7  ? 2.646   -7.094  -9.512  1.00 21.55 ? 7   DA  A "H4'"  1 
ATOM   213 H  "H3'"  . DA  A 1 7  ? 2.841   -4.249  -9.388  1.00 21.44 ? 7   DA  A "H3'"  1 
ATOM   214 H  "H2'"  . DA  A 1 7  ? 0.546   -4.312  -9.235  1.00 18.83 ? 7   DA  A "H2'"  1 
ATOM   215 H  "H2''" . DA  A 1 7  ? 0.504   -5.848  -9.612  1.00 18.83 ? 7   DA  A "H2''" 1 
ATOM   216 H  "H1'"  . DA  A 1 7  ? 0.568   -6.087  -7.405  1.00 21.07 ? 7   DA  A "H1'"  1 
ATOM   217 H  H8     . DA  A 1 7  ? 3.414   -3.965  -6.781  1.00 20.18 ? 7   DA  A H8     1 
ATOM   218 H  H61    . DA  A 1 7  ? -0.113  -0.031  -3.991  1.00 19.76 ? 7   DA  A H61    1 
ATOM   219 H  H62    . DA  A 1 7  ? 1.325   -0.331  -4.238  1.00 19.76 ? 7   DA  A H62    1 
ATOM   220 H  H2     . DA  A 1 7  ? -2.530  -3.014  -5.960  1.00 17.81 ? 7   DA  A H2     1 
ATOM   221 P  P      . DC  A 1 8  ? 2.518   -3.846  -12.077 1.00 20.02 ? 8   DC  A P      1 
ATOM   222 O  OP1    . DC  A 1 8  ? 2.796   -4.345  -13.437 1.00 25.88 ? 8   DC  A OP1    1 
ATOM   223 O  OP2    . DC  A 1 8  ? 3.384   -2.813  -11.479 1.00 24.79 ? 8   DC  A OP2    1 
ATOM   224 O  "O5'"  . DC  A 1 8  ? 0.997   -3.332  -11.993 1.00 16.91 ? 8   DC  A "O5'"  1 
ATOM   225 C  "C5'"  . DC  A 1 8  ? -0.048  -4.135  -12.544 1.00 17.69 ? 8   DC  A "C5'"  1 
ATOM   226 C  "C4'"  . DC  A 1 8  ? -1.382  -3.516  -12.114 1.00 14.24 ? 8   DC  A "C4'"  1 
ATOM   227 O  "O4'"  . DC  A 1 8  ? -1.446  -3.487  -10.659 1.00 13.75 ? 8   DC  A "O4'"  1 
ATOM   228 C  "C3'"  . DC  A 1 8  ? -1.694  -2.077  -12.470 1.00 13.90 ? 8   DC  A "C3'"  1 
ATOM   229 O  "O3'"  . DC  A 1 8  ? -2.078  -2.023  -13.838 1.00 14.46 ? 8   DC  A "O3'"  1 
ATOM   230 C  "C2'"  . DC  A 1 8  ? -2.771  -1.750  -11.445 1.00 13.70 ? 8   DC  A "C2'"  1 
ATOM   231 C  "C1'"  . DC  A 1 8  ? -2.261  -2.422  -10.232 1.00 13.02 ? 8   DC  A "C1'"  1 
ATOM   232 N  N1     . DC  A 1 8  ? -1.432  -1.469  -9.418  1.00 13.13 ? 8   DC  A N1     1 
ATOM   233 C  C2     . DC  A 1 8  ? -2.164  -0.565  -8.639  1.00 12.57 ? 8   DC  A C2     1 
ATOM   234 O  O2     . DC  A 1 8  ? -3.428  -0.653  -8.687  1.00 13.97 ? 8   DC  A O2     1 
ATOM   235 N  N3     . DC  A 1 8  ? -1.481  0.333   -7.898  1.00 13.49 ? 8   DC  A N3     1 
ATOM   236 C  C4     . DC  A 1 8  ? -0.145  0.370   -7.911  1.00 14.28 ? 8   DC  A C4     1 
ATOM   237 N  N4     . DC  A 1 8  ? 0.535   1.266   -7.175  1.00 16.97 ? 8   DC  A N4     1 
ATOM   238 C  C5     . DC  A 1 8  ? 0.600   -0.553  -8.721  1.00 15.02 ? 8   DC  A C5     1 
ATOM   239 C  C6     . DC  A 1 8  ? -0.105  -1.410  -9.451  1.00 14.91 ? 8   DC  A C6     1 
ATOM   240 H  "H5'"  . DC  A 1 8  ? 0.020   -5.045  -12.216 1.00 21.23 ? 8   DC  A "H5'"  1 
ATOM   241 H  "H5''" . DC  A 1 8  ? 0.016   -4.151  -13.512 1.00 21.23 ? 8   DC  A "H5''" 1 
ATOM   242 H  "H4'"  . DC  A 1 8  ? -2.109  -4.083  -12.446 1.00 17.09 ? 8   DC  A "H4'"  1 
ATOM   243 H  "H3'"  . DC  A 1 8  ? -0.906  -1.515  -12.320 1.00 16.68 ? 8   DC  A "H3'"  1 
ATOM   244 H  "H2'"  . DC  A 1 8  ? -2.851  -0.793  -11.311 1.00 16.44 ? 8   DC  A "H2'"  1 
ATOM   245 H  "H2''" . DC  A 1 8  ? -3.632  -2.107  -11.711 1.00 16.44 ? 8   DC  A "H2''" 1 
ATOM   246 H  "H1'"  . DC  A 1 8  ? -3.008  -2.762  -9.697  1.00 15.62 ? 8   DC  A "H1'"  1 
ATOM   247 H  H41    . DC  A 1 8  ? 0.111   1.829   -6.682  1.00 20.37 ? 8   DC  A H41    1 
ATOM   248 H  H42    . DC  A 1 8  ? 1.395   1.276   -7.195  1.00 20.37 ? 8   DC  A H42    1 
ATOM   249 H  H5     . DC  A 1 8  ? 1.530   -0.553  -8.732  1.00 18.02 ? 8   DC  A H5     1 
ATOM   250 H  H6     . DC  A 1 8  ? 0.350   -1.995  -10.011 1.00 17.89 ? 8   DC  A H6     1 
ATOM   251 P  P      . DG  A 1 9  ? -2.076  -0.668  -14.678 1.00 15.37 ? 9   DG  A P      1 
ATOM   252 O  OP1    . DG  A 1 9  ? -2.486  -1.040  -16.017 1.00 17.75 ? 9   DG  A OP1    1 
ATOM   253 O  OP2    . DG  A 1 9  ? -0.774  0.071   -14.473 1.00 18.31 ? 9   DG  A OP2    1 
ATOM   254 O  "O5'"  . DG  A 1 9  ? -3.174  0.238   -13.983 1.00 13.93 ? 9   DG  A "O5'"  1 
ATOM   255 C  "C5'"  . DG  A 1 9  ? -4.554  -0.027  -14.187 1.00 14.01 ? 9   DG  A "C5'"  1 
ATOM   256 C  "C4'"  . DG  A 1 9  ? -5.348  1.033   -13.467 1.00 13.68 ? 9   DG  A "C4'"  1 
ATOM   257 O  "O4'"  . DG  A 1 9  ? -5.091  0.945   -12.024 1.00 14.86 ? 9   DG  A "O4'"  1 
ATOM   258 C  "C3'"  . DG  A 1 9  ? -5.048  2.490   -13.770 1.00 14.98 ? 9   DG  A "C3'"  1 
ATOM   259 O  "O3'"  . DG  A 1 9  ? -5.616  2.871   -15.015 1.00 14.99 ? 9   DG  A "O3'"  1 
ATOM   260 C  "C2'"  . DG  A 1 9  ? -5.676  3.184   -12.590 1.00 14.80 ? 9   DG  A "C2'"  1 
ATOM   261 C  "C1'"  . DG  A 1 9  ? -5.234  2.304   -11.518 1.00 14.74 ? 9   DG  A "C1'"  1 
ATOM   262 N  N9     . DG  A 1 9  ? -3.873  2.587   -10.946 1.00 14.59 ? 9   DG  A N9     1 
ATOM   263 C  C8     . DG  A 1 9  ? -2.662  2.018   -11.061 1.00 14.85 ? 9   DG  A C8     1 
ATOM   264 N  N7     . DG  A 1 9  ? -1.697  2.578   -10.369 1.00 15.54 ? 9   DG  A N7     1 
ATOM   265 C  C5     . DG  A 1 9  ? -2.337  3.634   -9.725  1.00 14.48 ? 9   DG  A C5     1 
ATOM   266 C  C6     . DG  A 1 9  ? -1.851  4.612   -8.823  1.00 14.38 ? 9   DG  A C6     1 
ATOM   267 O  O6     . DG  A 1 9  ? -0.697  4.714   -8.444  1.00 17.24 ? 9   DG  A O6     1 
ATOM   268 N  N1     . DG  A 1 9  ? -2.881  5.491   -8.437  1.00 15.00 ? 9   DG  A N1     1 
ATOM   269 C  C2     . DG  A 1 9  ? -4.179  5.435   -8.834  1.00 14.83 ? 9   DG  A C2     1 
ATOM   270 N  N2     . DG  A 1 9  ? -5.033  6.350   -8.362  1.00 16.67 ? 9   DG  A N2     1 
ATOM   271 N  N3     . DG  A 1 9  ? -4.623  4.525   -9.663  1.00 14.79 ? 9   DG  A N3     1 
ATOM   272 C  C4     . DG  A 1 9  ? -3.676  3.646   -10.057 1.00 14.20 ? 9   DG  A C4     1 
ATOM   273 H  "H5'"  . DG  A 1 9  ? -4.779  -0.905  -13.840 1.00 16.81 ? 9   DG  A "H5'"  1 
ATOM   274 H  "H5''" . DG  A 1 9  ? -4.760  -0.010  -15.134 1.00 16.81 ? 9   DG  A "H5''" 1 
ATOM   275 H  "H4'"  . DG  A 1 9  ? -6.302  0.871   -13.624 1.00 16.42 ? 9   DG  A "H4'"  1 
ATOM   276 H  "H3'"  . DG  A 1 9  ? -4.080  2.643   -13.777 1.00 17.97 ? 9   DG  A "H3'"  1 
ATOM   277 H  "H2'"  . DG  A 1 9  ? -5.336  4.086   -12.480 1.00 17.76 ? 9   DG  A "H2'"  1 
ATOM   278 H  "H2''" . DG  A 1 9  ? -6.644  3.208   -12.659 1.00 17.76 ? 9   DG  A "H2''" 1 
ATOM   279 H  "H1'"  . DG  A 1 9  ? -5.897  2.314   -10.796 1.00 17.69 ? 9   DG  A "H1'"  1 
ATOM   280 H  H8     . DG  A 1 9  ? -2.516  1.272   -11.599 1.00 17.82 ? 9   DG  A H8     1 
ATOM   281 H  H1     . DG  A 1 9  ? -2.668  6.124   -7.896  1.00 18.00 ? 9   DG  A H1     1 
ATOM   282 H  H21    . DG  A 1 9  ? -5.858  6.334   -8.604  1.00 20.00 ? 9   DG  A H21    1 
ATOM   283 H  H22    . DG  A 1 9  ? -4.757  6.955   -7.817  1.00 20.00 ? 9   DG  A H22    1 
ATOM   284 P  P      . DC  A 1 10 ? -4.920  3.973   -15.868 1.00 16.14 ? 10  DC  A P      1 
ATOM   285 O  OP1    . DC  A 1 10 ? -5.673  3.964   -17.098 1.00 20.37 ? 10  DC  A OP1    1 
ATOM   286 O  OP2    . DC  A 1 10 ? -3.451  3.812   -15.925 1.00 17.81 ? 10  DC  A OP2    1 
ATOM   287 O  "O5'"  . DC  A 1 10 ? -5.120  5.315   -15.046 1.00 14.19 ? 10  DC  A "O5'"  1 
ATOM   288 C  "C5'"  . DC  A 1 10 ? -6.427  5.812   -14.841 1.00 14.25 ? 10  DC  A "C5'"  1 
ATOM   289 C  "C4'"  . DC  A 1 10 ? -6.380  7.098   -14.007 1.00 13.93 ? 10  DC  A "C4'"  1 
ATOM   290 O  "O4'"  . DC  A 1 10 ? -5.893  6.831   -12.693 1.00 15.10 ? 10  DC  A "O4'"  1 
ATOM   291 C  "C3'"  . DC  A 1 10 ? -5.458  8.188   -14.507 1.00 13.96 ? 10  DC  A "C3'"  1 
ATOM   292 O  "O3'"  . DC  A 1 10 ? -6.048  8.968   -15.547 1.00 14.51 ? 10  DC  A "O3'"  1 
ATOM   293 C  "C2'"  . DC  A 1 10 ? -5.251  9.002   -13.266 1.00 13.79 ? 10  DC  A "C2'"  1 
ATOM   294 C  "C1'"  . DC  A 1 10 ? -5.151  7.982   -12.197 1.00 13.65 ? 10  DC  A "C1'"  1 
ATOM   295 N  N1     . DC  A 1 10 ? -3.791  7.507   -11.899 1.00 14.13 ? 10  DC  A N1     1 
ATOM   296 C  C2     . DC  A 1 10 ? -3.014  8.294   -11.035 1.00 13.56 ? 10  DC  A C2     1 
ATOM   297 O  O2     . DC  A 1 10 ? -3.519  9.323   -10.556 1.00 14.52 ? 10  DC  A O2     1 
ATOM   298 N  N3     . DC  A 1 10 ? -1.748  7.925   -10.733 1.00 15.55 ? 10  DC  A N3     1 
ATOM   299 C  C4     . DC  A 1 10 ? -1.258  6.813   -11.325 1.00 14.36 ? 10  DC  A C4     1 
ATOM   300 N  N4     . DC  A 1 10 ? -0.011  6.534   -10.967 1.00 16.88 ? 10  DC  A N4     1 
ATOM   301 C  C5     . DC  A 1 10 ? -2.004  6.020   -12.215 1.00 14.91 ? 10  DC  A C5     1 
ATOM   302 C  C6     . DC  A 1 10 ? -3.263  6.399   -12.502 1.00 14.05 ? 10  DC  A C6     1 
ATOM   303 H  "H5'"  . DC  A 1 10 ? -6.960  5.145   -14.381 1.00 17.10 ? 10  DC  A "H5'"  1 
ATOM   304 H  "H5''" . DC  A 1 10 ? -6.844  5.995   -15.698 1.00 17.10 ? 10  DC  A "H5''" 1 
ATOM   305 H  "H4'"  . DC  A 1 10 ? -7.287  7.461   -13.938 1.00 16.71 ? 10  DC  A "H4'"  1 
ATOM   306 H  "H3'"  . DC  A 1 10 ? -4.608  7.805   -14.810 1.00 16.75 ? 10  DC  A "H3'"  1 
ATOM   307 H  "HO3'" . DC  A 1 10 ? -5.463  9.236   -16.055 1.00 21.76 ? 10  DC  A "HO3'" 1 
ATOM   308 H  "H2'"  . DC  A 1 10 ? -4.438  9.527   -13.325 1.00 16.55 ? 10  DC  A "H2'"  1 
ATOM   309 H  "H2''" . DC  A 1 10 ? -6.001  9.597   -13.111 1.00 16.55 ? 10  DC  A "H2''" 1 
ATOM   310 H  "H1'"  . DC  A 1 10 ? -5.569  8.319   -11.378 1.00 16.38 ? 10  DC  A "H1'"  1 
ATOM   311 H  H41    . DC  A 1 10 ? 0.400   7.043   -10.410 1.00 20.26 ? 10  DC  A H41    1 
ATOM   312 H  H42    . DC  A 1 10 ? 0.385   5.844   -11.293 1.00 20.26 ? 10  DC  A H42    1 
ATOM   313 H  H5     . DC  A 1 10 ? -1.639  5.255   -12.595 1.00 17.89 ? 10  DC  A H5     1 
ATOM   314 H  H6     . DC  A 1 10 ? -3.772  5.908   -13.106 1.00 16.86 ? 10  DC  A H6     1 
ATOM   315 O  "O5'"  . DG  B 1 1  ? 3.703   10.781  -2.755  1.00 46.00 ? 111 DG  B "O5'"  1 
ATOM   316 C  "C5'"  . DG  B 1 1  ? 3.619   12.147  -2.438  1.00 33.66 ? 111 DG  B "C5'"  1 
ATOM   317 C  "C4'"  . DG  B 1 1  ? 2.297   12.749  -2.978  1.00 27.32 ? 111 DG  B "C4'"  1 
ATOM   318 O  "O4'"  . DG  B 1 1  ? 2.521   12.959  -4.404  1.00 25.48 ? 111 DG  B "O4'"  1 
ATOM   319 C  "C3'"  . DG  B 1 1  ? 1.073   11.941  -2.849  1.00 25.44 ? 111 DG  B "C3'"  1 
ATOM   320 O  "O3'"  . DG  B 1 1  ? 0.440   12.258  -1.569  1.00 22.22 ? 111 DG  B "O3'"  1 
ATOM   321 C  "C2'"  . DG  B 1 1  ? 0.268   12.361  -4.019  1.00 20.26 ? 111 DG  B "C2'"  1 
ATOM   322 C  "C1'"  . DG  B 1 1  ? 1.258   12.584  -5.048  1.00 23.42 ? 111 DG  B "C1'"  1 
ATOM   323 N  N9     . DG  B 1 1  ? 1.656   11.412  -5.915  1.00 21.57 ? 111 DG  B N9     1 
ATOM   324 C  C8     . DG  B 1 1  ? 2.839   10.720  -6.027  1.00 25.24 ? 111 DG  B C8     1 
ATOM   325 N  N7     . DG  B 1 1  ? 2.837   9.770   -6.881  1.00 23.27 ? 111 DG  B N7     1 
ATOM   326 C  C5     . DG  B 1 1  ? 1.552   9.819   -7.430  1.00 18.64 ? 111 DG  B C5     1 
ATOM   327 C  C6     . DG  B 1 1  ? 0.967   9.012   -8.441  1.00 19.34 ? 111 DG  B C6     1 
ATOM   328 O  O6     . DG  B 1 1  ? 1.462   8.069   -9.066  1.00 19.81 ? 111 DG  B O6     1 
ATOM   329 N  N1     . DG  B 1 1  ? -0.357  9.407   -8.673  1.00 16.24 ? 111 DG  B N1     1 
ATOM   330 C  C2     . DG  B 1 1  ? -0.995  10.424  -8.031  1.00 16.42 ? 111 DG  B C2     1 
ATOM   331 N  N2     . DG  B 1 1  ? -2.256  10.683  -8.373  1.00 15.76 ? 111 DG  B N2     1 
ATOM   332 N  N3     . DG  B 1 1  ? -0.462  11.192  -7.091  1.00 17.50 ? 111 DG  B N3     1 
ATOM   333 C  C4     . DG  B 1 1  ? 0.812   10.843  -6.844  1.00 19.39 ? 111 DG  B C4     1 
ATOM   334 H  "H5'"  . DG  B 1 1  ? 4.373   12.617  -2.826  1.00 40.40 ? 111 DG  B "H5'"  1 
ATOM   335 H  "H5''" . DG  B 1 1  ? 3.656   12.259  -1.475  1.00 40.40 ? 111 DG  B "H5''" 1 
ATOM   336 H  "H4'"  . DG  B 1 1  ? 2.148   13.618  -2.551  1.00 32.79 ? 111 DG  B "H4'"  1 
ATOM   337 H  "H3'"  . DG  B 1 1  ? 1.284   10.986  -2.901  1.00 30.53 ? 111 DG  B "H3'"  1 
ATOM   338 H  "H2'"  . DG  B 1 1  ? -0.356  11.665  -4.280  1.00 24.31 ? 111 DG  B "H2'"  1 
ATOM   339 H  "H2''" . DG  B 1 1  ? -0.225  13.174  -3.829  1.00 24.31 ? 111 DG  B "H2''" 1 
ATOM   340 H  "H1'"  . DG  B 1 1  ? 0.962   13.320  -5.623  1.00 28.11 ? 111 DG  B "H1'"  1 
ATOM   341 H  H8     . DG  B 1 1  ? 3.588   10.929  -5.518  1.00 30.28 ? 111 DG  B H8     1 
ATOM   342 H  H1     . DG  B 1 1  ? -0.801  8.973   -9.269  1.00 19.49 ? 111 DG  B H1     1 
ATOM   343 H  H21    . DG  B 1 1  ? -2.683  11.322  -7.986  1.00 18.91 ? 111 DG  B H21    1 
ATOM   344 H  H22    . DG  B 1 1  ? -2.643  10.211  -8.978  1.00 18.91 ? 111 DG  B H22    1 
ATOM   345 H  "HO5'" . DG  B 1 1  ? 4.053   10.377  -2.133  1.00 69.01 ? 111 DG  B "HO5'" 1 
ATOM   346 P  P      . DC  B 1 2  ? -0.369  11.102  -0.819  1.00 22.52 ? 112 DC  B P      1 
ATOM   347 O  OP1    . DC  B 1 2  ? -0.708  11.635  0.504   1.00 25.68 ? 112 DC  B OP1    1 
ATOM   348 O  OP2    . DC  B 1 2  ? 0.438   9.857   -0.913  1.00 25.72 ? 112 DC  B OP2    1 
ATOM   349 O  "O5'"  . DC  B 1 2  ? -1.647  10.931  -1.739  1.00 21.72 ? 112 DC  B "O5'"  1 
ATOM   350 C  "C5'"  . DC  B 1 2  ? -2.680  11.890  -1.689  1.00 20.43 ? 112 DC  B "C5'"  1 
ATOM   351 C  "C4'"  . DC  B 1 2  ? -3.726  11.417  -2.741  1.00 20.23 ? 112 DC  B "C4'"  1 
ATOM   352 O  "O4'"  . DC  B 1 2  ? -3.037  11.411  -4.088  1.00 19.39 ? 112 DC  B "O4'"  1 
ATOM   353 C  "C3'"  . DC  B 1 2  ? -4.345  10.095  -2.579  1.00 18.96 ? 112 DC  B "C3'"  1 
ATOM   354 O  "O3'"  . DC  B 1 2  ? -5.361  10.170  -1.456  1.00 20.09 ? 112 DC  B "O3'"  1 
ATOM   355 C  "C2'"  . DC  B 1 2  ? -4.844  9.844   -3.973  1.00 18.58 ? 112 DC  B "C2'"  1 
ATOM   356 C  "C1'"  . DC  B 1 2  ? -3.746  10.310  -4.809  1.00 17.95 ? 112 DC  B "C1'"  1 
ATOM   357 N  N1     . DC  B 1 2  ? -2.686  9.304   -5.133  1.00 17.57 ? 112 DC  B N1     1 
ATOM   358 C  C2     . DC  B 1 2  ? -3.002  8.380   -6.140  1.00 16.23 ? 112 DC  B C2     1 
ATOM   359 O  O2     . DC  B 1 2  ? -4.105  8.436   -6.708  1.00 15.57 ? 112 DC  B O2     1 
ATOM   360 N  N3     . DC  B 1 2  ? -2.060  7.464   -6.525  1.00 15.69 ? 112 DC  B N3     1 
ATOM   361 C  C4     . DC  B 1 2  ? -0.907  7.376   -5.876  1.00 16.21 ? 112 DC  B C4     1 
ATOM   362 N  N4     . DC  B 1 2  ? -0.026  6.472   -6.224  1.00 18.90 ? 112 DC  B N4     1 
ATOM   363 C  C5     . DC  B 1 2  ? -0.597  8.301   -4.843  1.00 18.00 ? 112 DC  B C5     1 
ATOM   364 C  C6     . DC  B 1 2  ? -1.480  9.255   -4.506  1.00 18.94 ? 112 DC  B C6     1 
ATOM   365 H  "H5'"  . DC  B 1 2  ? -2.341  12.770  -1.915  1.00 24.52 ? 112 DC  B "H5'"  1 
ATOM   366 H  "H5''" . DC  B 1 2  ? -3.074  11.924  -0.804  1.00 24.52 ? 112 DC  B "H5''" 1 
ATOM   367 H  "H4'"  . DC  B 1 2  ? -4.443  12.083  -2.772  1.00 24.28 ? 112 DC  B "H4'"  1 
ATOM   368 H  "H3'"  . DC  B 1 2  ? -3.655  9.436   -2.354  1.00 22.76 ? 112 DC  B "H3'"  1 
ATOM   369 H  "H2'"  . DC  B 1 2  ? -5.019  8.900   -4.117  1.00 22.29 ? 112 DC  B "H2'"  1 
ATOM   370 H  "H2''" . DC  B 1 2  ? -5.655  10.347  -4.149  1.00 22.29 ? 112 DC  B "H2''" 1 
ATOM   371 H  "H1'"  . DC  B 1 2  ? -4.113  10.664  -5.645  1.00 21.54 ? 112 DC  B "H1'"  1 
ATOM   372 H  H41    . DC  B 1 2  ? -0.195  5.934   -6.874  1.00 22.68 ? 112 DC  B H41    1 
ATOM   373 H  H42    . DC  B 1 2  ? 0.721   6.414   -5.803  1.00 22.68 ? 112 DC  B H42    1 
ATOM   374 H  H5     . DC  B 1 2  ? 0.218   8.244   -4.398  1.00 21.60 ? 112 DC  B H5     1 
ATOM   375 H  H6     . DC  B 1 2  ? -1.268  9.878   -3.849  1.00 22.73 ? 112 DC  B H6     1 
ATOM   376 P  P      . DG  B 1 3  ? -5.552  8.803   -0.598  1.00 22.55 ? 113 DG  B P      1 
ATOM   377 O  OP1    . DG  B 1 3  ? -6.704  9.159   0.297   1.00 28.39 ? 113 DG  B OP1    1 
ATOM   378 O  OP2    . DG  B 1 3  ? -4.269  8.421   -0.111  1.00 27.94 ? 113 DG  B OP2    1 
ATOM   379 O  "O5'"  . DG  B 1 3  ? -6.048  7.710   -1.629  1.00 18.46 ? 113 DG  B "O5'"  1 
ATOM   380 C  "C5'"  . DG  B 1 3  ? -7.368  7.852   -2.169  1.00 18.36 ? 113 DG  B "C5'"  1 
ATOM   381 C  "C4'"  . DG  B 1 3  ? -7.579  6.767   -3.179  1.00 17.99 ? 113 DG  B "C4'"  1 
ATOM   382 O  "O4'"  . DG  B 1 3  ? -6.592  6.965   -4.298  1.00 20.09 ? 113 DG  B "O4'"  1 
ATOM   383 C  "C3'"  . DG  B 1 3  ? -7.346  5.356   -2.792  1.00 16.68 ? 113 DG  B "C3'"  1 
ATOM   384 O  "O3'"  . DG  B 1 3  ? -8.432  4.952   -1.977  1.00 17.19 ? 113 DG  B "O3'"  1 
ATOM   385 C  "C2'"  . DG  B 1 3  ? -7.302  4.741   -4.168  1.00 17.09 ? 113 DG  B "C2'"  1 
ATOM   386 C  "C1'"  . DG  B 1 3  ? -6.458  5.703   -4.923  1.00 16.97 ? 113 DG  B "C1'"  1 
ATOM   387 N  N9     . DG  B 1 3  ? -5.031  5.285   -4.857  1.00 16.57 ? 113 DG  B N9     1 
ATOM   388 C  C8     . DG  B 1 3  ? -4.005  5.816   -4.136  1.00 16.53 ? 113 DG  B C8     1 
ATOM   389 N  N7     . DG  B 1 3  ? -2.849  5.242   -4.252  1.00 16.12 ? 113 DG  B N7     1 
ATOM   390 C  C5     . DG  B 1 3  ? -3.155  4.197   -5.159  1.00 14.69 ? 113 DG  B C5     1 
ATOM   391 C  C6     . DG  B 1 3  ? -2.311  3.171   -5.685  1.00 14.69 ? 113 DG  B C6     1 
ATOM   392 O  O6     . DG  B 1 3  ? -1.097  2.919   -5.539  1.00 15.66 ? 113 DG  B O6     1 
ATOM   393 N  N1     . DG  B 1 3  ? -3.005  2.335   -6.531  1.00 13.92 ? 113 DG  B N1     1 
ATOM   394 C  C2     . DG  B 1 3  ? -4.348  2.441   -6.830  1.00 14.40 ? 113 DG  B C2     1 
ATOM   395 N  N2     . DG  B 1 3  ? -4.868  1.522   -7.677  1.00 14.30 ? 113 DG  B N2     1 
ATOM   396 N  N3     . DG  B 1 3  ? -5.130  3.379   -6.334  1.00 15.68 ? 113 DG  B N3     1 
ATOM   397 C  C4     . DG  B 1 3  ? -4.499  4.235   -5.506  1.00 14.94 ? 113 DG  B C4     1 
ATOM   398 H  "H5'"  . DG  B 1 3  ? -7.465  8.720   -2.589  1.00 22.03 ? 113 DG  B "H5'"  1 
ATOM   399 H  "H5''" . DG  B 1 3  ? -8.027  7.779   -1.460  1.00 22.03 ? 113 DG  B "H5''" 1 
ATOM   400 H  "H4'"  . DG  B 1 3  ? -8.487  6.847   -3.543  1.00 21.59 ? 113 DG  B "H4'"  1 
ATOM   401 H  "H3'"  . DG  B 1 3  ? -6.491  5.250   -2.326  1.00 20.01 ? 113 DG  B "H3'"  1 
ATOM   402 H  "H2'"  . DG  B 1 3  ? -6.897  3.859   -4.146  1.00 20.51 ? 113 DG  B "H2'"  1 
ATOM   403 H  "H2''" . DG  B 1 3  ? -8.190  4.674   -4.552  1.00 20.51 ? 113 DG  B "H2''" 1 
ATOM   404 H  "H1'"  . DG  B 1 3  ? -6.753  5.753   -5.857  1.00 20.37 ? 113 DG  B "H1'"  1 
ATOM   405 H  H8     . DG  B 1 3  ? -4.128  6.557   -3.587  1.00 19.83 ? 113 DG  B H8     1 
ATOM   406 H  H1     . DG  B 1 3  ? -2.566  1.696   -6.904  1.00 16.70 ? 113 DG  B H1     1 
ATOM   407 H  H21    . DG  B 1 3  ? -5.701  1.555   -7.889  1.00 17.17 ? 113 DG  B H21    1 
ATOM   408 H  H22    . DG  B 1 3  ? -4.365  0.906   -8.005  1.00 17.17 ? 113 DG  B H22    1 
ATOM   409 P  P      . DT  B 1 4  ? -8.280  3.740   -0.920  1.00 17.55 ? 114 DT  B P      1 
ATOM   410 O  OP1    . DT  B 1 4  ? -9.572  3.734   -0.255  1.00 20.42 ? 114 DT  B OP1    1 
ATOM   411 O  OP2    . DT  B 1 4  ? -7.006  3.942   -0.215  1.00 19.99 ? 114 DT  B OP2    1 
ATOM   412 O  "O5'"  . DT  B 1 4  ? -8.081  2.487   -1.853  1.00 17.12 ? 114 DT  B "O5'"  1 
ATOM   413 C  "C5'"  . DT  B 1 4  ? -9.155  2.025   -2.651  1.00 18.72 ? 114 DT  B "C5'"  1 
ATOM   414 C  "C4'"  . DT  B 1 4  ? -8.706  0.789   -3.436  1.00 17.75 ? 114 DT  B "C4'"  1 
ATOM   415 O  "O4'"  . DT  B 1 4  ? -7.634  1.226   -4.377  1.00 17.19 ? 114 DT  B "O4'"  1 
ATOM   416 C  "C3'"  . DT  B 1 4  ? -8.113  -0.355  -2.696  1.00 19.02 ? 114 DT  B "C3'"  1 
ATOM   417 O  "O3'"  . DT  B 1 4  ? -9.177  -1.133  -2.028  1.00 23.20 ? 114 DT  B "O3'"  1 
ATOM   418 C  "C2'"  . DT  B 1 4  ? -7.383  -1.045  -3.798  1.00 18.43 ? 114 DT  B "C2'"  1 
ATOM   419 C  "C1'"  . DT  B 1 4  ? -6.816  0.068   -4.594  1.00 15.93 ? 114 DT  B "C1'"  1 
ATOM   420 N  N1     . DT  B 1 4  ? -5.426  0.396   -4.165  1.00 15.03 ? 114 DT  B N1     1 
ATOM   421 C  C2     . DT  B 1 4  ? -4.430  -0.415  -4.660  1.00 14.16 ? 114 DT  B C2     1 
ATOM   422 O  O2     . DT  B 1 4  ? -4.676  -1.328  -5.439  1.00 15.75 ? 114 DT  B O2     1 
ATOM   423 N  N3     . DT  B 1 4  ? -3.163  -0.127  -4.194  1.00 14.48 ? 114 DT  B N3     1 
ATOM   424 C  C4     . DT  B 1 4  ? -2.827  0.840   -3.282  1.00 14.55 ? 114 DT  B C4     1 
ATOM   425 O  O4     . DT  B 1 4  ? -1.658  0.982   -2.978  1.00 16.05 ? 114 DT  B O4     1 
ATOM   426 C  C5     . DT  B 1 4  ? -3.925  1.646   -2.782  1.00 14.85 ? 114 DT  B C5     1 
ATOM   427 C  C7     . DT  B 1 4  ? -3.739  2.736   -1.761  1.00 17.54 ? 114 DT  B C7     1 
ATOM   428 C  C6     . DT  B 1 4  ? -5.121  1.327   -3.235  1.00 15.12 ? 114 DT  B C6     1 
ATOM   429 H  "H5'"  . DT  B 1 4  ? -9.432  2.722   -3.266  1.00 22.46 ? 114 DT  B "H5'"  1 
ATOM   430 H  "H5''" . DT  B 1 4  ? -9.912  1.800   -2.087  1.00 22.46 ? 114 DT  B "H5''" 1 
ATOM   431 H  "H4'"  . DT  B 1 4  ? -9.467  0.461   -3.960  1.00 21.30 ? 114 DT  B "H4'"  1 
ATOM   432 H  "H3'"  . DT  B 1 4  ? -7.474  -0.024  -2.029  1.00 22.83 ? 114 DT  B "H3'"  1 
ATOM   433 H  "H2'"  . DT  B 1 4  ? -6.681  -1.614  -3.446  1.00 22.12 ? 114 DT  B "H2'"  1 
ATOM   434 H  "H2''" . DT  B 1 4  ? -7.988  -1.583  -4.332  1.00 22.12 ? 114 DT  B "H2''" 1 
ATOM   435 H  "H1'"  . DT  B 1 4  ? -6.822  -0.169  -5.546  1.00 19.11 ? 114 DT  B "H1'"  1 
ATOM   436 H  H3     . DT  B 1 4  ? -2.519  -0.604  -4.506  1.00 17.38 ? 114 DT  B H3     1 
ATOM   437 H  H6     . DT  B 1 4  ? -5.837  1.798   -2.873  1.00 18.15 ? 114 DT  B H6     1 
ATOM   438 P  P      . DA  B 1 5  ? -8.731  -2.070  -0.768  1.00 27.73 ? 115 DA  B P      1 
ATOM   439 O  OP1    . DA  B 1 5  ? -10.029 -2.556  -0.261  1.00 37.64 ? 115 DA  B OP1    1 
ATOM   440 O  OP2    . DA  B 1 5  ? -7.862  -1.214  0.010   1.00 30.90 ? 115 DA  B OP2    1 
ATOM   441 O  "O5'"  . DA  B 1 5  ? -7.899  -3.176  -1.509  1.00 21.35 ? 115 DA  B "O5'"  1 
ATOM   442 C  "C5'"  . DA  B 1 5  ? -8.539  -4.123  -2.371  1.00 23.90 ? 115 DA  B "C5'"  1 
ATOM   443 C  "C4'"  . DA  B 1 5  ? -7.428  -5.048  -2.879  1.00 19.37 ? 115 DA  B "C4'"  1 
ATOM   444 O  "O4'"  . DA  B 1 5  ? -6.413  -4.266  -3.572  1.00 18.31 ? 115 DA  B "O4'"  1 
ATOM   445 C  "C3'"  . DA  B 1 5  ? -6.631  -5.809  -1.866  1.00 19.24 ? 115 DA  B "C3'"  1 
ATOM   446 O  "O3'"  . DA  B 1 5  ? -7.433  -6.927  -1.383  1.00 21.88 ? 115 DA  B "O3'"  1 
ATOM   447 C  "C2'"  . DA  B 1 5  ? -5.442  -6.191  -2.652  1.00 17.32 ? 115 DA  B "C2'"  1 
ATOM   448 C  "C1'"  . DA  B 1 5  ? -5.120  -4.977  -3.353  1.00 16.53 ? 115 DA  B "C1'"  1 
ATOM   449 N  N9     . DA  B 1 5  ? -4.295  -3.937  -2.685  1.00 14.92 ? 115 DA  B N9     1 
ATOM   450 C  C8     . DA  B 1 5  ? -4.648  -2.804  -2.018  1.00 16.76 ? 115 DA  B C8     1 
ATOM   451 N  N7     . DA  B 1 5  ? -3.604  -2.153  -1.614  1.00 15.77 ? 115 DA  B N7     1 
ATOM   452 C  C5     . DA  B 1 5  ? -2.511  -2.881  -2.039  1.00 14.90 ? 115 DA  B C5     1 
ATOM   453 C  C6     . DA  B 1 5  ? -1.150  -2.686  -1.932  1.00 14.76 ? 115 DA  B C6     1 
ATOM   454 N  N6     . DA  B 1 5  ? -0.597  -1.659  -1.306  1.00 15.79 ? 115 DA  B N6     1 
ATOM   455 N  N1     . DA  B 1 5  ? -0.361  -3.654  -2.503  1.00 15.50 ? 115 DA  B N1     1 
ATOM   456 C  C2     . DA  B 1 5  ? -0.883  -4.676  -3.116  1.00 16.49 ? 115 DA  B C2     1 
ATOM   457 N  N3     . DA  B 1 5  ? -2.160  -4.955  -3.277  1.00 16.09 ? 115 DA  B N3     1 
ATOM   458 C  C4     . DA  B 1 5  ? -2.916  -4.003  -2.728  1.00 14.83 ? 115 DA  B C4     1 
ATOM   459 H  "H5'"  . DA  B 1 5  ? -8.970  -3.671  -3.113  1.00 28.69 ? 115 DA  B "H5'"  1 
ATOM   460 H  "H5''" . DA  B 1 5  ? -9.208  -4.629  -1.884  1.00 28.69 ? 115 DA  B "H5''" 1 
ATOM   461 H  "H4'"  . DA  B 1 5  ? -7.818  -5.685  -3.513  1.00 23.24 ? 115 DA  B "H4'"  1 
ATOM   462 H  "H3'"  . DA  B 1 5  ? -6.376  -5.224  -1.122  1.00 23.08 ? 115 DA  B "H3'"  1 
ATOM   463 H  "H2'"  . DA  B 1 5  ? -4.714  -6.467  -2.075  1.00 20.78 ? 115 DA  B "H2'"  1 
ATOM   464 H  "H2''" . DA  B 1 5  ? -5.647  -6.909  -3.271  1.00 20.78 ? 115 DA  B "H2''" 1 
ATOM   465 H  "H1'"  . DA  B 1 5  ? -4.721  -5.199  -4.220  1.00 19.84 ? 115 DA  B "H1'"  1 
ATOM   466 H  H8     . DA  B 1 5  ? -5.524  -2.532  -1.872  1.00 20.11 ? 115 DA  B H8     1 
ATOM   467 H  H61    . DA  B 1 5  ? 0.260   -1.596  -1.256  1.00 18.95 ? 115 DA  B H61    1 
ATOM   468 H  H62    . DA  B 1 5  ? -1.094  -1.054  -0.950  1.00 18.95 ? 115 DA  B H62    1 
ATOM   469 H  H2     . DA  B 1 5  ? -0.282  -5.282  -3.485  1.00 19.79 ? 115 DA  B H2     1 
HETATM 470 P  P      . UMS B 1 6  ? -7.245  -7.464  0.135   1.00 22.02 ? 116 UMS B P      1 
HETATM 471 O  OP1    . UMS B 1 6  ? -8.408  -8.358  0.382   1.00 28.20 ? 116 UMS B OP1    1 
HETATM 472 O  OP2    . UMS B 1 6  ? -7.077  -6.333  1.021   1.00 27.62 ? 116 UMS B OP2    1 
HETATM 473 O  "O5'"  . UMS B 1 6  ? -5.882  -8.301  0.077   1.00 20.35 ? 116 UMS B "O5'"  1 
HETATM 474 C  "C5'"  . UMS B 1 6  ? -5.800  -9.552  -0.815  1.00 19.74 ? 116 UMS B "C5'"  1 
HETATM 475 C  "C4'"  . UMS B 1 6  ? -4.431  -9.975  -0.741  1.00 19.65 ? 116 UMS B "C4'"  1 
HETATM 476 O  "O4'"  . UMS B 1 6  ? -3.559  -8.928  -1.394  1.00 18.04 ? 116 UMS B "O4'"  1 
HETATM 477 C  "C3'"  . UMS B 1 6  ? -3.684  -10.032 0.597   1.00 24.18 ? 116 UMS B "C3'"  1 
HETATM 478 O  "O3'"  . UMS B 1 6  ? -4.056  -11.204 1.302   1.00 27.47 ? 116 UMS B "O3'"  1 
HETATM 479 C  "C2'"  . UMS B 1 6  ? -2.205  -10.016 0.287   1.00 22.55 ? 116 UMS B "C2'"  1 
HETATM 480 SE "SE2'" . UMS B 1 6  ? -1.743  -11.754 -0.597  1.00 35.15 ? 116 UMS B "SE2'" 1 
HETATM 481 C  "C1'"  . UMS B 1 6  ? -2.268  -8.981  -0.802  1.00 20.76 ? 116 UMS B "C1'"  1 
HETATM 482 C  "CA'"  . UMS B 1 6  ? 0.254   -11.403 -0.543  1.00 26.47 ? 116 UMS B "CA'"  1 
HETATM 483 N  N1     . UMS B 1 6  ? -1.991  -7.587  -0.293  1.00 18.38 ? 116 UMS B N1     1 
HETATM 484 C  C2     . UMS B 1 6  ? -0.692  -7.201  -0.233  1.00 16.99 ? 116 UMS B C2     1 
HETATM 485 O  O2     . UMS B 1 6  ? 0.243   -7.902  -0.547  1.00 20.09 ? 116 UMS B O2     1 
HETATM 486 N  N3     . UMS B 1 6  ? -0.564  -5.897  0.192   1.00 16.38 ? 116 UMS B N3     1 
HETATM 487 C  C4     . UMS B 1 6  ? -1.479  -4.991  0.588   1.00 16.01 ? 116 UMS B C4     1 
HETATM 488 O  O4     . UMS B 1 6  ? -1.154  -3.862  0.987   1.00 17.46 ? 116 UMS B O4     1 
HETATM 489 C  C5     . UMS B 1 6  ? -2.829  -5.492  0.504   1.00 17.91 ? 116 UMS B C5     1 
HETATM 490 C  C6     . UMS B 1 6  ? -3.047  -6.768  0.055   1.00 17.56 ? 116 UMS B C6     1 
HETATM 491 H  "H5'"  . UMS B 1 6  ? -6.392  -10.247 -0.486  1.00 23.69 ? 116 UMS B "H5'"  1 
HETATM 492 H  "H5'2" . UMS B 1 6  ? -6.045  -9.339  -1.729  1.00 23.69 ? 116 UMS B "H5'2" 1 
HETATM 493 H  "H4'"  . UMS B 1 6  ? -4.326  -10.827 -1.211  1.00 23.58 ? 116 UMS B "H4'"  1 
HETATM 494 H  "H3'"  . UMS B 1 6  ? -3.913  -9.244  1.131   1.00 29.01 ? 116 UMS B "H3'"  1 
HETATM 495 H  "H2'"  . UMS B 1 6  ? -1.632  -9.778  1.046   1.00 27.06 ? 116 UMS B "H2'"  1 
HETATM 496 H  "H1'"  . UMS B 1 6  ? -1.609  -9.204  -1.493  1.00 24.92 ? 116 UMS B "H1'"  1 
HETATM 497 H  "HA'"  . UMS B 1 6  ? 0.721   -12.145 -0.935  1.00 39.70 ? 116 UMS B "HA'"  1 
HETATM 498 H  "HA'2" . UMS B 1 6  ? 0.535   -11.295 0.368   1.00 39.70 ? 116 UMS B "HA'2" 1 
HETATM 499 H  "HA'3" . UMS B 1 6  ? 0.452   -10.604 -1.036  1.00 39.70 ? 116 UMS B "HA'3" 1 
HETATM 500 H  H3     . UMS B 1 6  ? 0.246   -5.609  0.209   1.00 19.65 ? 116 UMS B H3     1 
HETATM 501 H  H5     . UMS B 1 6  ? -3.545  -4.953  0.751   1.00 21.50 ? 116 UMS B H5     1 
HETATM 502 H  H6     . UMS B 1 6  ? -3.918  -7.088  -0.014  1.00 21.07 ? 116 UMS B H6     1 
ATOM   503 P  P      . DA  B 1 7  ? -4.104  -11.259 2.921   1.00 34.49 ? 117 DA  B P      1 
ATOM   504 O  OP1    . DA  B 1 7  ? -4.606  -12.555 3.329   1.00 47.66 ? 117 DA  B OP1    1 
ATOM   505 O  OP2    . DA  B 1 7  ? -4.856  -10.066 3.359   1.00 47.27 ? 117 DA  B OP2    1 
ATOM   506 O  "O5'"  . DA  B 1 7  ? -2.583  -10.950 3.313   1.00 30.98 ? 117 DA  B "O5'"  1 
ATOM   507 C  "C5'"  . DA  B 1 7  ? -1.933  -12.099 3.685   1.00 32.80 ? 117 DA  B "C5'"  1 
ATOM   508 C  "C4'"  . DA  B 1 7  ? -0.461  -11.754 3.806   1.00 26.12 ? 117 DA  B "C4'"  1 
ATOM   509 O  "O4'"  . DA  B 1 7  ? -0.136  -10.756 2.807   1.00 26.83 ? 117 DA  B "O4'"  1 
ATOM   510 C  "C3'"  . DA  B 1 7  ? -0.012  -11.110 5.079   1.00 27.11 ? 117 DA  B "C3'"  1 
ATOM   511 O  "O3'"  . DA  B 1 7  ? -0.065  -12.118 6.139   1.00 24.56 ? 117 DA  B "O3'"  1 
ATOM   512 C  "C2'"  . DA  B 1 7  ? 1.316   -10.627 4.617   1.00 23.35 ? 117 DA  B "C2'"  1 
ATOM   513 C  "C1'"  . DA  B 1 7  ? 1.017   -10.020 3.312   1.00 23.33 ? 117 DA  B "C1'"  1 
ATOM   514 N  N9     . DA  B 1 7  ? 0.605   -8.610  3.360   1.00 20.59 ? 117 DA  B N9     1 
ATOM   515 C  C8     . DA  B 1 7  ? -0.612  -8.026  3.331   1.00 20.85 ? 117 DA  B C8     1 
ATOM   516 N  N7     . DA  B 1 7  ? -0.599  -6.716  3.408   1.00 18.05 ? 117 DA  B N7     1 
ATOM   517 C  C5     . DA  B 1 7  ? 0.742   -6.405  3.526   1.00 17.03 ? 117 DA  B C5     1 
ATOM   518 C  C6     . DA  B 1 7  ? 1.449   -5.192  3.662   1.00 15.12 ? 117 DA  B C6     1 
ATOM   519 N  N6     . DA  B 1 7  ? 0.853   -4.030  3.690   1.00 14.77 ? 117 DA  B N6     1 
ATOM   520 N  N1     . DA  B 1 7  ? 2.815   -5.247  3.758   1.00 15.57 ? 117 DA  B N1     1 
ATOM   521 C  C2     . DA  B 1 7  ? 3.394   -6.457  3.712   1.00 18.15 ? 117 DA  B C2     1 
ATOM   522 N  N3     . DA  B 1 7  ? 2.847   -7.681  3.586   1.00 19.10 ? 117 DA  B N3     1 
ATOM   523 C  C4     . DA  B 1 7  ? 1.510   -7.573  3.498   1.00 18.81 ? 117 DA  B C4     1 
ATOM   524 H  "H5'"  . DA  B 1 7  ? -2.063  -12.792 3.019   1.00 39.36 ? 117 DA  B "H5'"  1 
ATOM   525 H  "H5''" . DA  B 1 7  ? -2.274  -12.419 4.535   1.00 39.36 ? 117 DA  B "H5''" 1 
ATOM   526 H  "H4'"  . DA  B 1 7  ? 0.073   -12.559 3.645   1.00 31.34 ? 117 DA  B "H4'"  1 
ATOM   527 H  "H3'"  . DA  B 1 7  ? -0.592  -10.352 5.301   1.00 32.54 ? 117 DA  B "H3'"  1 
ATOM   528 H  "H2'"  . DA  B 1 7  ? 1.684   -9.973  5.231   1.00 28.02 ? 117 DA  B "H2'"  1 
ATOM   529 H  "H2''" . DA  B 1 7  ? 1.943   -11.362 4.524   1.00 28.02 ? 117 DA  B "H2''" 1 
ATOM   530 H  "H1'"  . DA  B 1 7  ? 1.779   -10.128 2.706   1.00 28.00 ? 117 DA  B "H1'"  1 
ATOM   531 H  H8     . DA  B 1 7  ? -1.398  -8.517  3.261   1.00 25.02 ? 117 DA  B H8     1 
ATOM   532 H  H61    . DA  B 1 7  ? 1.317   -3.311  3.767   1.00 17.73 ? 117 DA  B H61    1 
ATOM   533 H  H62    . DA  B 1 7  ? -0.004  -3.986  3.631   1.00 17.73 ? 117 DA  B H62    1 
ATOM   534 H  H2     . DA  B 1 7  ? 4.321   -6.448  3.775   1.00 21.78 ? 117 DA  B H2     1 
ATOM   535 P  P      . DC  B 1 8  ? -0.400  -11.715 7.685   1.00 24.77 ? 118 DC  B P      1 
ATOM   536 O  OP1    . DC  B 1 8  ? -0.325  -13.026 8.344   1.00 30.72 ? 118 DC  B OP1    1 
ATOM   537 O  OP2    . DC  B 1 8  ? -1.580  -10.863 7.618   1.00 31.10 ? 118 DC  B OP2    1 
ATOM   538 O  "O5'"  . DC  B 1 8  ? 0.879   -10.832 8.093   1.00 18.10 ? 118 DC  B "O5'"  1 
ATOM   539 C  "C5'"  . DC  B 1 8  ? 2.148   -11.445 8.117   1.00 18.27 ? 118 DC  B "C5'"  1 
ATOM   540 C  "C4'"  . DC  B 1 8  ? 3.169   -10.361 8.312   1.00 17.05 ? 118 DC  B "C4'"  1 
ATOM   541 O  "O4'"  . DC  B 1 8  ? 3.095   -9.440  7.162   1.00 16.22 ? 118 DC  B "O4'"  1 
ATOM   542 C  "C3'"  . DC  B 1 8  ? 3.012   -9.451  9.483   1.00 17.30 ? 118 DC  B "C3'"  1 
ATOM   543 O  "O3'"  . DC  B 1 8  ? 3.629   -10.210 10.550  1.00 20.38 ? 118 DC  B "O3'"  1 
ATOM   544 C  "C2'"  . DC  B 1 8  ? 3.697   -8.208  9.071   1.00 15.95 ? 118 DC  B "C2'"  1 
ATOM   545 C  "C1'"  . DC  B 1 8  ? 3.420   -8.118  7.602   1.00 15.32 ? 118 DC  B "C1'"  1 
ATOM   546 N  N1     . DC  B 1 8  ? 2.279   -7.245  7.304   1.00 14.52 ? 118 DC  B N1     1 
ATOM   547 C  C2     . DC  B 1 8  ? 2.562   -5.854  7.193   1.00 13.49 ? 118 DC  B C2     1 
ATOM   548 O  O2     . DC  B 1 8  ? 3.734   -5.511  7.331   1.00 14.92 ? 118 DC  B O2     1 
ATOM   549 N  N3     . DC  B 1 8  ? 1.540   -4.979  6.972   1.00 13.34 ? 118 DC  B N3     1 
ATOM   550 C  C4     . DC  B 1 8  ? 0.291   -5.438  6.867   1.00 14.12 ? 118 DC  B C4     1 
ATOM   551 N  N4     . DC  B 1 8  ? -0.694  -4.551  6.641   1.00 15.03 ? 118 DC  B N4     1 
ATOM   552 C  C5     . DC  B 1 8  ? -0.021  -6.797  7.028   1.00 15.86 ? 118 DC  B C5     1 
ATOM   553 C  C6     . DC  B 1 8  ? 0.998   -7.637  7.234   1.00 15.26 ? 118 DC  B C6     1 
ATOM   554 H  "H5'"  . DC  B 1 8  ? 2.311   -11.914 7.283   1.00 21.92 ? 118 DC  B "H5'"  1 
ATOM   555 H  "H5''" . DC  B 1 8  ? 2.198   -12.086 8.844   1.00 21.92 ? 118 DC  B "H5''" 1 
ATOM   556 H  "H4'"  . DC  B 1 8  ? 4.063   -10.765 8.339   1.00 20.46 ? 118 DC  B "H4'"  1 
ATOM   557 H  "H3'"  . DC  B 1 8  ? 2.064   -9.284  9.673   1.00 20.76 ? 118 DC  B "H3'"  1 
ATOM   558 H  "H2'"  . DC  B 1 8  ? 3.337   -7.440  9.540   1.00 19.14 ? 118 DC  B "H2'"  1 
ATOM   559 H  "H2''" . DC  B 1 8  ? 4.651   -8.264  9.241   1.00 19.14 ? 118 DC  B "H2''" 1 
ATOM   560 H  "H1'"  . DC  B 1 8  ? 4.217   -7.797  7.131   1.00 18.39 ? 118 DC  B "H1'"  1 
ATOM   561 H  H41    . DC  B 1 8  ? -0.511  -3.714  6.569   1.00 18.04 ? 118 DC  B H41    1 
ATOM   562 H  H42    . DC  B 1 8  ? -1.507  -4.821  6.569   1.00 18.04 ? 118 DC  B H42    1 
ATOM   563 H  H5     . DC  B 1 8  ? -0.900  -7.100  6.992   1.00 19.03 ? 118 DC  B H5     1 
ATOM   564 H  H6     . DC  B 1 8  ? 0.809   -8.542  7.335   1.00 18.31 ? 118 DC  B H6     1 
ATOM   565 P  P      . DG  B 1 9  ? 3.552   -9.770  12.033  1.00 25.35 ? 119 DG  B P      1 
ATOM   566 O  OP1    . DG  B 1 9  ? 4.376   -10.741 12.844  1.00 32.28 ? 119 DG  B OP1    1 
ATOM   567 O  OP2    . DG  B 1 9  ? 2.161   -9.420  12.331  1.00 28.95 ? 119 DG  B OP2    1 
ATOM   568 O  "O5'"  . DG  B 1 9  ? 4.437   -8.412  12.028  1.00 23.98 ? 119 DG  B "O5'"  1 
ATOM   569 C  "C5'"  . DG  B 1 9  ? 4.049   -7.440  12.866  1.00 25.01 ? 119 DG  B "C5'"  1 
ATOM   570 C  "C4'"  . DG  B 1 9  ? 4.787   -6.173  12.436  1.00 14.78 ? 119 DG  B "C4'"  1 
ATOM   571 O  "O4'"  . DG  B 1 9  ? 4.427   -5.740  11.131  1.00 15.41 ? 119 DG  B "O4'"  1 
ATOM   572 C  "C3'"  . DG  B 1 9  ? 4.439   -5.004  13.329  1.00 15.28 ? 119 DG  B "C3'"  1 
ATOM   573 O  "O3'"  . DG  B 1 9  ? 5.351   -5.048  14.464  1.00 16.15 ? 119 DG  B "O3'"  1 
ATOM   574 C  "C2'"  . DG  B 1 9  ? 4.610   -3.806  12.519  1.00 14.65 ? 119 DG  B "C2'"  1 
ATOM   575 C  "C1'"  . DG  B 1 9  ? 4.234   -4.250  11.225  1.00 14.54 ? 119 DG  B "C1'"  1 
ATOM   576 N  N9     . DG  B 1 9  ? 2.826   -4.069  10.771  1.00 12.61 ? 119 DG  B N9     1 
ATOM   577 C  C8     . DG  B 1 9  ? 1.889   -4.956  10.435  1.00 13.34 ? 119 DG  B C8     1 
ATOM   578 N  N7     . DG  B 1 9  ? 0.739   -4.449  10.037  1.00 13.74 ? 119 DG  B N7     1 
ATOM   579 C  C5     . DG  B 1 9  ? 0.992   -3.101  10.086  1.00 13.01 ? 119 DG  B C5     1 
ATOM   580 C  C6     . DG  B 1 9  ? 0.184   -1.976  9.774   1.00 12.88 ? 119 DG  B C6     1 
ATOM   581 O  O6     . DG  B 1 9  ? -0.994  -1.928  9.367   1.00 14.05 ? 119 DG  B O6     1 
ATOM   582 N  N1     . DG  B 1 9  ? 0.823   -0.767  9.977   1.00 11.85 ? 119 DG  B N1     1 
ATOM   583 C  C2     . DG  B 1 9  ? 2.109   -0.632  10.449  1.00 11.65 ? 119 DG  B C2     1 
ATOM   584 N  N2     . DG  B 1 9  ? 2.579   0.589   10.598  1.00 12.57 ? 119 DG  B N2     1 
ATOM   585 N  N3     . DG  B 1 9  ? 2.895   -1.659  10.741  1.00 12.23 ? 119 DG  B N3     1 
ATOM   586 C  C4     . DG  B 1 9  ? 2.280   -2.823  10.540  1.00 12.36 ? 119 DG  B C4     1 
ATOM   587 H  "H5'"  . DG  B 1 9  ? 4.276   -7.670  13.780  1.00 30.02 ? 119 DG  B "H5'"  1 
ATOM   588 H  "H5''" . DG  B 1 9  ? 3.089   -7.306  12.809  1.00 30.02 ? 119 DG  B "H5''" 1 
ATOM   589 H  "H4'"  . DG  B 1 9  ? 5.753   -6.333  12.470  1.00 17.73 ? 119 DG  B "H4'"  1 
ATOM   590 H  "H3'"  . DG  B 1 9  ? 3.512   -5.075  13.635  1.00 18.33 ? 119 DG  B "H3'"  1 
ATOM   591 H  "H2'"  . DG  B 1 9  ? 4.034   -3.089  12.826  1.00 17.58 ? 119 DG  B "H2'"  1 
ATOM   592 H  "H2''" . DG  B 1 9  ? 5.532   -3.501  12.532  1.00 17.58 ? 119 DG  B "H2''" 1 
ATOM   593 H  "H1'"  . DG  B 1 9  ? 4.824   -3.822  10.571  1.00 17.45 ? 119 DG  B "H1'"  1 
ATOM   594 H  H8     . DG  B 1 9  ? 2.037   -5.874  10.479  1.00 16.00 ? 119 DG  B H8     1 
ATOM   595 H  H1     . DG  B 1 9  ? 0.386   -0.049  9.795   1.00 14.22 ? 119 DG  B H1     1 
ATOM   596 H  H21    . DG  B 1 9  ? 3.382   0.709   10.880  1.00 15.08 ? 119 DG  B H21    1 
ATOM   597 H  H22    . DG  B 1 9  ? 2.083   1.267   10.414  1.00 15.08 ? 119 DG  B H22    1 
ATOM   598 P  P      . DC  B 1 10 ? 4.847   -4.486  15.893  1.00 17.56 ? 120 DC  B P      1 
ATOM   599 O  OP1    . DC  B 1 10 ? 6.023   -4.687  16.778  1.00 20.78 ? 120 DC  B OP1    1 
ATOM   600 O  OP2    . DC  B 1 10 ? 3.545   -5.109  16.180  1.00 18.88 ? 120 DC  B OP2    1 
ATOM   601 O  "O5'"  . DC  B 1 10 ? 4.593   -2.953  15.705  1.00 15.99 ? 120 DC  B "O5'"  1 
ATOM   602 C  "C5'"  . DC  B 1 10 ? 5.667   -2.036  15.541  1.00 16.60 ? 120 DC  B "C5'"  1 
ATOM   603 C  "C4'"  . DC  B 1 10 ? 5.025   -0.647  15.470  1.00 14.14 ? 120 DC  B "C4'"  1 
ATOM   604 O  "O4'"  . DC  B 1 10 ? 4.229   -0.589  14.233  1.00 14.14 ? 120 DC  B "O4'"  1 
ATOM   605 C  "C3'"  . DC  B 1 10 ? 4.078   -0.250  16.546  1.00 14.57 ? 120 DC  B "C3'"  1 
ATOM   606 O  "O3'"  . DC  B 1 10 ? 4.724   0.319   17.706  1.00 17.66 ? 120 DC  B "O3'"  1 
ATOM   607 C  "C2'"  . DC  B 1 10 ? 3.218   0.783   15.882  1.00 14.52 ? 120 DC  B "C2'"  1 
ATOM   608 C  "C1'"  . DC  B 1 10 ? 3.127   0.399   14.503  1.00 13.73 ? 120 DC  B "C1'"  1 
ATOM   609 N  N1     . DC  B 1 10 ? 1.923   -0.339  14.033  1.00 12.91 ? 120 DC  B N1     1 
ATOM   610 C  C2     . DC  B 1 10 ? 0.887   0.461   13.580  1.00 12.24 ? 120 DC  B C2     1 
ATOM   611 O  O2     . DC  B 1 10 ? 0.971   1.693   13.620  1.00 13.38 ? 120 DC  B O2     1 
ATOM   612 N  N3     . DC  B 1 10 ? -0.241  -0.128  13.107  1.00 14.34 ? 120 DC  B N3     1 
ATOM   613 C  C4     . DC  B 1 10 ? -0.359  -1.464  13.091  1.00 13.56 ? 120 DC  B C4     1 
ATOM   614 N  N4     . DC  B 1 10 ? -1.465  -1.969  12.618  1.00 15.69 ? 120 DC  B N4     1 
ATOM   615 C  C5     . DC  B 1 10 ? 0.688   -2.312  13.597  1.00 13.26 ? 120 DC  B C5     1 
ATOM   616 C  C6     . DC  B 1 10 ? 1.800   -1.685  14.027  1.00 12.97 ? 120 DC  B C6     1 
ATOM   617 H  "H5'"  . DC  B 1 10 ? 6.157   -2.228  14.727  1.00 19.92 ? 120 DC  B "H5'"  1 
ATOM   618 H  "H5''" . DC  B 1 10 ? 6.279   -2.090  16.292  1.00 19.92 ? 120 DC  B "H5''" 1 
ATOM   619 H  "H4'"  . DC  B 1 10 ? 5.736   0.025   15.415  1.00 16.97 ? 120 DC  B "H4'"  1 
ATOM   620 H  "H3'"  . DC  B 1 10 ? 3.532   -1.019  16.811  1.00 17.48 ? 120 DC  B "H3'"  1 
ATOM   621 H  "HO3'" . DC  B 1 10 ? 4.708   -0.223  18.322  1.00 26.49 ? 120 DC  B "HO3'" 1 
ATOM   622 H  "H2'"  . DC  B 1 10 ? 2.337   0.805   16.288  1.00 17.43 ? 120 DC  B "H2'"  1 
ATOM   623 H  "H2''" . DC  B 1 10 ? 3.619   1.663   15.964  1.00 17.43 ? 120 DC  B "H2''" 1 
ATOM   624 H  "H1'"  . DC  B 1 10 ? 3.260   1.190   13.940  1.00 16.48 ? 120 DC  B "H1'"  1 
ATOM   625 H  H41    . DC  B 1 10 ? -2.087  -1.449  12.330  1.00 18.83 ? 120 DC  B H41    1 
ATOM   626 H  H42    . DC  B 1 10 ? -1.573  -2.822  12.593  1.00 18.83 ? 120 DC  B H42    1 
ATOM   627 H  H5     . DC  B 1 10 ? 0.602   -3.238  13.626  1.00 15.92 ? 120 DC  B H5     1 
ATOM   628 H  H6     . DC  B 1 10 ? 2.513   -2.199  14.333  1.00 15.57 ? 120 DC  B H6     1 
HETATM 629 O  O      . HOH C 2 .  ? -6.286  7.629   -17.935 1.00 18.42 ? 702 HOH A O      1 
HETATM 630 O  O      . HOH C 2 .  ? -7.175  5.394   -10.144 1.00 22.13 ? 703 HOH A O      1 
HETATM 631 O  O      . HOH C 2 .  ? 13.538  -1.218  -0.094  1.00 26.28 ? 704 HOH A O      1 
HETATM 632 O  O      . HOH C 2 .  ? 2.793   4.655   11.624  1.00 19.75 ? 705 HOH A O      1 
HETATM 633 O  O      . HOH C 2 .  ? -5.666  1.310   -18.192 1.00 22.93 ? 706 HOH A O      1 
HETATM 634 O  O      . HOH C 2 .  ? 0.705   0.152   2.868   1.00 25.64 ? 707 HOH A O      1 
HETATM 635 O  O      . HOH C 2 .  ? -8.181  2.593   -16.709 1.00 24.72 ? 709 HOH A O      1 
HETATM 636 O  O      . HOH C 2 .  ? -1.340  1.512   4.864   1.00 21.20 ? 710 HOH A O      1 
HETATM 637 O  O      . HOH C 2 .  ? -8.882  9.060   -16.022 1.00 24.49 ? 711 HOH A O      1 
HETATM 638 O  O      . HOH C 2 .  ? -4.599  5.591   -18.868 1.00 23.28 ? 712 HOH A O      1 
HETATM 639 O  O      . HOH C 2 .  ? 13.339  0.997   3.907   1.00 30.79 ? 713 HOH A O      1 
HETATM 640 O  O      . HOH C 2 .  ? 3.397   1.297   -7.209  1.00 26.41 ? 714 HOH A O      1 
HETATM 641 O  O      . HOH C 2 .  ? -4.780  -1.623  -20.214 1.00 26.80 ? 715 HOH A O      1 
HETATM 642 O  O      . HOH C 2 .  ? 7.101   1.079   1.797   1.00 21.23 ? 717 HOH A O      1 
HETATM 643 O  O      . HOH C 2 .  ? 6.338   -7.719  0.241   1.00 26.82 ? 719 HOH A O      1 
HETATM 644 O  O      . HOH C 2 .  ? -1.263  3.034   -14.419 1.00 23.48 ? 720 HOH A O      1 
HETATM 645 O  O      . HOH C 2 .  ? -2.016  4.248   4.465   1.00 22.02 ? 722 HOH A O      1 
HETATM 646 O  O      . HOH C 2 .  ? 1.072   4.185   -12.482 1.00 27.35 ? 723 HOH A O      1 
HETATM 647 O  O      . HOH C 2 .  ? 1.054   2.240   -10.797 1.00 25.24 ? 725 HOH A O      1 
HETATM 648 O  O      . HOH C 2 .  ? -2.098  2.488   -17.937 1.00 32.71 ? 726 HOH A O      1 
HETATM 649 O  O      . HOH C 2 .  ? -1.921  -1.005  4.957   1.00 29.36 ? 729 HOH A O      1 
HETATM 650 O  O      . HOH C 2 .  ? 0.689   4.651   4.888   1.00 22.97 ? 731 HOH A O      1 
HETATM 651 O  O      . HOH C 2 .  ? 1.876   4.084   -8.944  1.00 28.93 ? 732 HOH A O      1 
HETATM 652 O  O      . HOH C 2 .  ? 4.154   -0.476  -5.277  1.00 27.65 ? 734 HOH A O      1 
HETATM 653 O  O      . HOH C 2 .  ? 3.812   0.459   -0.103  1.00 32.19 ? 735 HOH A O      1 
HETATM 654 O  O      . HOH C 2 .  ? -9.342  5.956   -12.432 1.00 30.40 ? 740 HOH A O      1 
HETATM 655 O  O      . HOH C 2 .  ? 1.592   3.064   2.970   1.00 25.85 ? 743 HOH A O      1 
HETATM 656 O  O      . HOH C 2 .  ? -3.367  -0.319  -18.465 1.00 26.04 ? 745 HOH A O      1 
HETATM 657 O  O      . HOH C 2 .  ? 2.591   0.050   -11.607 1.00 29.68 ? 750 HOH A O      1 
HETATM 658 O  O      . HOH C 2 .  ? 4.385   4.290   2.595   1.00 27.56 ? 751 HOH A O      1 
HETATM 659 O  O      . HOH C 2 .  ? 3.073   2.311   -15.312 1.00 33.01 ? 752 HOH A O      1 
HETATM 660 O  O      . HOH C 2 .  ? -4.387  0.744   6.245   1.00 35.39 ? 757 HOH A O      1 
HETATM 661 O  O      . HOH C 2 .  ? 6.877   -1.277  -5.522  1.00 33.69 ? 758 HOH A O      1 
HETATM 662 O  O      . HOH C 2 .  ? 10.488  4.609   7.039   1.00 48.61 ? 759 HOH A O      1 
HETATM 663 O  O      . HOH C 2 .  ? 5.891   9.081   7.520   1.00 32.48 ? 761 HOH A O      1 
HETATM 664 O  O      . HOH C 2 .  ? -5.271  10.586  6.962   1.00 39.04 ? 762 HOH A O      1 
HETATM 665 O  O      . HOH C 2 .  ? 11.204  3.503   3.700   1.00 38.64 ? 768 HOH A O      1 
HETATM 666 O  O      . HOH C 2 .  ? 12.547  -3.296  -1.081  1.00 30.45 ? 769 HOH A O      1 
HETATM 667 O  O      . HOH C 2 .  ? 9.856   1.969   -0.714  1.00 48.03 ? 771 HOH A O      1 
HETATM 668 O  O      . HOH C 2 .  ? -4.816  -1.999  9.942   1.00 40.41 ? 781 HOH A O      1 
HETATM 669 O  O      . HOH C 2 .  ? 1.605   -3.030  -16.135 1.00 42.74 ? 783 HOH A O      1 
HETATM 670 O  O      . HOH C 2 .  ? 7.695   0.659   -6.598  1.00 45.96 ? 784 HOH A O      1 
HETATM 671 O  O      . HOH C 2 .  ? -0.183  0.793   -17.384 1.00 36.02 ? 785 HOH A O      1 
HETATM 672 O  O      . HOH C 2 .  ? 6.270   2.179   -4.213  1.00 52.60 ? 786 HOH A O      1 
HETATM 673 O  O      . HOH C 2 .  ? -1.066  10.751  4.954   1.00 44.60 ? 789 HOH A O      1 
HETATM 674 O  O      . HOH C 2 .  ? 0.518   -7.050  -5.200  1.00 32.91 ? 792 HOH A O      1 
HETATM 675 O  O      . HOH C 2 .  ? -5.629  3.396   5.993   1.00 39.35 ? 793 HOH A O      1 
HETATM 676 O  O      . HOH C 2 .  ? 6.920   0.004   -1.809  1.00 46.57 ? 795 HOH A O      1 
HETATM 677 O  O      . HOH C 2 .  ? -5.801  6.362   3.463   1.00 40.17 ? 797 HOH A O      1 
HETATM 678 O  O      . HOH C 2 .  ? 8.371   -9.919  -3.773  1.00 45.19 ? 798 HOH A O      1 
HETATM 679 O  O      . HOH C 2 .  ? 9.571   -0.293  -10.988 1.00 47.13 ? 800 HOH A O      1 
HETATM 680 O  O      . HOH C 2 .  ? 12.699  2.573   0.719   1.00 35.14 ? 805 HOH A O      1 
HETATM 681 O  O      . HOH C 2 .  ? 4.412   -7.090  -13.878 1.00 58.83 ? 806 HOH A O      1 
HETATM 682 O  O      . HOH C 2 .  ? 9.992   7.714   6.877   1.00 71.57 ? 808 HOH A O      1 
HETATM 683 O  O      . HOH C 2 .  ? 5.067   2.112   -9.934  1.00 51.35 ? 811 HOH A O      1 
HETATM 684 O  O      . HOH C 2 .  ? 5.044   -1.783  -8.845  1.00 41.80 ? 814 HOH A O      1 
HETATM 685 O  O      . HOH C 2 .  ? -0.583  -5.398  -16.127 1.00 43.66 ? 815 HOH A O      1 
HETATM 686 O  O      . HOH C 2 .  ? -8.190  0.878   7.133   1.00 57.77 ? 818 HOH A O      1 
HETATM 687 O  O      . HOH C 2 .  ? -5.509  10.026  9.423   1.00 36.25 ? 822 HOH A O      1 
HETATM 688 O  O      . HOH C 2 .  ? -3.921  12.937  4.982   1.00 48.95 ? 824 HOH A O      1 
HETATM 689 O  O      . HOH C 2 .  ? 4.493   7.178   2.775   1.00 39.10 ? 825 HOH A O      1 
HETATM 690 O  O      . HOH C 2 .  ? 6.663   2.475   -7.631  1.00 54.96 ? 828 HOH A O      1 
HETATM 691 O  O      . HOH C 2 .  ? 10.462  -12.433 -6.684  1.00 57.26 ? 829 HOH A O      1 
HETATM 692 O  O      . HOH C 2 .  ? 8.874   -2.348  -7.159  1.00 52.20 ? 830 HOH A O      1 
HETATM 693 O  O      . HOH C 2 .  ? 5.637   -2.159  -12.857 1.00 43.16 ? 831 HOH A O      1 
HETATM 694 O  O      . HOH C 2 .  ? 3.043   1.572   -3.824  1.00 38.30 ? 835 HOH A O      1 
HETATM 695 O  O      . HOH C 2 .  ? 8.197   4.933   -6.681  1.00 74.88 ? 836 HOH A O      1 
HETATM 696 O  O      . HOH C 2 .  ? 5.476   -8.715  -3.124  1.00 48.82 ? 837 HOH A O      1 
HETATM 697 O  O      . HOH C 2 .  ? 9.219   -9.353  -6.167  1.00 44.65 ? 838 HOH A O      1 
HETATM 698 O  O      . HOH C 2 .  ? 8.458   4.967   2.067   1.00 60.71 ? 839 HOH A O      1 
HETATM 699 O  O      . HOH C 2 .  ? 9.847   -3.450  -9.918  1.00 57.92 ? 840 HOH A O      1 
HETATM 700 O  O      . HOH C 2 .  ? -8.573  8.661   9.914   1.00 59.70 ? 846 HOH A O      1 
HETATM 701 O  O      . HOH D 2 .  ? -5.801  -3.530  -6.704  1.00 17.12 ? 701 HOH B O      1 
HETATM 702 O  O      . HOH D 2 .  ? -1.748  -5.677  9.856   1.00 19.58 ? 708 HOH B O      1 
HETATM 703 O  O      . HOH D 2 .  ? 2.195   -9.315  15.283  1.00 30.33 ? 716 HOH B O      1 
HETATM 704 O  O      . HOH D 2 .  ? -2.930  -5.266  4.002   1.00 29.35 ? 718 HOH B O      1 
HETATM 705 O  O      . HOH D 2 .  ? 6.046   -1.420  19.159  1.00 26.92 ? 721 HOH B O      1 
HETATM 706 O  O      . HOH D 2 .  ? -3.108  -3.334  8.872   1.00 26.82 ? 724 HOH B O      1 
HETATM 707 O  O      . HOH D 2 .  ? -4.573  5.460   0.515   1.00 30.24 ? 727 HOH B O      1 
HETATM 708 O  O      . HOH D 2 .  ? -0.725  5.478   -2.508  1.00 27.17 ? 728 HOH B O      1 
HETATM 709 O  O      . HOH D 2 .  ? -1.623  -8.449  9.990   1.00 24.77 ? 730 HOH B O      1 
HETATM 710 O  O      . HOH D 2 .  ? 5.500   -5.251  19.229  1.00 34.69 ? 733 HOH B O      1 
HETATM 711 O  O      . HOH D 2 .  ? -7.949  3.077   -7.091  1.00 26.43 ? 736 HOH B O      1 
HETATM 712 O  O      . HOH D 2 .  ? -3.609  -0.170  0.387   1.00 28.48 ? 737 HOH B O      1 
HETATM 713 O  O      . HOH D 2 .  ? -1.961  -4.944  12.653  1.00 27.33 ? 738 HOH B O      1 
HETATM 714 O  O      . HOH D 2 .  ? -1.670  7.650   -0.761  1.00 33.16 ? 739 HOH B O      1 
HETATM 715 O  O      . HOH D 2 .  ? 0.712   -7.923  11.423  1.00 27.51 ? 741 HOH B O      1 
HETATM 716 O  O      . HOH D 2 .  ? -2.493  -6.603  -5.440  1.00 28.75 ? 742 HOH B O      1 
HETATM 717 O  O      . HOH D 2 .  ? 0.460   -5.944  13.499  1.00 24.37 ? 744 HOH B O      1 
HETATM 718 O  O      . HOH D 2 .  ? 0.108   -9.032  -3.353  1.00 30.53 ? 746 HOH B O      1 
HETATM 719 O  O      . HOH D 2 .  ? -11.247 -6.333  -4.199  1.00 28.15 ? 747 HOH B O      1 
HETATM 720 O  O      . HOH D 2 .  ? -0.142  2.548   -1.648  1.00 37.71 ? 748 HOH B O      1 
HETATM 721 O  O      . HOH D 2 .  ? 1.425   -6.472  15.769  1.00 29.83 ? 749 HOH B O      1 
HETATM 722 O  O      . HOH D 2 .  ? -6.027  1.196   0.655   1.00 31.26 ? 753 HOH B O      1 
HETATM 723 O  O      . HOH D 2 .  ? -6.094  -3.743  1.139   1.00 32.48 ? 754 HOH B O      1 
HETATM 724 O  O      . HOH D 2 .  ? -2.925  -1.850  2.110   1.00 34.28 ? 755 HOH B O      1 
HETATM 725 O  O      . HOH D 2 .  ? -3.059  -8.570  5.944   1.00 36.96 ? 756 HOH B O      1 
HETATM 726 O  O      . HOH D 2 .  ? -3.413  -5.627  6.669   1.00 35.21 ? 760 HOH B O      1 
HETATM 727 O  O      . HOH D 2 .  ? -4.897  14.163  0.134   1.00 42.51 ? 763 HOH B O      1 
HETATM 728 O  O      . HOH D 2 .  ? -10.246 1.319   1.832   1.00 46.99 ? 764 HOH B O      1 
HETATM 729 O  O      . HOH D 2 .  ? 1.801   16.437  -3.039  1.00 43.66 ? 765 HOH B O      1 
HETATM 730 O  O      . HOH D 2 .  ? 6.947   -7.813  15.051  1.00 53.75 ? 766 HOH B O      1 
HETATM 731 O  O      . HOH D 2 .  ? -5.224  -7.188  3.201   1.00 34.72 ? 767 HOH B O      1 
HETATM 732 O  O      . HOH D 2 .  ? -2.117  14.168  1.010   1.00 42.93 ? 770 HOH B O      1 
HETATM 733 O  O      . HOH D 2 .  ? -0.608  15.507  -4.395  1.00 40.23 ? 772 HOH B O      1 
HETATM 734 O  O      . HOH D 2 .  ? 8.069   -3.182  17.893  1.00 31.87 ? 773 HOH B O      1 
HETATM 735 O  O      . HOH D 2 .  ? 1.501   3.701   -4.690  1.00 34.48 ? 774 HOH B O      1 
HETATM 736 O  O      . HOH D 2 .  ? 1.011   7.539   1.598   1.00 47.28 ? 775 HOH B O      1 
HETATM 737 O  O      . HOH D 2 .  ? 5.827   -7.744  20.055  1.00 33.51 ? 776 HOH B O      1 
HETATM 738 O  O      . HOH D 2 .  ? -8.435  5.364   -7.895  1.00 31.69 ? 777 HOH B O      1 
HETATM 739 O  O      . HOH D 2 .  ? -4.283  -8.889  11.443  1.00 42.09 ? 779 HOH B O      1 
HETATM 740 O  O      . HOH D 2 .  ? -2.765  3.932   1.853   1.00 29.25 ? 780 HOH B O      1 
HETATM 741 O  O      . HOH D 2 .  ? -10.534 -3.880  2.708   1.00 58.84 ? 787 HOH B O      1 
HETATM 742 O  O      . HOH D 2 .  ? -2.449  -16.085 5.007   1.00 47.19 ? 788 HOH B O      1 
HETATM 743 O  O      . HOH D 2 .  ? 2.656   6.399   -4.816  1.00 37.37 ? 790 HOH B O      1 
HETATM 744 O  O      . HOH D 2 .  ? -3.178  10.151  1.733   1.00 37.86 ? 791 HOH B O      1 
HETATM 745 O  O      . HOH D 2 .  ? -3.050  -15.872 1.717   1.00 42.77 ? 796 HOH B O      1 
HETATM 746 O  O      . HOH D 2 .  ? -3.284  -14.821 8.001   1.00 61.81 ? 799 HOH B O      1 
HETATM 747 O  O      . HOH D 2 .  ? 5.885   14.437  0.456   1.00 50.16 ? 801 HOH B O      1 
HETATM 748 O  O      . HOH D 2 .  ? 8.702   14.728  -2.344  1.00 39.27 ? 802 HOH B O      1 
HETATM 749 O  O      . HOH D 2 .  ? -9.691  6.851   1.261   1.00 48.65 ? 804 HOH B O      1 
HETATM 750 O  O      . HOH D 2 .  ? -1.352  -16.964 9.586   1.00 50.87 ? 807 HOH B O      1 
HETATM 751 O  O      . HOH D 2 .  ? 4.701   5.229   -7.194  1.00 37.11 ? 810 HOH B O      1 
HETATM 752 O  O      . HOH D 2 .  ? -3.922  -10.327 7.569   1.00 45.22 ? 812 HOH B O      1 
HETATM 753 O  O      . HOH D 2 .  ? -10.748 -8.444  -2.488  1.00 48.24 ? 813 HOH B O      1 
HETATM 754 O  O      . HOH D 2 .  ? 6.034   -12.974 15.657  1.00 48.72 ? 816 HOH B O      1 
HETATM 755 O  O      . HOH D 2 .  ? 3.027   -9.578  -0.159  1.00 41.55 ? 817 HOH B O      1 
HETATM 756 O  O      . HOH D 2 .  ? 2.411   8.209   -2.293  1.00 48.43 ? 819 HOH B O      1 
HETATM 757 O  O      . HOH D 2 .  ? -3.150  11.053  1.835   1.00 52.83 ? 820 HOH B O      1 
HETATM 758 O  O      . HOH D 2 .  ? 1.144   0.545   0.333   1.00 45.68 ? 821 HOH B O      1 
HETATM 759 O  O      . HOH D 2 .  ? -3.710  -5.082  14.406  1.00 33.99 ? 823 HOH B O      1 
HETATM 760 O  O      . HOH D 2 .  ? 6.358   11.404  -7.690  1.00 63.44 ? 826 HOH B O      1 
HETATM 761 O  O      . HOH D 2 .  ? 6.764   15.785  -1.460  1.00 42.21 ? 827 HOH B O      1 
HETATM 762 O  O      . HOH D 2 .  ? 2.970   16.206  -0.268  1.00 53.50 ? 832 HOH B O      1 
HETATM 763 O  O      . HOH D 2 .  ? 5.048   8.968   -8.231  1.00 48.97 ? 833 HOH B O      1 
HETATM 764 O  O      . HOH D 2 .  ? -4.606  -0.717  3.173   1.00 42.36 ? 834 HOH B O      1 
HETATM 765 O  O      . HOH D 2 .  ? -3.984  1.903   2.595   1.00 41.97 ? 841 HOH B O      1 
HETATM 766 O  O      . HOH D 2 .  ? 7.536   18.094  -3.056  1.00 53.29 ? 842 HOH B O      1 
HETATM 767 O  O      . HOH D 2 .  ? -5.857  -4.281  6.983   1.00 55.60 ? 843 HOH B O      1 
HETATM 768 O  O      . HOH D 2 .  ? 4.365   15.939  -3.405  1.00 60.87 ? 844 HOH B O      1 
HETATM 769 O  O      . HOH D 2 .  ? -1.471  0.643   0.478   1.00 33.29 ? 845 HOH B O      1 
# 
loop_
_atom_site_anisotrop.id 
_atom_site_anisotrop.type_symbol 
_atom_site_anisotrop.pdbx_label_atom_id 
_atom_site_anisotrop.pdbx_label_alt_id 
_atom_site_anisotrop.pdbx_label_comp_id 
_atom_site_anisotrop.pdbx_label_asym_id 
_atom_site_anisotrop.pdbx_label_seq_id 
_atom_site_anisotrop.pdbx_PDB_ins_code 
_atom_site_anisotrop.U[1][1] 
_atom_site_anisotrop.U[2][2] 
_atom_site_anisotrop.U[3][3] 
_atom_site_anisotrop.U[1][2] 
_atom_site_anisotrop.U[1][3] 
_atom_site_anisotrop.U[2][3] 
_atom_site_anisotrop.pdbx_auth_seq_id 
_atom_site_anisotrop.pdbx_auth_comp_id 
_atom_site_anisotrop.pdbx_auth_asym_id 
_atom_site_anisotrop.pdbx_auth_atom_id 
1   O  "O5'"  . DG  A 1  ? 0.4679 0.3763 0.5675 0.0530  -0.1314 -0.1175 1   DG  A "O5'"  
2   C  "C5'"  . DG  A 1  ? 0.3028 0.3823 0.4450 0.0323  -0.1591 0.0193  1   DG  A "C5'"  
3   C  "C4'"  . DG  A 1  ? 0.2256 0.3025 0.3674 0.0461  -0.1048 0.0611  1   DG  A "C4'"  
4   O  "O4'"  . DG  A 1  ? 0.2124 0.2850 0.3939 0.0366  -0.0547 0.0637  1   DG  A "O4'"  
5   C  "C3'"  . DG  A 1  ? 0.2530 0.2514 0.2619 0.0780  -0.0660 0.0208  1   DG  A "C3'"  
6   O  "O3'"  . DG  A 1  ? 0.2657 0.2635 0.2925 0.0549  -0.0831 0.0327  1   DG  A "O3'"  
7   C  "C2'"  . DG  A 1  ? 0.2326 0.2261 0.3072 -0.0004 -0.1039 0.0297  1   DG  A "C2'"  
8   C  "C1'"  . DG  A 1  ? 0.2350 0.2531 0.2749 0.0380  -0.0609 0.0252  1   DG  A "C1'"  
9   N  N9     . DG  A 1  ? 0.1931 0.2466 0.3485 -0.0051 -0.1075 0.0545  1   DG  A N9     
10  C  C8     . DG  A 1  ? 0.2699 0.2649 0.3537 0.0243  -0.1633 0.0056  1   DG  A C8     
11  N  N7     . DG  A 1  ? 0.2630 0.2524 0.3394 0.0093  -0.1449 0.0398  1   DG  A N7     
12  C  C5     . DG  A 1  ? 0.1609 0.2652 0.2782 0.0500  -0.0387 -0.0354 1   DG  A C5     
13  C  C6     . DG  A 1  ? 0.1954 0.2476 0.1777 0.0220  -0.0388 -0.0035 1   DG  A C6     
14  O  O6     . DG  A 1  ? 0.2316 0.2397 0.2395 0.0147  -0.0695 -0.0247 1   DG  A O6     
15  N  N1     . DG  A 1  ? 0.1818 0.2182 0.1775 0.0213  -0.0348 0.0016  1   DG  A N1     
16  C  C2     . DG  A 1  ? 0.1425 0.2233 0.2084 0.0054  -0.0042 0.0509  1   DG  A C2     
17  N  N2     . DG  A 1  ? 0.1577 0.2165 0.2181 0.0049  -0.0149 0.0147  1   DG  A N2     
18  N  N3     . DG  A 1  ? 0.1462 0.2391 0.2316 0.0320  -0.0163 0.0238  1   DG  A N3     
19  C  C4     . DG  A 1  ? 0.1847 0.2510 0.2892 -0.0072 -0.0698 0.0810  1   DG  A C4     
32  P  P      . DC  A 2  ? 0.2906 0.2945 0.2721 0.0468  -0.0777 0.0589  2   DC  A P      
33  O  OP1    . DC  A 2  ? 0.3730 0.3361 0.3332 0.0866  -0.0792 0.1252  2   DC  A OP1    
34  O  OP2    . DC  A 2  ? 0.2717 0.3455 0.2632 0.0171  -0.0460 0.0209  2   DC  A OP2    
35  O  "O5'"  . DC  A 2  ? 0.2590 0.2087 0.3258 0.0445  -0.0767 0.0373  2   DC  A "O5'"  
36  C  "C5'"  . DC  A 2  ? 0.2755 0.1733 0.2878 0.0264  -0.0265 0.0494  2   DC  A "C5'"  
37  C  "C4'"  . DC  A 2  ? 0.2345 0.1873 0.2274 -0.0041 -0.0115 0.0178  2   DC  A "C4'"  
38  O  "O4'"  . DC  A 2  ? 0.2166 0.1686 0.2444 0.0264  -0.0106 0.0222  2   DC  A "O4'"  
39  C  "C3'"  . DC  A 2  ? 0.2259 0.2164 0.2084 0.0021  -0.0309 0.0260  2   DC  A "C3'"  
40  O  "O3'"  . DC  A 2  ? 0.2496 0.1936 0.2493 -0.0036 0.0092  0.0135  2   DC  A "O3'"  
41  C  "C2'"  . DC  A 2  ? 0.1989 0.2346 0.1941 -0.0086 -0.0105 0.0390  2   DC  A "C2'"  
42  C  "C1'"  . DC  A 2  ? 0.1842 0.1742 0.1894 0.0143  -0.0045 -0.0209 2   DC  A "C1'"  
43  N  N1     . DC  A 2  ? 0.1610 0.1774 0.1778 0.0179  -0.0266 0.0097  2   DC  A N1     
44  C  C2     . DC  A 2  ? 0.1773 0.1660 0.1257 0.0056  -0.0117 0.0200  2   DC  A C2     
45  O  O2     . DC  A 2  ? 0.1839 0.1694 0.1792 0.0098  -0.0515 0.0115  2   DC  A O2     
46  N  N3     . DC  A 2  ? 0.1798 0.1715 0.1569 -0.0131 -0.0163 0.0161  2   DC  A N3     
47  C  C4     . DC  A 2  ? 0.1756 0.1992 0.1710 0.0035  -0.0191 0.0188  2   DC  A C4     
48  N  N4     . DC  A 2  ? 0.1773 0.2001 0.2294 -0.0151 -0.0525 0.0349  2   DC  A N4     
49  C  C5     . DC  A 2  ? 0.1846 0.2012 0.2197 -0.0087 -0.0485 0.0303  2   DC  A C5     
50  C  C6     . DC  A 2  ? 0.1844 0.2000 0.2018 0.0055  -0.0541 0.0284  2   DC  A C6     
62  P  P      . DG  A 3  ? 0.2734 0.2079 0.2268 0.0049  0.0003  0.0266  3   DG  A P      
63  O  OP1    . DG  A 3  ? 0.3742 0.2389 0.2879 -0.0436 0.0545  0.0637  3   DG  A OP1    
64  O  OP2    . DG  A 3  ? 0.3536 0.2523 0.2157 0.0415  -0.0388 0.0217  3   DG  A OP2    
65  O  "O5'"  . DG  A 3  ? 0.2522 0.2416 0.2071 0.0193  0.0100  0.0222  3   DG  A "O5'"  
66  C  "C5'"  . DG  A 3  ? 0.2794 0.1944 0.2144 0.0035  0.0135  0.0309  3   DG  A "C5'"  
67  C  "C4'"  . DG  A 3  ? 0.2556 0.1627 0.1859 -0.0283 0.0117  0.0159  3   DG  A "C4'"  
68  O  "O4'"  . DG  A 3  ? 0.2562 0.1546 0.2293 -0.0249 0.0313  0.0004  3   DG  A "O4'"  
69  C  "C3'"  . DG  A 3  ? 0.2386 0.1496 0.1781 -0.0373 0.0112  0.0157  3   DG  A "C3'"  
70  O  "O3'"  . DG  A 3  ? 0.2305 0.1575 0.2466 -0.0348 0.0053  0.0124  3   DG  A "O3'"  
71  C  "C2'"  . DG  A 3  ? 0.2243 0.1685 0.1901 -0.0272 0.0095  0.0217  3   DG  A "C2'"  
72  C  "C1'"  . DG  A 3  ? 0.2268 0.1634 0.1943 -0.0233 0.0059  0.0309  3   DG  A "C1'"  
73  N  N9     . DG  A 3  ? 0.2252 0.1443 0.1461 -0.0063 -0.0006 0.0205  3   DG  A N9     
74  C  C8     . DG  A 3  ? 0.2299 0.1343 0.1767 0.0037  0.0034  0.0219  3   DG  A C8     
75  N  N7     . DG  A 3  ? 0.2165 0.1486 0.1923 0.0031  -0.0084 0.0216  3   DG  A N7     
76  C  C5     . DG  A 3  ? 0.2028 0.1384 0.1703 0.0108  0.0031  0.0044  3   DG  A C5     
77  C  C6     . DG  A 3  ? 0.2235 0.1439 0.1337 0.0025  -0.0040 0.0169  3   DG  A C6     
78  O  O6     . DG  A 3  ? 0.2070 0.1685 0.1700 -0.0098 0.0072  0.0114  3   DG  A O6     
79  N  N1     . DG  A 3  ? 0.1988 0.1328 0.1507 -0.0097 -0.0022 0.0103  3   DG  A N1     
80  C  C2     . DG  A 3  ? 0.2135 0.1423 0.1043 0.0054  0.0059  -0.0044 3   DG  A C2     
81  N  N2     . DG  A 3  ? 0.2084 0.1523 0.1556 0.0007  -0.0132 0.0165  3   DG  A N2     
82  N  N3     . DG  A 3  ? 0.2086 0.1454 0.1553 -0.0156 -0.0298 0.0090  3   DG  A N3     
83  C  C4     . DG  A 3  ? 0.2040 0.1392 0.1436 0.0023  0.0132  0.0199  3   DG  A C4     
95  P  P      . DT  A 4  ? 0.2168 0.1876 0.2551 -0.0196 0.0294  0.0114  4   DT  A P      
96  O  OP1    . DT  A 4  ? 0.2496 0.2180 0.3043 -0.0499 0.0270  0.0184  4   DT  A OP1    
97  O  OP2    . DT  A 4  ? 0.2237 0.2410 0.2429 0.0235  0.0186  0.0315  4   DT  A OP2    
98  O  "O5'"  . DT  A 4  ? 0.1904 0.1959 0.2570 -0.0113 -0.0095 0.0009  4   DT  A "O5'"  
99  C  "C5'"  . DT  A 4  ? 0.1973 0.2038 0.3046 -0.0122 -0.0218 0.0145  4   DT  A "C5'"  
100 C  "C4'"  . DT  A 4  ? 0.1608 0.2042 0.2614 -0.0176 -0.0282 -0.0055 4   DT  A "C4'"  
101 O  "O4'"  . DT  A 4  ? 0.1921 0.1954 0.2333 -0.0122 -0.0214 -0.0103 4   DT  A "O4'"  
102 C  "C3'"  . DT  A 4  ? 0.1589 0.2246 0.2489 -0.0409 -0.0269 0.0132  4   DT  A "C3'"  
103 O  "O3'"  . DT  A 4  ? 0.1878 0.2147 0.3071 -0.0215 0.0079  -0.0168 4   DT  A "O3'"  
104 C  "C2'"  . DT  A 4  ? 0.1507 0.1929 0.2630 0.0098  0.0155  -0.0068 4   DT  A "C2'"  
105 C  "C1'"  . DT  A 4  ? 0.1772 0.1746 0.2062 -0.0099 -0.0040 -0.0031 4   DT  A "C1'"  
106 N  N1     . DT  A 4  ? 0.1600 0.1654 0.1722 -0.0120 0.0244  0.0097  4   DT  A N1     
107 C  C2     . DT  A 4  ? 0.1661 0.1638 0.1685 -0.0170 0.0167  0.0163  4   DT  A C2     
108 O  O2     . DT  A 4  ? 0.1900 0.1639 0.1917 -0.0062 -0.0040 0.0047  4   DT  A O2     
109 N  N3     . DT  A 4  ? 0.1703 0.1609 0.1688 -0.0143 0.0105  0.0066  4   DT  A N3     
110 C  C4     . DT  A 4  ? 0.1900 0.1665 0.1273 -0.0165 0.0044  0.0272  4   DT  A C4     
111 O  O4     . DT  A 4  ? 0.1901 0.1702 0.1588 -0.0157 0.0033  0.0174  4   DT  A O4     
112 C  C5     . DT  A 4  ? 0.1872 0.1649 0.1261 -0.0076 0.0128  0.0049  4   DT  A C5     
113 C  C7     . DT  A 4  ? 0.1763 0.1661 0.1746 -0.0141 0.0113  0.0218  4   DT  A C7     
114 C  C6     . DT  A 4  ? 0.1872 0.1615 0.1654 0.0019  0.0022  -0.0181 4   DT  A C6     
124 P  P      . DA  A 5  ? 0.2164 0.2576 0.3244 -0.0135 0.0715  0.0014  5   DA  A P      
125 O  OP1    . DA  A 5  ? 0.2132 0.3117 0.4824 -0.0462 0.1121  -0.0741 5   DA  A OP1    
126 O  OP2    . DA  A 5  ? 0.2857 0.2804 0.2998 0.0284  0.1070  0.0367  5   DA  A OP2    
127 O  "O5'"  . DA  A 5  ? 0.2089 0.2703 0.2393 -0.0187 0.0112  0.0253  5   DA  A "O5'"  
128 C  "C5'"  . DA  A 5  ? 0.1867 0.3361 0.2716 -0.0240 -0.0201 0.0816  5   DA  A "C5'"  
129 C  "C4'"  . DA  A 5  ? 0.1888 0.3359 0.1985 0.0053  0.0276  0.0032  5   DA  A "C4'"  
130 O  "O4'"  . DA  A 5  ? 0.1641 0.3054 0.1965 -0.0094 0.0099  0.0068  5   DA  A "O4'"  
131 C  "C3'"  . DA  A 5  ? 0.2203 0.3473 0.1935 0.0450  0.0162  0.0061  5   DA  A "C3'"  
132 O  "O3'"  . DA  A 5  ? 0.2132 0.5059 0.1971 0.0135  0.0042  -0.0404 5   DA  A "O3'"  
133 C  "C2'"  . DA  A 5  ? 0.2327 0.3174 0.2211 0.0376  -0.0060 -0.0307 5   DA  A "C2'"  
134 C  "C1'"  . DA  A 5  ? 0.1897 0.2873 0.1919 0.0061  -0.0221 -0.0026 5   DA  A "C1'"  
135 N  N9     . DA  A 5  ? 0.1770 0.2502 0.1886 -0.0213 -0.0074 -0.0042 5   DA  A N9     
136 C  C8     . DA  A 5  ? 0.1851 0.2468 0.1662 -0.0270 0.0180  -0.0067 5   DA  A C8     
137 N  N7     . DA  A 5  ? 0.1927 0.2476 0.1446 -0.0249 -0.0078 0.0096  5   DA  A N7     
138 C  C5     . DA  A 5  ? 0.1866 0.2471 0.1284 -0.0238 -0.0041 0.0262  5   DA  A C5     
139 C  C6     . DA  A 5  ? 0.1922 0.2562 0.1551 -0.0305 -0.0286 0.0504  5   DA  A C6     
140 N  N6     . DA  A 5  ? 0.2009 0.2578 0.1412 -0.0249 -0.0048 0.0397  5   DA  A N6     
141 N  N1     . DA  A 5  ? 0.1954 0.2621 0.1501 -0.0303 -0.0045 0.0045  5   DA  A N1     
142 C  C2     . DA  A 5  ? 0.1879 0.2542 0.1816 -0.0382 -0.0104 0.0351  5   DA  A C2     
143 N  N3     . DA  A 5  ? 0.1842 0.2520 0.1875 -0.0300 -0.0119 -0.0142 5   DA  A N3     
144 C  C4     . DA  A 5  ? 0.1892 0.2466 0.1679 -0.0258 -0.0104 -0.0029 5   DA  A C4     
156 P  P      . UMS A 6  ? 0.2152 0.4699 0.2167 -0.0369 0.0463  0.0074  6   UMS A P      
157 O  OP1    . UMS A 6  ? 0.1888 0.8069 0.2953 -0.0151 0.0618  0.0631  6   UMS A OP1    
158 O  OP2    . UMS A 6  ? 0.4486 0.4282 0.2373 -0.0359 0.0989  0.0214  6   UMS A OP2    
159 O  "O5'"  . UMS A 6  ? 0.1914 0.4553 0.2075 0.0156  0.0106  -0.0263 6   UMS A "O5'"  
160 C  "C5'"  . UMS A 6  ? 0.2297 0.4499 0.2639 0.0409  -0.0750 -0.0098 6   UMS A "C5'"  
161 C  "C4'"  . UMS A 6  ? 0.1947 0.4059 0.2652 0.0975  -0.0421 -0.0721 6   UMS A "C4'"  
162 O  "O4'"  . UMS A 6  ? 0.2318 0.3367 0.2327 0.1093  -0.0421 -0.0327 6   UMS A "O4'"  
163 C  "C3'"  . UMS A 6  ? 0.1792 0.5717 0.2114 0.0972  -0.0221 -0.0491 6   UMS A "C3'"  
164 O  "O3'"  . UMS A 6  ? 0.2394 0.5305 0.2517 0.0850  0.0283  -0.0292 6   UMS A "O3'"  
165 C  "C2'"  . UMS A 6  ? 0.1954 0.4317 0.2166 0.1134  -0.0203 0.0084  6   UMS A "C2'"  
166 SE "SE2'" . UMS A 6  ? 0.4775 0.4622 0.4664 0.1430  -0.0522 -0.0529 6   UMS A "SE2'" 
167 C  "C1'"  . UMS A 6  ? 0.2170 0.4053 0.2253 0.1427  -0.0128 0.0520  6   UMS A "C1'"  
169 N  N1     . UMS A 6  ? 0.1581 0.3667 0.2354 0.0705  -0.0020 0.0159  6   UMS A N1     
170 C  C2     . UMS A 6  ? 0.1704 0.2842 0.1745 0.0338  0.0134  0.0004  6   UMS A C2     
171 O  O2     . UMS A 6  ? 0.2045 0.2942 0.2434 0.0313  -0.0123 -0.0417 6   UMS A O2     
172 N  N3     . UMS A 6  ? 0.1610 0.2667 0.1720 0.0255  0.0216  0.0095  6   UMS A N3     
173 C  C4     . UMS A 6  ? 0.1609 0.2839 0.1350 0.0071  -0.0133 0.0232  6   UMS A C4     
174 O  O4     . UMS A 6  ? 0.1896 0.2726 0.1940 -0.0040 -0.0023 0.0048  6   UMS A O4     
175 C  C5     . UMS A 6  ? 0.1613 0.4281 0.1723 -0.0145 0.0078  -0.0535 6   UMS A C5     
176 C  C6     . UMS A 6  ? 0.1422 0.4663 0.1628 0.0186  0.0211  -0.0392 6   UMS A C6     
189 P  P      . DA  A 7  ? 0.2113 0.4821 0.2381 -0.0152 0.0274  -0.0303 7   DA  A P      
190 O  OP1    . DA  A 7  ? 0.2280 0.5883 0.3088 0.0931  0.0846  0.0115  7   DA  A OP1    
191 O  OP2    . DA  A 7  ? 0.4390 0.5523 0.2605 -0.1838 0.0078  -0.0410 7   DA  A OP2    
192 O  "O5'"  . DA  A 7  ? 0.1890 0.4167 0.2475 0.0061  0.0473  -0.0227 7   DA  A "O5'"  
193 C  "C5'"  . DA  A 7  ? 0.1888 0.4159 0.2847 0.0825  -0.0190 -0.0678 7   DA  A "C5'"  
194 C  "C4'"  . DA  A 7  ? 0.1904 0.2880 0.2040 0.0648  0.0036  -0.0040 7   DA  A "C4'"  
195 O  "O4'"  . DA  A 7  ? 0.2663 0.2940 0.1999 0.1094  0.0180  0.0313  7   DA  A "O4'"  
196 C  "C3'"  . DA  A 7  ? 0.1871 0.2842 0.2075 0.0209  0.0049  0.0325  7   DA  A "C3'"  
197 O  "O3'"  . DA  A 7  ? 0.2393 0.3039 0.2279 0.0745  0.0326  0.0299  7   DA  A "O3'"  
198 C  "C2'"  . DA  A 7  ? 0.1805 0.2002 0.2155 0.0274  0.0054  -0.0018 7   DA  A "C2'"  
199 C  "C1'"  . DA  A 7  ? 0.2224 0.2275 0.2174 0.0496  0.0383  0.0230  7   DA  A "C1'"  
200 N  N9     . DA  A 7  ? 0.1827 0.2513 0.1878 0.0531  0.0064  0.0210  7   DA  A N9     
201 C  C8     . DA  A 7  ? 0.1658 0.2936 0.1794 0.0391  0.0229  0.0333  7   DA  A C8     
202 N  N7     . DA  A 7  ? 0.1721 0.3084 0.1910 -0.0017 0.0404  0.0137  7   DA  A N7     
203 C  C5     . DA  A 7  ? 0.1652 0.2405 0.1406 0.0078  0.0314  0.0332  7   DA  A C5     
204 C  C6     . DA  A 7  ? 0.1754 0.2485 0.1599 0.0044  0.0389  0.0219  7   DA  A C6     
205 N  N6     . DA  A 7  ? 0.1998 0.2388 0.1868 0.0107  0.0371  0.0173  7   DA  A N6     
206 N  N1     . DA  A 7  ? 0.1748 0.2079 0.1857 0.0230  0.0359  0.0148  7   DA  A N1     
207 C  C2     . DA  A 7  ? 0.1814 0.2001 0.1824 0.0297  0.0165  0.0209  7   DA  A C2     
208 N  N3     . DA  A 7  ? 0.1727 0.1977 0.1809 0.0068  0.0391  0.0191  7   DA  A N3     
209 C  C4     . DA  A 7  ? 0.1702 0.2447 0.1554 0.0220  0.0271  0.0220  7   DA  A C4     
221 P  P      . DC  A 8  ? 0.2049 0.3320 0.2238 0.0513  0.0515  0.0507  8   DC  A P      
222 O  OP1    . DC  A 8  ? 0.3123 0.4359 0.2353 0.1456  0.0859  0.0530  8   DC  A OP1    
223 O  OP2    . DC  A 8  ? 0.1796 0.3977 0.3644 -0.0221 0.0310  0.0738  8   DC  A OP2    
224 O  "O5'"  . DC  A 8  ? 0.1925 0.2345 0.2153 0.0168  0.0273  0.0326  8   DC  A "O5'"  
225 C  "C5'"  . DC  A 8  ? 0.2184 0.2156 0.2382 0.0277  0.0424  -0.0245 8   DC  A "C5'"  
226 C  "C4'"  . DC  A 8  ? 0.1958 0.1496 0.1958 0.0110  0.0370  0.0137  8   DC  A "C4'"  
227 O  "O4'"  . DC  A 8  ? 0.1779 0.1414 0.2032 0.0272  0.0218  0.0103  8   DC  A "O4'"  
228 C  "C3'"  . DC  A 8  ? 0.2028 0.1390 0.1863 -0.0150 0.0103  0.0049  8   DC  A "C3'"  
229 O  "O3'"  . DC  A 8  ? 0.1899 0.1613 0.1983 0.0208  0.0101  -0.0027 8   DC  A "O3'"  
230 C  "C2'"  . DC  A 8  ? 0.1717 0.1483 0.2006 0.0163  -0.0029 0.0084  8   DC  A "C2'"  
231 C  "C1'"  . DC  A 8  ? 0.1732 0.1253 0.1961 0.0092  0.0263  0.0092  8   DC  A "C1'"  
232 N  N1     . DC  A 8  ? 0.1589 0.1581 0.1819 0.0067  0.0177  0.0096  8   DC  A N1     
233 C  C2     . DC  A 8  ? 0.1563 0.1657 0.1557 0.0089  0.0187  0.0062  8   DC  A C2     
234 O  O2     . DC  A 8  ? 0.1610 0.1980 0.1717 0.0178  0.0159  -0.0160 8   DC  A O2     
235 N  N3     . DC  A 8  ? 0.1636 0.1868 0.1620 0.0148  0.0030  0.0035  8   DC  A N3     
236 C  C4     . DC  A 8  ? 0.1702 0.1644 0.2079 0.0060  -0.0053 0.0090  8   DC  A C4     
237 N  N4     . DC  A 8  ? 0.2069 0.1863 0.2518 -0.0199 -0.0307 -0.0007 8   DC  A N4     
238 C  C5     . DC  A 8  ? 0.1563 0.1893 0.2251 -0.0055 0.0255  0.0039  8   DC  A C5     
239 C  C6     . DC  A 8  ? 0.1556 0.1693 0.2414 0.0133  0.0301  -0.0058 8   DC  A C6     
251 P  P      . DG  A 9  ? 0.1887 0.2088 0.1866 0.0085  0.0187  0.0275  9   DG  A P      
252 O  OP1    . DG  A 9  ? 0.2282 0.2515 0.1946 0.0482  0.0108  0.0077  9   DG  A OP1    
253 O  OP2    . DG  A 9  ? 0.1923 0.2633 0.2403 -0.0119 0.0131  0.0673  9   DG  A OP2    
254 O  "O5'"  . DG  A 9  ? 0.1823 0.1468 0.2002 0.0001  0.0101  0.0147  9   DG  A "O5'"  
255 C  "C5'"  . DG  A 9  ? 0.1899 0.1396 0.2027 -0.0191 0.0093  -0.0068 9   DG  A "C5'"  
256 C  "C4'"  . DG  A 9  ? 0.2016 0.1363 0.1820 -0.0102 0.0222  -0.0088 9   DG  A "C4'"  
257 O  "O4'"  . DG  A 9  ? 0.2288 0.1400 0.1958 0.0159  0.0175  0.0053  9   DG  A "O4'"  
258 C  "C3'"  . DG  A 9  ? 0.2456 0.1413 0.1823 -0.0108 0.0098  -0.0059 9   DG  A "C3'"  
259 O  "O3'"  . DG  A 9  ? 0.2272 0.1501 0.1923 -0.0122 0.0209  0.0073  9   DG  A "O3'"  
260 C  "C2'"  . DG  A 9  ? 0.2406 0.1302 0.1916 -0.0011 -0.0057 -0.0098 9   DG  A "C2'"  
261 C  "C1'"  . DG  A 9  ? 0.2380 0.1447 0.1773 -0.0020 0.0145  -0.0139 9   DG  A "C1'"  
262 N  N9     . DG  A 9  ? 0.2391 0.1496 0.1655 0.0147  0.0070  0.0028  9   DG  A N9     
263 C  C8     . DG  A 9  ? 0.2430 0.1356 0.1858 0.0193  0.0035  0.0098  9   DG  A C8     
264 N  N7     . DG  A 9  ? 0.2526 0.1505 0.1873 0.0178  -0.0206 0.0139  9   DG  A N7     
265 C  C5     . DG  A 9  ? 0.2523 0.1187 0.1793 -0.0042 -0.0144 0.0330  9   DG  A C5     
266 C  C6     . DG  A 9  ? 0.2527 0.1625 0.1312 0.0146  -0.0181 0.0241  9   DG  A C6     
267 O  O6     . DG  A 9  ? 0.2649 0.1881 0.2022 0.0063  -0.0535 0.0143  9   DG  A O6     
268 N  N1     . DG  A 9  ? 0.2489 0.1424 0.1786 -0.0126 -0.0135 -0.0006 9   DG  A N1     
269 C  C2     . DG  A 9  ? 0.2393 0.1454 0.1789 -0.0086 -0.0046 -0.0101 9   DG  A C2     
270 N  N2     . DG  A 9  ? 0.2739 0.1750 0.1844 0.0285  -0.0616 -0.0497 9   DG  A N2     
271 N  N3     . DG  A 9  ? 0.2377 0.1476 0.1767 -0.0144 0.0210  -0.0261 9   DG  A N3     
272 C  C4     . DG  A 9  ? 0.2460 0.1354 0.1581 0.0164  -0.0093 0.0128  9   DG  A C4     
284 P  P      . DC  A 10 ? 0.2530 0.1781 0.1820 -0.0075 0.0171  0.0037  10  DC  A P      
285 O  OP1    . DC  A 10 ? 0.3301 0.2610 0.1832 -0.0341 -0.0112 0.0130  10  DC  A OP1    
286 O  OP2    . DC  A 10 ? 0.2493 0.2134 0.2138 -0.0031 0.0782  0.0105  10  DC  A OP2    
287 O  "O5'"  . DC  A 10 ? 0.1912 0.1419 0.2059 -0.0070 0.0051  0.0254  10  DC  A "O5'"  
288 C  "C5'"  . DC  A 10 ? 0.1750 0.1331 0.2334 -0.0068 -0.0506 0.0207  10  DC  A "C5'"  
289 C  "C4'"  . DC  A 10 ? 0.1767 0.1370 0.2155 0.0065  -0.0099 0.0257  10  DC  A "C4'"  
290 O  "O4'"  . DC  A 10 ? 0.1976 0.1716 0.2046 -0.0131 0.0012  0.0254  10  DC  A "O4'"  
291 C  "C3'"  . DC  A 10 ? 0.2131 0.1098 0.2074 0.0058  -0.0086 0.0160  10  DC  A "C3'"  
292 O  "O3'"  . DC  A 10 ? 0.2135 0.1402 0.1975 0.0237  0.0102  0.0213  10  DC  A "O3'"  
293 C  "C2'"  . DC  A 10 ? 0.1869 0.1330 0.2040 0.0179  0.0073  0.0035  10  DC  A "C2'"  
294 C  "C1'"  . DC  A 10 ? 0.1727 0.1537 0.1922 0.0001  0.0319  0.0117  10  DC  A "C1'"  
295 N  N1     . DC  A 10 ? 0.2023 0.1738 0.1607 0.0118  -0.0101 0.0043  10  DC  A N1     
296 C  C2     . DC  A 10 ? 0.2080 0.1695 0.1378 0.0097  0.0003  0.0103  10  DC  A C2     
297 O  O2     . DC  A 10 ? 0.1974 0.1980 0.1562 0.0240  -0.0084 -0.0051 10  DC  A O2     
298 N  N3     . DC  A 10 ? 0.2037 0.1804 0.2067 0.0156  -0.0108 0.0175  10  DC  A N3     
299 C  C4     . DC  A 10 ? 0.1960 0.1829 0.1667 0.0209  -0.0171 0.0245  10  DC  A C4     
300 N  N4     . DC  A 10 ? 0.2002 0.2177 0.2236 0.0285  -0.0314 0.0191  10  DC  A N4     
301 C  C5     . DC  A 10 ? 0.1774 0.1844 0.2047 0.0020  -0.0043 0.0256  10  DC  A C5     
302 C  C6     . DC  A 10 ? 0.1706 0.1878 0.1753 0.0037  0.0051  -0.0137 10  DC  A C6     
315 O  "O5'"  . DG  B 1  ? 0.4382 0.6171 0.6928 0.2120  -0.2157 -0.3252 111 DG  B "O5'"  
316 C  "C5'"  . DG  B 1  ? 0.3377 0.5089 0.4325 0.0675  -0.1132 -0.0836 111 DG  B "C5'"  
317 C  "C4'"  . DG  B 1  ? 0.3106 0.4305 0.2971 0.0052  -0.0696 -0.0280 111 DG  B "C4'"  
318 O  "O4'"  . DG  B 1  ? 0.3202 0.3287 0.3193 -0.0524 -0.0157 -0.0563 111 DG  B "O4'"  
319 C  "C3'"  . DG  B 1  ? 0.3332 0.4235 0.2099 0.0013  -0.0562 -0.0059 111 DG  B "C3'"  
320 O  "O3'"  . DG  B 1  ? 0.3625 0.2799 0.2018 -0.0246 -0.0690 -0.0409 111 DG  B "O3'"  
321 C  "C2'"  . DG  B 1  ? 0.3021 0.2632 0.2044 -0.0085 -0.0205 0.0133  111 DG  B "C2'"  
322 C  "C1'"  . DG  B 1  ? 0.3105 0.3558 0.2236 -0.0419 -0.0035 -0.0144 111 DG  B "C1'"  
323 N  N9     . DG  B 1  ? 0.2217 0.3629 0.2348 -0.0370 -0.0241 -0.0168 111 DG  B N9     
324 C  C8     . DG  B 1  ? 0.1978 0.4764 0.2846 -0.0283 -0.0298 -0.0702 111 DG  B C8     
325 N  N7     . DG  B 1  ? 0.2551 0.2825 0.3464 0.0087  -0.1031 0.0118  111 DG  B N7     
326 C  C5     . DG  B 1  ? 0.2070 0.3100 0.1914 -0.0149 -0.0292 0.0372  111 DG  B C5     
327 C  C6     . DG  B 1  ? 0.1988 0.2469 0.2892 0.0149  -0.0436 0.0104  111 DG  B C6     
328 O  O6     . DG  B 1  ? 0.1980 0.2711 0.2837 0.0257  -0.0083 0.0151  111 DG  B O6     
329 N  N1     . DG  B 1  ? 0.1791 0.2450 0.1928 0.0091  -0.0165 0.0278  111 DG  B N1     
330 C  C2     . DG  B 1  ? 0.2042 0.2301 0.1894 0.0022  -0.0213 0.0265  111 DG  B C2     
331 N  N2     . DG  B 1  ? 0.2252 0.1821 0.1913 0.0343  -0.0295 -0.0170 111 DG  B N2     
332 N  N3     . DG  B 1  ? 0.2145 0.2699 0.1806 -0.0319 -0.0064 0.0230  111 DG  B N3     
333 C  C4     . DG  B 1  ? 0.2088 0.3094 0.2185 -0.0312 -0.0249 0.0120  111 DG  B C4     
346 P  P      . DC  B 2  ? 0.3309 0.2885 0.2363 -0.0238 -0.0808 -0.0068 112 DC  B P      
347 O  OP1    . DC  B 2  ? 0.3888 0.3906 0.1962 -0.0421 -0.0895 0.0014  112 DC  B OP1    
348 O  OP2    . DC  B 2  ? 0.3523 0.3459 0.2790 0.0290  -0.0622 0.0753  112 DC  B OP2    
349 O  "O5'"  . DC  B 2  ? 0.3246 0.2688 0.2319 0.0163  -0.0804 -0.0473 112 DC  B "O5'"  
350 C  "C5'"  . DC  B 2  ? 0.2886 0.2561 0.2315 -0.0175 -0.0380 -0.0320 112 DC  B "C5'"  
351 C  "C4'"  . DC  B 2  ? 0.3114 0.2147 0.2426 0.0072  -0.0633 -0.0552 112 DC  B "C4'"  
352 O  "O4'"  . DC  B 2  ? 0.2973 0.1946 0.2449 -0.0033 -0.0763 -0.0367 112 DC  B "O4'"  
353 C  "C3'"  . DC  B 2  ? 0.2806 0.2258 0.2142 0.0189  -0.0155 -0.0803 112 DC  B "C3'"  
354 O  "O3'"  . DC  B 2  ? 0.2580 0.2642 0.2412 0.0544  -0.0015 -0.0677 112 DC  B "O3'"  
355 C  "C2'"  . DC  B 2  ? 0.3253 0.1772 0.2034 -0.0118 -0.0432 -0.0063 112 DC  B "C2'"  
356 C  "C1'"  . DC  B 2  ? 0.3276 0.1369 0.2176 -0.0146 -0.0423 -0.0134 112 DC  B "C1'"  
357 N  N1     . DC  B 2  ? 0.2947 0.1556 0.2171 -0.0188 -0.0673 -0.0036 112 DC  B N1     
358 C  C2     . DC  B 2  ? 0.2359 0.1699 0.2110 -0.0145 -0.0329 -0.0203 112 DC  B C2     
359 O  O2     . DC  B 2  ? 0.2311 0.1966 0.1638 0.0047  -0.0221 -0.0198 112 DC  B O2     
360 N  N3     . DC  B 2  ? 0.2193 0.2079 0.1690 -0.0112 -0.0303 -0.0014 112 DC  B N3     
361 C  C4     . DC  B 2  ? 0.2488 0.1801 0.1871 -0.0118 -0.0662 0.0234  112 DC  B C4     
362 N  N4     . DC  B 2  ? 0.2783 0.1653 0.2744 0.0191  -0.0658 0.0283  112 DC  B N4     
363 C  C5     . DC  B 2  ? 0.2589 0.2552 0.1700 -0.0302 -0.0436 -0.0101 112 DC  B C5     
364 C  C6     . DC  B 2  ? 0.2950 0.2122 0.2125 -0.0360 -0.0600 -0.0091 112 DC  B C6     
376 P  P      . DG  B 3  ? 0.2920 0.3295 0.2356 0.0075  -0.0099 -0.0353 113 DG  B P      
377 O  OP1    . DG  B 3  ? 0.4547 0.3586 0.2655 0.0400  0.0980  -0.0543 113 DG  B OP1    
378 O  OP2    . DG  B 3  ? 0.3138 0.5009 0.2468 -0.0413 -0.0823 0.1122  113 DG  B OP2    
379 O  "O5'"  . DG  B 3  ? 0.2437 0.2551 0.2027 0.0424  -0.0015 -0.0016 113 DG  B "O5'"  
380 C  "C5'"  . DG  B 3  ? 0.2365 0.2143 0.2467 0.0547  0.0075  -0.0459 113 DG  B "C5'"  
381 C  "C4'"  . DG  B 3  ? 0.2480 0.2030 0.2327 0.0517  0.0180  -0.0339 113 DG  B "C4'"  
382 O  "O4'"  . DG  B 3  ? 0.3262 0.2158 0.2214 0.0770  0.0498  -0.0035 113 DG  B "O4'"  
383 C  "C3'"  . DG  B 3  ? 0.2358 0.2045 0.1934 0.0575  0.0327  -0.0325 113 DG  B "C3'"  
384 O  "O3'"  . DG  B 3  ? 0.2175 0.2188 0.2168 0.0471  0.0309  -0.0501 113 DG  B "O3'"  
385 C  "C2'"  . DG  B 3  ? 0.2553 0.2180 0.1763 0.0744  0.0164  -0.0192 113 DG  B "C2'"  
386 C  "C1'"  . DG  B 3  ? 0.2577 0.2227 0.1644 0.0604  -0.0060 -0.0052 113 DG  B "C1'"  
387 N  N9     . DG  B 3  ? 0.2574 0.1643 0.2080 0.0343  -0.0190 -0.0050 113 DG  B N9     
388 C  C8     . DG  B 3  ? 0.2632 0.1443 0.2203 0.0181  -0.0202 0.0033  113 DG  B C8     
389 N  N7     . DG  B 3  ? 0.2660 0.1739 0.1726 0.0257  -0.0096 0.0101  113 DG  B N7     
390 C  C5     . DG  B 3  ? 0.2211 0.1688 0.1680 -0.0036 0.0205  0.0072  113 DG  B C5     
391 C  C6     . DG  B 3  ? 0.2329 0.1917 0.1335 0.0142  0.0023  0.0081  113 DG  B C6     
392 O  O6     . DG  B 3  ? 0.2263 0.1923 0.1762 0.0133  -0.0078 0.0070  113 DG  B O6     
393 N  N1     . DG  B 3  ? 0.2195 0.1742 0.1351 0.0288  -0.0009 0.0051  113 DG  B N1     
394 C  C2     . DG  B 3  ? 0.2066 0.2066 0.1338 0.0348  0.0172  -0.0063 113 DG  B C2     
395 N  N2     . DG  B 3  ? 0.1933 0.2113 0.1390 0.0326  0.0151  -0.0076 113 DG  B N2     
396 N  N3     . DG  B 3  ? 0.2158 0.2097 0.1700 0.0298  0.0115  -0.0262 113 DG  B N3     
397 C  C4     . DG  B 3  ? 0.2364 0.1495 0.1819 0.0141  0.0092  0.0123  113 DG  B C4     
409 P  P      . DT  B 4  ? 0.2090 0.2265 0.2314 0.0269  0.0311  -0.0302 114 DT  B P      
410 O  OP1    . DT  B 4  ? 0.2302 0.2776 0.2679 0.0278  0.0665  -0.0476 114 DT  B OP1    
411 O  OP2    . DT  B 4  ? 0.2308 0.2991 0.2295 -0.0082 0.0103  -0.0139 114 DT  B OP2    
412 O  "O5'"  . DT  B 4  ? 0.1828 0.2304 0.2369 0.0363  0.0180  -0.0294 114 DT  B "O5'"  
413 C  "C5'"  . DT  B 4  ? 0.1959 0.2637 0.2516 0.0427  0.0035  -0.0521 114 DT  B "C5'"  
414 C  "C4'"  . DT  B 4  ? 0.1909 0.2699 0.2137 0.0424  0.0205  -0.0344 114 DT  B "C4'"  
415 O  "O4'"  . DT  B 4  ? 0.1838 0.2357 0.2337 0.0252  0.0091  -0.0390 114 DT  B "O4'"  
416 C  "C3'"  . DT  B 4  ? 0.1693 0.2380 0.3153 0.0259  0.0670  -0.0055 114 DT  B "C3'"  
417 O  "O3'"  . DT  B 4  ? 0.1971 0.2334 0.4509 0.0321  0.1329  0.0071  114 DT  B "O3'"  
418 C  "C2'"  . DT  B 4  ? 0.1472 0.2233 0.3299 -0.0121 0.0654  -0.0251 114 DT  B "C2'"  
419 C  "C1'"  . DT  B 4  ? 0.1814 0.1839 0.2398 -0.0150 0.0337  -0.0635 114 DT  B "C1'"  
420 N  N1     . DT  B 4  ? 0.1713 0.1782 0.2217 -0.0046 0.0177  -0.0179 114 DT  B N1     
421 C  C2     . DT  B 4  ? 0.1828 0.1627 0.1924 0.0000  0.0285  -0.0050 114 DT  B C2     
422 O  O2     . DT  B 4  ? 0.1968 0.1989 0.2027 -0.0031 0.0187  -0.0235 114 DT  B O2     
423 N  N3     . DT  B 4  ? 0.1829 0.1851 0.1822 0.0069  0.0142  0.0213  114 DT  B N3     
424 C  C4     . DT  B 4  ? 0.1803 0.1799 0.1924 0.0240  -0.0168 0.0259  114 DT  B C4     
425 O  O4     . DT  B 4  ? 0.1743 0.2187 0.2166 0.0135  -0.0052 0.0258  114 DT  B O4     
426 C  C5     . DT  B 4  ? 0.1801 0.1824 0.2018 0.0053  -0.0023 -0.0016 114 DT  B C5     
427 C  C7     . DT  B 4  ? 0.2408 0.1970 0.2286 0.0114  -0.0391 -0.0237 114 DT  B C7     
428 C  C6     . DT  B 4  ? 0.1740 0.2023 0.1984 0.0116  0.0158  -0.0272 114 DT  B C6     
438 P  P      . DA  B 5  ? 0.3387 0.2779 0.4370 0.0375  0.1830  0.0471  115 DA  B P      
439 O  OP1    . DA  B 5  ? 0.3612 0.4126 0.6565 0.1052  0.2933  0.1745  115 DA  B OP1    
440 O  OP2    . DA  B 5  ? 0.5748 0.3316 0.2677 0.0207  0.1594  -0.0170 115 DA  B OP2    
441 O  "O5'"  . DA  B 5  ? 0.2389 0.2220 0.3504 0.0016  0.0842  0.0279  115 DA  B "O5'"  
442 C  "C5'"  . DA  B 5  ? 0.1798 0.2963 0.4321 -0.0293 0.0511  0.0155  115 DA  B "C5'"  
443 C  "C4'"  . DA  B 5  ? 0.1996 0.2626 0.2736 -0.0322 0.0023  0.0003  115 DA  B "C4'"  
444 O  "O4'"  . DA  B 5  ? 0.1844 0.2420 0.2694 -0.0153 0.0094  0.0046  115 DA  B "O4'"  
445 C  "C3'"  . DA  B 5  ? 0.1997 0.2938 0.2375 -0.0448 0.0004  0.0104  115 DA  B "C3'"  
446 O  "O3'"  . DA  B 5  ? 0.2332 0.2774 0.3208 -0.0368 0.0335  0.0259  115 DA  B "O3'"  
447 C  "C2'"  . DA  B 5  ? 0.2171 0.2070 0.2339 -0.0347 -0.0116 -0.0005 115 DA  B "C2'"  
448 C  "C1'"  . DA  B 5  ? 0.2033 0.1993 0.2255 -0.0093 0.0127  -0.0146 115 DA  B "C1'"  
449 N  N9     . DA  B 5  ? 0.1775 0.1961 0.1933 -0.0065 0.0088  0.0154  115 DA  B N9     
450 C  C8     . DA  B 5  ? 0.1702 0.2485 0.2180 -0.0304 0.0396  -0.0444 115 DA  B C8     
451 N  N7     . DA  B 5  ? 0.1660 0.1979 0.2353 -0.0003 0.0019  0.0045  115 DA  B N7     
452 C  C5     . DA  B 5  ? 0.1667 0.2294 0.1699 0.0051  -0.0044 0.0182  115 DA  B C5     
453 C  C6     . DA  B 5  ? 0.1737 0.2433 0.1438 0.0085  -0.0079 0.0140  115 DA  B C6     
454 N  N6     . DA  B 5  ? 0.1727 0.2374 0.1901 -0.0083 -0.0059 0.0037  115 DA  B N6     
455 N  N1     . DA  B 5  ? 0.1906 0.2355 0.1629 0.0106  0.0222  0.0194  115 DA  B N1     
456 C  C2     . DA  B 5  ? 0.1995 0.2594 0.1676 0.0183  0.0238  -0.0083 115 DA  B C2     
457 N  N3     . DA  B 5  ? 0.2048 0.2092 0.1974 0.0233  0.0055  0.0381  115 DA  B N3     
458 C  C4     . DA  B 5  ? 0.1794 0.2094 0.1748 0.0111  -0.0008 0.0239  115 DA  B C4     
470 P  P      . UMS B 6  ? 0.2528 0.2827 0.3013 -0.0309 0.0806  0.0130  116 UMS B P      
471 O  OP1    . UMS B 6  ? 0.2454 0.4426 0.3833 -0.0748 0.0719  0.0855  116 UMS B OP1    
472 O  OP2    . UMS B 6  ? 0.3969 0.3452 0.3071 -0.0106 0.1538  -0.0510 116 UMS B OP2    
473 O  "O5'"  . UMS B 6  ? 0.2478 0.2549 0.2705 -0.0325 0.0671  0.0217  116 UMS B "O5'"  
474 C  "C5'"  . UMS B 6  ? 0.2365 0.2073 0.3065 -0.0436 0.0237  0.0405  116 UMS B "C5'"  
475 C  "C4'"  . UMS B 6  ? 0.2223 0.2657 0.2586 -0.0350 0.0274  -0.0189 116 UMS B "C4'"  
476 O  "O4'"  . UMS B 6  ? 0.2036 0.2872 0.1948 -0.0332 -0.0099 -0.0183 116 UMS B "O4'"  
477 C  "C3'"  . UMS B 6  ? 0.2995 0.3559 0.2633 -0.0415 -0.0039 0.0588  116 UMS B "C3'"  
478 O  "O3'"  . UMS B 6  ? 0.3731 0.3256 0.3450 0.0115  0.0449  0.0746  116 UMS B "O3'"  
479 C  "C2'"  . UMS B 6  ? 0.2913 0.3322 0.2335 0.0030  -0.0328 0.0184  116 UMS B "C2'"  
480 SE "SE2'" . UMS B 6  ? 0.5062 0.3638 0.4656 0.0332  -0.0003 -0.0485 116 UMS B "SE2'" 
481 C  "C1'"  . UMS B 6  ? 0.2303 0.3279 0.2307 -0.0660 -0.0430 0.0064  116 UMS B "C1'"  
483 N  N1     . UMS B 6  ? 0.1968 0.3357 0.1660 -0.0634 -0.0184 0.0008  116 UMS B N1     
484 C  C2     . UMS B 6  ? 0.1849 0.2332 0.2274 -0.0126 -0.0280 0.0385  116 UMS B C2     
485 O  O2     . UMS B 6  ? 0.2125 0.2986 0.2523 0.0077  -0.0119 -0.0206 116 UMS B O2     
486 N  N3     . UMS B 6  ? 0.1968 0.2623 0.1633 -0.0395 0.0105  0.0062  116 UMS B N3     
487 C  C4     . UMS B 6  ? 0.1996 0.2203 0.1885 -0.0436 0.0051  0.0423  116 UMS B C4     
488 O  O4     . UMS B 6  ? 0.2312 0.2356 0.1966 -0.0466 -0.0096 0.0058  116 UMS B O4     
489 C  C5     . UMS B 6  ? 0.1992 0.2927 0.1887 -0.0738 0.0162  0.0571  116 UMS B C5     
490 C  C6     . UMS B 6  ? 0.1720 0.2775 0.2176 -0.0750 -0.0088 0.0796  116 UMS B C6     
503 P  P      . DA  B 7  ? 0.3844 0.5937 0.3325 0.0239  0.0787  0.1625  117 DA  B P      
504 O  OP1    . DA  B 7  ? 0.3340 0.8279 0.6491 -0.0977 0.1149  0.3989  117 DA  B OP1    
505 O  OP2    . DA  B 7  ? 0.6061 0.9214 0.2684 0.3429  0.1719  0.1885  117 DA  B OP2    
506 O  "O5'"  . DA  B 7  ? 0.4240 0.4072 0.3458 0.0121  0.0463  0.0073  117 DA  B "O5'"  
507 C  "C5'"  . DA  B 7  ? 0.4205 0.3986 0.4268 -0.1059 -0.1158 0.1015  117 DA  B "C5'"  
508 C  "C4'"  . DA  B 7  ? 0.4271 0.2766 0.2887 -0.0988 -0.0666 0.0640  117 DA  B "C4'"  
509 O  "O4'"  . DA  B 7  ? 0.5296 0.2153 0.2744 -0.1143 -0.0978 0.0338  117 DA  B "O4'"  
510 C  "C3'"  . DA  B 7  ? 0.4824 0.2642 0.2836 -0.1289 -0.0692 0.0742  117 DA  B "C3'"  
511 O  "O3'"  . DA  B 7  ? 0.4221 0.2048 0.3063 -0.1169 -0.1295 0.0645  117 DA  B "O3'"  
512 C  "C2'"  . DA  B 7  ? 0.4415 0.1993 0.2463 -0.0592 -0.0519 0.0213  117 DA  B "C2'"  
513 C  "C1'"  . DA  B 7  ? 0.4483 0.2060 0.2322 -0.0698 -0.0383 0.0112  117 DA  B "C1'"  
514 N  N9     . DA  B 7  ? 0.3486 0.2094 0.2241 -0.0753 -0.0523 0.0252  117 DA  B N9     
515 C  C8     . DA  B 7  ? 0.3242 0.2369 0.2310 -0.0984 -0.0527 0.0373  117 DA  B C8     
516 N  N7     . DA  B 7  ? 0.2725 0.2313 0.1819 -0.0869 -0.0361 0.0230  117 DA  B N7     
517 C  C5     . DA  B 7  ? 0.2656 0.2123 0.1693 -0.0637 -0.0301 0.0250  117 DA  B C5     
518 C  C6     . DA  B 7  ? 0.2237 0.2100 0.1407 -0.0488 -0.0062 0.0237  117 DA  B C6     
519 N  N6     . DA  B 7  ? 0.2049 0.2125 0.1438 -0.0409 -0.0262 0.0412  117 DA  B N6     
520 N  N1     . DA  B 7  ? 0.2196 0.2098 0.1621 -0.0319 -0.0025 -0.0017 117 DA  B N1     
521 C  C2     . DA  B 7  ? 0.2678 0.2042 0.2175 -0.0228 0.0259  0.0245  117 DA  B C2     
522 N  N3     . DA  B 7  ? 0.3009 0.2135 0.2115 -0.0359 0.0051  0.0036  117 DA  B N3     
523 C  C4     . DA  B 7  ? 0.3063 0.2073 0.2011 -0.0503 -0.0468 0.0285  117 DA  B C4     
535 P  P      . DC  B 8  ? 0.3245 0.3106 0.3061 -0.1159 -0.0661 0.1039  118 DC  B P      
536 O  OP1    . DC  B 8  ? 0.4332 0.3549 0.3790 -0.1913 -0.0745 0.1667  118 DC  B OP1    
537 O  OP2    . DC  B 8  ? 0.2655 0.5140 0.4021 -0.0760 -0.0354 0.1325  118 DC  B OP2    
538 O  "O5'"  . DC  B 8  ? 0.2567 0.2123 0.2188 -0.0428 0.0147  0.0240  118 DC  B "O5'"  
539 C  "C5'"  . DC  B 8  ? 0.3010 0.1763 0.2167 -0.0083 -0.0219 0.0145  118 DC  B "C5'"  
540 C  "C4'"  . DC  B 8  ? 0.2378 0.1883 0.2215 0.0077  0.0155  0.0218  118 DC  B "C4'"  
541 O  "O4'"  . DC  B 8  ? 0.2508 0.1602 0.2051 0.0066  -0.0040 -0.0032 118 DC  B "O4'"  
542 C  "C3'"  . DC  B 8  ? 0.2389 0.2098 0.2088 -0.0312 0.0055  0.0151  118 DC  B "C3'"  
543 O  "O3'"  . DC  B 8  ? 0.3184 0.2245 0.2314 -0.0443 0.0005  0.0517  118 DC  B "O3'"  
544 C  "C2'"  . DC  B 8  ? 0.2353 0.1954 0.1753 -0.0106 0.0085  0.0179  118 DC  B "C2'"  
545 C  "C1'"  . DC  B 8  ? 0.2243 0.1696 0.1883 0.0006  -0.0048 -0.0005 118 DC  B "C1'"  
546 N  N1     . DC  B 8  ? 0.1981 0.1645 0.1891 -0.0028 0.0156  0.0003  118 DC  B N1     
547 C  C2     . DC  B 8  ? 0.1933 0.1675 0.1515 -0.0139 -0.0115 0.0025  118 DC  B C2     
548 O  O2     . DC  B 8  ? 0.1949 0.1678 0.2041 -0.0110 -0.0317 0.0082  118 DC  B O2     
549 N  N3     . DC  B 8  ? 0.1871 0.1577 0.1623 -0.0135 0.0157  0.0141  118 DC  B N3     
550 C  C4     . DC  B 8  ? 0.1957 0.1567 0.1841 -0.0190 -0.0159 0.0349  118 DC  B C4     
551 N  N4     . DC  B 8  ? 0.1897 0.1707 0.2108 -0.0205 -0.0085 0.0242  118 DC  B N4     
552 C  C5     . DC  B 8  ? 0.1975 0.1703 0.2348 -0.0267 -0.0297 0.0528  118 DC  B C5     
553 C  C6     . DC  B 8  ? 0.2064 0.1546 0.2187 -0.0136 0.0280  0.0407  118 DC  B C6     
565 P  P      . DG  B 9  ? 0.4761 0.2524 0.2345 -0.0741 -0.0426 0.0390  119 DG  B P      
566 O  OP1    . DG  B 9  ? 0.6135 0.2998 0.3133 -0.1238 -0.1210 0.1462  119 DG  B OP1    
567 O  OP2    . DG  B 9  ? 0.5252 0.2999 0.2747 -0.0702 0.0656  -0.0713 119 DG  B OP2    
568 O  "O5'"  . DG  B 9  ? 0.4712 0.2008 0.2390 -0.0087 -0.0272 0.0312  119 DG  B "O5'"  
569 C  "C5'"  . DG  B 9  ? 0.4599 0.1675 0.3230 0.0099  0.0844  0.0601  119 DG  B "C5'"  
570 C  "C4'"  . DG  B 9  ? 0.1874 0.2076 0.1665 0.0035  -0.0286 0.0144  119 DG  B "C4'"  
571 O  "O4'"  . DG  B 9  ? 0.2285 0.1866 0.1703 0.0212  -0.0191 0.0092  119 DG  B "O4'"  
572 C  "C3'"  . DG  B 9  ? 0.2001 0.1987 0.1816 -0.0057 0.0011  0.0074  119 DG  B "C3'"  
573 O  "O3'"  . DG  B 9  ? 0.2281 0.1935 0.1921 0.0156  -0.0205 0.0026  119 DG  B "O3'"  
574 C  "C2'"  . DG  B 9  ? 0.1836 0.2101 0.1630 -0.0213 -0.0177 -0.0007 119 DG  B "C2'"  
575 C  "C1'"  . DG  B 9  ? 0.1888 0.1724 0.1914 -0.0101 -0.0317 0.0195  119 DG  B "C1'"  
576 N  N9     . DG  B 9  ? 0.1782 0.1656 0.1354 -0.0058 -0.0066 0.0063  119 DG  B N9     
577 C  C8     . DG  B 9  ? 0.1953 0.1600 0.1515 -0.0157 -0.0201 0.0047  119 DG  B C8     
578 N  N7     . DG  B 9  ? 0.1748 0.1872 0.1600 -0.0159 0.0072  0.0266  119 DG  B N7     
579 C  C5     . DG  B 9  ? 0.1537 0.1728 0.1677 -0.0037 0.0132  0.0036  119 DG  B C5     
580 C  C6     . DG  B 9  ? 0.1405 0.1913 0.1574 0.0033  0.0464  -0.0106 119 DG  B C6     
581 O  O6     . DG  B 9  ? 0.1536 0.1980 0.1824 0.0038  0.0026  0.0018  119 DG  B O6     
582 N  N1     . DG  B 9  ? 0.1487 0.1615 0.1402 0.0167  -0.0028 0.0083  119 DG  B N1     
583 C  C2     . DG  B 9  ? 0.1488 0.1555 0.1383 0.0073  0.0039  0.0334  119 DG  B C2     
584 N  N2     . DG  B 9  ? 0.1591 0.1633 0.1552 0.0089  -0.0390 0.0104  119 DG  B N2     
585 N  N3     . DG  B 9  ? 0.1404 0.1629 0.1613 0.0049  0.0047  0.0198  119 DG  B N3     
586 C  C4     . DG  B 9  ? 0.1842 0.1548 0.1306 -0.0076 -0.0050 0.0048  119 DG  B C4     
598 P  P      . DC  B 10 ? 0.2541 0.2267 0.1863 0.0450  -0.0166 0.0174  120 DC  B P      
599 O  OP1    . DC  B 10 ? 0.3244 0.2377 0.2274 0.0382  -0.1006 0.0295  120 DC  B OP1    
600 O  OP2    . DC  B 10 ? 0.2781 0.2220 0.2171 0.0237  0.0184  0.0181  120 DC  B OP2    
601 O  "O5'"  . DC  B 10 ? 0.2070 0.2170 0.1834 0.0439  0.0056  0.0103  120 DC  B "O5'"  
602 C  "C5'"  . DC  B 10 ? 0.1855 0.2595 0.1856 0.0343  0.0117  0.0296  120 DC  B "C5'"  
603 C  "C4'"  . DC  B 10 ? 0.1320 0.2398 0.1654 -0.0004 -0.0043 0.0060  120 DC  B "C4'"  
604 O  "O4'"  . DC  B 10 ? 0.1683 0.2073 0.1615 -0.0022 -0.0139 0.0008  120 DC  B "O4'"  
605 C  "C3'"  . DC  B 10 ? 0.1858 0.2087 0.1591 -0.0008 0.0020  0.0002  120 DC  B "C3'"  
606 O  "O3'"  . DC  B 10 ? 0.1697 0.3376 0.1636 0.0151  -0.0189 -0.0255 120 DC  B "O3'"  
607 C  "C2'"  . DC  B 10 ? 0.1525 0.2382 0.1611 -0.0002 -0.0252 -0.0152 120 DC  B "C2'"  
608 C  "C1'"  . DC  B 10 ? 0.1441 0.2103 0.1674 -0.0100 -0.0104 -0.0048 120 DC  B "C1'"  
609 N  N1     . DC  B 10 ? 0.1619 0.1714 0.1574 -0.0036 -0.0086 -0.0053 120 DC  B N1     
610 C  C2     . DC  B 10 ? 0.1618 0.1925 0.1109 -0.0007 -0.0121 0.0053  120 DC  B C2     
611 O  O2     . DC  B 10 ? 0.1557 0.1837 0.1692 0.0095  -0.0105 -0.0134 120 DC  B O2     
612 N  N3     . DC  B 10 ? 0.1864 0.2032 0.1553 -0.0198 -0.0234 0.0011  120 DC  B N3     
613 C  C4     . DC  B 10 ? 0.1710 0.1972 0.1471 -0.0209 0.0073  0.0200  120 DC  B C4     
614 N  N4     . DC  B 10 ? 0.1668 0.2109 0.2185 -0.0188 0.0061  0.0027  120 DC  B N4     
615 C  C5     . DC  B 10 ? 0.1693 0.1873 0.1474 -0.0282 0.0125  0.0084  120 DC  B C5     
616 C  C6     . DC  B 10 ? 0.1670 0.1765 0.1493 -0.0052 -0.0056 0.0049  120 DC  B C6     
629 O  O      . HOH C .  ? 0.2676 0.1848 0.2473 -0.0138 -0.0223 0.0019  702 HOH A O      
630 O  O      . HOH C .  ? 0.3300 0.2797 0.2312 -0.0105 -0.0162 -0.0267 703 HOH A O      
631 O  O      . HOH C .  ? 0.2786 0.4310 0.2892 -0.0601 -0.0175 0.1011  704 HOH A O      
632 O  O      . HOH C .  ? 0.2870 0.2270 0.2364 0.0105  -0.1061 -0.0353 705 HOH A O      
633 O  O      . HOH C .  ? 0.2811 0.2994 0.2907 0.0599  -0.0434 -0.0401 706 HOH A O      
634 O  O      . HOH C .  ? 0.2785 0.2909 0.4051 0.0245  -0.1003 0.0522  707 HOH A O      
701 O  O      . HOH D .  ? 0.2245 0.2146 0.2115 0.0264  -0.0042 -0.0180 701 HOH B O      
702 O  O      . HOH D .  ? 0.2068 0.2893 0.2478 -0.0290 -0.0092 0.0449  708 HOH B O      
# 
